data_8G4N
#
_entry.id   8G4N
#
_cell.length_a   1.00
_cell.length_b   1.00
_cell.length_c   1.00
_cell.angle_alpha   90.00
_cell.angle_beta   90.00
_cell.angle_gamma   90.00
#
_symmetry.space_group_name_H-M   'P 1'
#
loop_
_entity.id
_entity.type
_entity.pdbx_description
1 polymer 'Gamma-aminobutyric acid receptor subunit alpha-1'
2 polymer 'Gamma-aminobutyric acid receptor subunit beta-2'
3 polymer 'Gamma-aminobutyric acid receptor subunit gamma-2'
4 polymer 'Heavy Chain of 8E3 Fab'
5 polymer 'Light Chain of 8E3 Fab'
6 branched beta-D-mannopyranose-(1-4)-2-acetamido-2-deoxy-beta-D-glucopyranose-(1-4)-2-acetamido-2-deoxy-beta-D-glucopyranose
7 branched alpha-D-mannopyranose-(1-3)-[alpha-D-mannopyranose-(1-6)]beta-D-mannopyranose-(1-4)-2-acetamido-2-deoxy-beta-D-glucopyranose-(1-4)-2-acetamido-2-deoxy-beta-D-glucopyranose
8 branched alpha-D-mannopyranose-(1-2)-alpha-D-mannopyranose-(1-3)-[alpha-D-mannopyranose-(1-3)-alpha-D-mannopyranose-(1-6)]beta-D-mannopyranose-(1-4)-2-acetamido-2-deoxy-beta-D-glucopyranose-(1-4)-2-acetamido-2-deoxy-beta-D-glucopyranose
9 non-polymer allopregnanolone
10 non-polymer '[(2R)-2-octanoyloxy-3-[oxidanyl-[(1R,2R,3S,4R,5R,6S)-2,3,6-tris(oxidanyl)-4,5-diphosphonooxy-cyclohexyl]oxy-phosphoryl]oxy-propyl] octanoate'
11 non-polymer DODECANE
12 non-polymer N-OCTANE
13 non-polymer '(2S)-3-(hexadecanoyloxy)-2-[(9Z)-octadec-9-enoyloxy]propyl 2-(trimethylammonio)ethyl phosphate'
14 non-polymer 'GAMMA-AMINO-BUTANOIC ACID'
15 non-polymer Zolpidem
16 non-polymer 2-acetamido-2-deoxy-beta-D-glucopyranose
#
loop_
_entity_poly.entity_id
_entity_poly.type
_entity_poly.pdbx_seq_one_letter_code
_entity_poly.pdbx_strand_id
1 'polypeptide(L)'
;MKKSRGLSDYLWAWTLILSTLSGRSYGQPSQDELKDNTTVFTRILDRLLDGYDNRLRPGLGERVTEVKTDIFVTSFGPVS
DHDMEYTIDVFFRQSWKDERLKFKGPMTVLRLNNLMASKIWTPDTFFHNGKKSVAHNMTMPNKLLRITEDGTLLYTMRLT
VRAECPMHLEDFPMDAHACPLKFGSYAYTRAEVVYEWTREPARSVVVAEDGSRLNQYDLLGQTVDSGIVQSSTGEYVVMT
THFHLKRKIGYFVIQTYLPCIMTVILSQVSFWLNRESVPARTVFGVTTVLTMTTLSISARNSLPKVAYATAMDWFIAVCY
AFVFSALIEFATVNYFTKRGYAWDGKSVVPEKPKKVKDPLIKKNNTYAPTATSYTPNLARGDPGLATIAKSATIEPKEVK
PETKPPEPKKTFNSVSKIDRLSRIAFPLLFGIFNLVYWATYLNREPQLKAPTPHQ
;
A,C
2 'polypeptide(L)'
;MWRVRKRGYFGIWSFPLIIAAVCAQSVNDPSNMSLVKETVDRLLKGYDIRLRPDFGGPPVAVGMNIDIASIDMVSEVNMD
YTLTMYFQQAWRDKRLSYNVIPLNLTLDNRVADQLWVPDTYFLNDKKSFVHGVTVKNRMIRLHPDGTVLYGLRITTTAAC
MMDLRRYPLDEQNCTLEIESYGYTTDDIEFYWRGDDNAVTGVTKIELPQFSIVDYKLITKKVVFSTGSYPRLSLSFKLKR
NIGYFILQTYMPSILITILSWVSFWINYDASAARVALGITTVLTMTTINTHLRETLPKIPYVKAIDMYLMGCFVFVFMAL
LEYALVNYIFFGRGPQRQKKAAEKAANANNEKMRLDVNKMFYKDIKQNGTQYRSLWDPTGDLSPTRRTTNYDFSLYTMDP
HENILLSTLEIKNEMATSEAVMGLGDPRSTMLAYDASSIQYRKAGLPRHSFGRNALERHVAQKKSRLRRRASQLKITIPD
LTDVNAIDRWSRIFFPVVFSFFNIVYWLYYVN
;
B,E
3 'polypeptide(L)'
;MSSPNTWSIGSSVYSPVFSQKMTLWILLLLSLYPGFTSQKSDDDYEDYASNKTWVLTPKVPEGDVTVILNNLLEGYDNKL
RPDIGVKPTLIHTDMYVNSIGPVNAINMEYTIDIFFAQTWYDRRLKFNSTIKVLRLNSNMVGKIWIPDTFFRNSKKADAH
WITTPNRMLRIWNDGRVLYTLRLTIDAECQLQLHNFPMDEHSCPLEFSSYGYPREEIVYQWKRSSVEVGDTRSWRLYQFS
FVGLRNTTEVVKTTSGDYVVMSVYFDLSRRMGYFTIQTYIPCTLIVVLSWVSFWINKDAVPARTSLGITTVLTMTTLSTI
ARKSLPKVSYVTAMDLFVSVCFIFVFSALVEYGTLHYFVSNRKPSKDKDKKKKNPLLRMFSFKAPTIDIRPRSATIQMNN
ATHLQERDEEYGYECLDGKDCASFFCCFEDCRTGAWRHGRIHIRIAKMDSYARIFFPTAFCLFNLVYWVSYLYL
;
D
4 'polypeptide(L)'
;EIQLQQSGPELVKPGTSVKVSCKASGYSFTDYNMYWVKQSHGKSLEWIGYIDPYNADTTYNREFKGKATLTVDKSSSTAF
MHLNSLTSEDSAVYYCARKRNNFYFDYWGQGTPLTVSSAKTTPPSVYPLAPGCGDTTGSSVTLGCLVKGYFPESVTVTWN
SGSLSSSVHTFPALLQSGLYTMSSSVTVPSSTWPSQTVTCSVAHPASSTTVDKKSAALEVLFQ
;
H,J
5 'polypeptide(L)'
;YIVMTQSPKSMSMSLGERVTLSCRASEYVGSYVSWYQQKPEQSPKLLIYGASNRYTGVPDRFAGSGSATDFTLTITSVQA
EDLADYHCGQTYNYPTFGGGTKLEIKRADAAPTVSIFPPSSEQLTSGGASVVCFLNNFYPKDINVKWKIDGSERQNGVLN
SWTDQDSKDSTYSMSSTLTLTKDEYERHNSYTCEATHKTSTSPIVKSFNRNEC
;
K,L
#
loop_
_chem_comp.id
_chem_comp.type
_chem_comp.name
_chem_comp.formula
ABU non-polymer 'GAMMA-AMINO-BUTANOIC ACID' 'C4 H9 N O2'
BMA D-saccharide, beta linking beta-D-mannopyranose 'C6 H12 O6'
D12 non-polymer DODECANE 'C12 H26'
MAN D-saccharide, alpha linking alpha-D-mannopyranose 'C6 H12 O6'
NAG D-saccharide, beta linking 2-acetamido-2-deoxy-beta-D-glucopyranose 'C8 H15 N O6'
OCT non-polymer N-OCTANE 'C8 H18'
PIO non-polymer '[(2R)-2-octanoyloxy-3-[oxidanyl-[(1R,2R,3S,4R,5R,6S)-2,3,6-tris(oxidanyl)-4,5-diphosphonooxy-cyclohexyl]oxy-phosphoryl]oxy-propyl] octanoate' 'C25 H49 O19 P3'
POV non-polymer '(2S)-3-(hexadecanoyloxy)-2-[(9Z)-octadec-9-enoyloxy]propyl 2-(trimethylammonio)ethyl phosphate' 'C42 H82 N O8 P'
R5R non-polymer Zolpidem 'C19 H21 N3 O'
Y4B non-polymer allopregnanolone 'C21 H34 O2'
#
# COMPACT_ATOMS: atom_id res chain seq x y z
N ASP A 36 -1.61 -17.06 48.21
CA ASP A 36 -2.80 -17.64 48.81
C ASP A 36 -4.01 -16.73 48.60
N ASN A 37 -3.77 -15.41 48.69
CA ASN A 37 -4.86 -14.45 48.51
C ASN A 37 -5.42 -14.52 47.09
N THR A 38 -4.55 -14.65 46.09
CA THR A 38 -5.00 -14.75 44.71
C THR A 38 -5.38 -16.17 44.32
N THR A 39 -5.08 -17.17 45.15
CA THR A 39 -5.41 -18.54 44.79
C THR A 39 -6.90 -18.76 44.69
N VAL A 40 -7.70 -18.01 45.45
CA VAL A 40 -9.15 -18.20 45.40
C VAL A 40 -9.70 -17.80 44.03
N PHE A 41 -9.26 -16.65 43.51
CA PHE A 41 -9.74 -16.24 42.19
C PHE A 41 -9.16 -17.12 41.10
N THR A 42 -7.96 -17.66 41.29
CA THR A 42 -7.42 -18.64 40.36
C THR A 42 -8.29 -19.89 40.31
N ARG A 43 -8.72 -20.37 41.47
CA ARG A 43 -9.61 -21.52 41.50
C ARG A 43 -10.97 -21.18 40.90
N ILE A 44 -11.44 -19.96 41.09
CA ILE A 44 -12.71 -19.55 40.49
C ILE A 44 -12.62 -19.59 38.97
N LEU A 45 -11.54 -19.02 38.42
CA LEU A 45 -11.36 -19.02 36.97
C LEU A 45 -11.17 -20.43 36.44
N ASP A 46 -10.41 -21.27 37.15
CA ASP A 46 -10.22 -22.65 36.70
C ASP A 46 -11.53 -23.42 36.70
N ARG A 47 -12.37 -23.20 37.71
CA ARG A 47 -13.68 -23.83 37.73
C ARG A 47 -14.55 -23.31 36.60
N LEU A 48 -14.45 -22.02 36.30
CA LEU A 48 -15.22 -21.46 35.19
C LEU A 48 -14.84 -22.10 33.87
N LEU A 49 -13.54 -22.14 33.56
CA LEU A 49 -13.09 -22.67 32.28
C LEU A 49 -13.11 -24.19 32.21
N ASP A 50 -13.28 -24.87 33.34
CA ASP A 50 -13.33 -26.33 33.31
C ASP A 50 -14.58 -26.80 32.60
N GLY A 51 -14.41 -27.73 31.66
CA GLY A 51 -15.53 -28.25 30.90
C GLY A 51 -16.24 -27.20 30.07
N TYR A 52 -15.50 -26.24 29.53
CA TYR A 52 -16.05 -25.14 28.77
C TYR A 52 -15.72 -25.32 27.29
N ASP A 53 -16.73 -25.28 26.44
CA ASP A 53 -16.56 -25.41 25.00
C ASP A 53 -16.78 -24.03 24.40
N ASN A 54 -15.70 -23.35 24.07
CA ASN A 54 -15.77 -22.01 23.50
C ASN A 54 -16.20 -22.02 22.04
N ARG A 55 -16.36 -23.19 21.43
CA ARG A 55 -16.86 -23.29 20.07
C ARG A 55 -18.38 -23.20 19.98
N LEU A 56 -19.08 -23.26 21.12
CA LEU A 56 -20.54 -23.25 21.15
C LEU A 56 -21.03 -21.97 21.78
N ARG A 57 -21.92 -21.27 21.08
CA ARG A 57 -22.48 -20.03 21.60
C ARG A 57 -23.41 -20.31 22.77
N PRO A 58 -23.65 -19.31 23.63
CA PRO A 58 -24.58 -19.51 24.74
C PRO A 58 -25.98 -19.87 24.24
N GLY A 59 -26.62 -20.79 24.94
CA GLY A 59 -27.95 -21.23 24.56
C GLY A 59 -28.03 -21.83 23.17
N LEU A 60 -27.00 -22.57 22.76
CA LEU A 60 -27.00 -23.19 21.45
C LEU A 60 -28.10 -24.24 21.37
N GLY A 61 -29.02 -24.07 20.42
CA GLY A 61 -30.15 -24.97 20.29
C GLY A 61 -31.26 -24.75 21.28
N GLU A 62 -31.17 -23.73 22.12
CA GLU A 62 -32.19 -23.45 23.13
C GLU A 62 -32.70 -22.02 23.06
N ARG A 63 -31.84 -21.05 22.76
CA ARG A 63 -32.21 -19.65 22.84
C ARG A 63 -31.36 -18.86 21.86
N VAL A 64 -31.90 -17.73 21.40
CA VAL A 64 -31.15 -16.80 20.59
C VAL A 64 -30.24 -15.98 21.49
N THR A 65 -28.98 -15.84 21.09
CA THR A 65 -27.99 -15.13 21.91
C THR A 65 -28.23 -13.63 21.80
N GLU A 66 -28.82 -13.05 22.83
CA GLU A 66 -29.09 -11.62 22.86
C GLU A 66 -27.79 -10.87 23.14
N VAL A 67 -27.32 -10.10 22.17
CA VAL A 67 -26.10 -9.31 22.30
C VAL A 67 -26.50 -7.84 22.36
N LYS A 68 -26.27 -7.21 23.51
CA LYS A 68 -26.52 -5.78 23.64
C LYS A 68 -25.23 -5.02 23.37
N THR A 69 -25.24 -4.17 22.36
CA THR A 69 -24.02 -3.51 21.91
C THR A 69 -24.18 -2.01 21.90
N ASP A 70 -23.09 -1.31 22.17
CA ASP A 70 -23.05 0.14 22.08
C ASP A 70 -21.67 0.55 21.62
N ILE A 71 -21.59 1.79 21.13
CA ILE A 71 -20.37 2.32 20.55
C ILE A 71 -20.06 3.66 21.21
N PHE A 72 -18.80 3.84 21.56
CA PHE A 72 -18.28 5.11 22.07
C PHE A 72 -17.17 5.56 21.12
N VAL A 73 -17.46 6.56 20.29
CA VAL A 73 -16.53 7.06 19.29
C VAL A 73 -15.52 7.95 20.00
N THR A 74 -14.32 7.44 20.23
CA THR A 74 -13.28 8.26 20.84
C THR A 74 -12.81 9.36 19.90
N SER A 75 -12.86 9.10 18.59
CA SER A 75 -12.51 10.11 17.61
C SER A 75 -13.04 9.71 16.23
N PHE A 76 -13.82 10.57 15.61
CA PHE A 76 -14.31 10.31 14.26
C PHE A 76 -13.24 10.72 13.27
N GLY A 77 -12.54 9.73 12.71
CA GLY A 77 -11.37 9.98 11.90
C GLY A 77 -11.66 10.74 10.64
N PRO A 78 -10.60 11.05 9.88
CA PRO A 78 -10.78 11.82 8.65
C PRO A 78 -11.57 11.05 7.61
N VAL A 79 -12.29 11.79 6.78
CA VAL A 79 -13.08 11.21 5.71
C VAL A 79 -12.26 11.26 4.43
N SER A 80 -12.00 10.08 3.85
CA SER A 80 -11.24 9.97 2.61
C SER A 80 -12.22 9.87 1.45
N ASP A 81 -12.70 11.03 1.01
CA ASP A 81 -13.66 11.08 -0.09
C ASP A 81 -13.08 10.53 -1.38
N HIS A 82 -11.75 10.56 -1.54
CA HIS A 82 -11.14 10.01 -2.75
C HIS A 82 -11.41 8.51 -2.85
N ASP A 83 -11.32 7.79 -1.72
CA ASP A 83 -11.59 6.37 -1.69
C ASP A 83 -13.02 6.05 -1.27
N MET A 84 -13.85 7.06 -1.03
CA MET A 84 -15.22 6.90 -0.56
C MET A 84 -15.27 6.02 0.70
N GLU A 85 -14.48 6.45 1.69
CA GLU A 85 -14.35 5.71 2.93
C GLU A 85 -14.04 6.69 4.06
N TYR A 86 -14.27 6.25 5.30
CA TYR A 86 -14.00 7.07 6.46
C TYR A 86 -13.44 6.21 7.58
N THR A 87 -12.65 6.84 8.44
CA THR A 87 -12.03 6.18 9.58
C THR A 87 -12.79 6.56 10.85
N ILE A 88 -12.87 5.61 11.79
CA ILE A 88 -13.54 5.87 13.06
C ILE A 88 -12.89 5.03 14.14
N ASP A 89 -12.60 5.64 15.29
CA ASP A 89 -12.00 4.96 16.43
C ASP A 89 -13.07 4.79 17.51
N VAL A 90 -13.28 3.56 17.95
CA VAL A 90 -14.43 3.24 18.78
C VAL A 90 -14.02 2.30 19.92
N PHE A 91 -14.71 2.47 21.05
CA PHE A 91 -14.77 1.46 22.11
C PHE A 91 -16.02 0.63 21.85
N PHE A 92 -15.88 -0.39 21.01
CA PHE A 92 -17.01 -1.21 20.57
C PHE A 92 -17.40 -2.15 21.70
N ARG A 93 -18.34 -1.72 22.54
CA ARG A 93 -18.77 -2.52 23.68
C ARG A 93 -19.88 -3.47 23.26
N GLN A 94 -19.81 -4.71 23.75
CA GLN A 94 -20.88 -5.66 23.51
C GLN A 94 -20.96 -6.60 24.71
N SER A 95 -22.19 -6.82 25.19
CA SER A 95 -22.46 -7.56 26.40
C SER A 95 -23.48 -8.65 26.10
N TRP A 96 -23.34 -9.77 26.81
CA TRP A 96 -24.27 -10.87 26.57
C TRP A 96 -24.30 -11.80 27.77
N LYS A 97 -25.45 -12.41 28.01
CA LYS A 97 -25.55 -13.38 29.08
C LYS A 97 -24.91 -14.70 28.69
N ASP A 98 -24.23 -15.34 29.63
CA ASP A 98 -23.61 -16.64 29.42
C ASP A 98 -23.74 -17.43 30.72
N GLU A 99 -24.65 -18.41 30.72
CA GLU A 99 -24.95 -19.15 31.94
C GLU A 99 -23.77 -19.99 32.42
N ARG A 100 -22.86 -20.37 31.52
CA ARG A 100 -21.72 -21.20 31.92
C ARG A 100 -20.73 -20.44 32.78
N LEU A 101 -20.80 -19.10 32.81
CA LEU A 101 -19.83 -18.27 33.52
C LEU A 101 -20.41 -17.68 34.80
N LYS A 102 -21.24 -18.44 35.50
CA LYS A 102 -21.74 -18.03 36.80
C LYS A 102 -20.76 -18.44 37.89
N PHE A 103 -20.59 -17.58 38.89
CA PHE A 103 -19.66 -17.85 39.97
C PHE A 103 -20.13 -17.13 41.23
N LYS A 104 -19.60 -17.59 42.37
CA LYS A 104 -19.83 -16.95 43.66
C LYS A 104 -18.49 -16.78 44.35
N GLY A 105 -18.25 -15.58 44.88
CA GLY A 105 -17.00 -15.29 45.53
C GLY A 105 -17.00 -13.94 46.22
N PRO A 106 -15.84 -13.52 46.72
CA PRO A 106 -15.76 -12.21 47.39
C PRO A 106 -16.11 -11.04 46.49
N MET A 107 -15.81 -11.13 45.21
CA MET A 107 -16.10 -10.05 44.27
C MET A 107 -17.29 -10.42 43.40
N THR A 108 -18.17 -9.45 43.16
CA THR A 108 -19.31 -9.66 42.29
C THR A 108 -18.97 -9.48 40.82
N VAL A 109 -17.82 -8.90 40.49
CA VAL A 109 -17.39 -8.70 39.12
C VAL A 109 -15.94 -9.13 38.99
N LEU A 110 -15.67 -9.99 38.01
CA LEU A 110 -14.30 -10.41 37.68
C LEU A 110 -13.83 -9.53 36.52
N ARG A 111 -12.98 -8.57 36.83
CA ARG A 111 -12.41 -7.65 35.85
C ARG A 111 -11.09 -8.23 35.37
N LEU A 112 -11.06 -8.73 34.13
CA LEU A 112 -9.93 -9.49 33.62
C LEU A 112 -9.35 -8.81 32.39
N ASN A 113 -8.42 -9.50 31.73
CA ASN A 113 -7.74 -9.01 30.54
C ASN A 113 -8.13 -9.86 29.32
N ASN A 114 -7.46 -9.59 28.19
CA ASN A 114 -7.82 -10.23 26.93
C ASN A 114 -7.60 -11.74 26.94
N LEU A 115 -6.72 -12.24 27.82
CA LEU A 115 -6.44 -13.66 27.84
C LEU A 115 -7.70 -14.47 28.14
N MET A 116 -8.49 -14.03 29.12
CA MET A 116 -9.76 -14.70 29.39
C MET A 116 -10.78 -14.45 28.28
N ALA A 117 -10.66 -13.34 27.56
CA ALA A 117 -11.53 -13.11 26.41
C ALA A 117 -11.28 -14.14 25.32
N SER A 118 -10.01 -14.52 25.13
CA SER A 118 -9.69 -15.56 24.16
C SER A 118 -10.18 -16.93 24.60
N LYS A 119 -10.27 -17.17 25.90
CA LYS A 119 -10.61 -18.49 26.40
C LYS A 119 -12.11 -18.80 26.30
N ILE A 120 -12.95 -17.77 26.24
CA ILE A 120 -14.40 -17.97 26.28
C ILE A 120 -14.98 -17.65 24.91
N TRP A 121 -16.26 -17.96 24.75
CA TRP A 121 -16.96 -17.64 23.51
C TRP A 121 -17.25 -16.15 23.44
N THR A 122 -16.94 -15.55 22.30
CA THR A 122 -17.27 -14.15 22.03
C THR A 122 -17.93 -14.08 20.67
N PRO A 123 -18.85 -13.13 20.47
CA PRO A 123 -19.55 -13.04 19.19
C PRO A 123 -18.59 -12.72 18.06
N ASP A 124 -18.87 -13.28 16.89
CA ASP A 124 -18.06 -13.05 15.70
C ASP A 124 -18.53 -11.83 14.93
N THR A 125 -18.66 -10.71 15.64
CA THR A 125 -19.15 -9.49 15.02
C THR A 125 -18.18 -9.01 13.95
N PHE A 126 -18.73 -8.50 12.86
CA PHE A 126 -17.92 -7.94 11.79
C PHE A 126 -18.70 -6.79 11.18
N PHE A 127 -17.98 -5.87 10.55
CA PHE A 127 -18.57 -4.68 9.96
C PHE A 127 -18.81 -4.93 8.48
N HIS A 128 -20.07 -4.79 8.06
CA HIS A 128 -20.45 -5.16 6.70
C HIS A 128 -19.71 -4.29 5.68
N ASN A 129 -19.58 -3.00 5.95
CA ASN A 129 -18.93 -2.08 5.04
C ASN A 129 -17.50 -1.77 5.44
N GLY A 130 -16.93 -2.50 6.40
CA GLY A 130 -15.56 -2.27 6.79
C GLY A 130 -14.60 -2.71 5.70
N LYS A 131 -13.58 -1.88 5.46
CA LYS A 131 -12.60 -2.17 4.41
C LYS A 131 -11.37 -2.87 4.97
N LYS A 132 -10.68 -2.23 5.91
CA LYS A 132 -9.57 -2.87 6.60
C LYS A 132 -9.41 -2.17 7.95
N SER A 133 -9.93 -2.80 9.00
CA SER A 133 -9.90 -2.21 10.33
C SER A 133 -8.70 -2.73 11.12
N VAL A 134 -8.45 -2.08 12.25
CA VAL A 134 -7.32 -2.42 13.11
C VAL A 134 -7.84 -2.64 14.52
N ALA A 135 -7.51 -3.78 15.11
CA ALA A 135 -7.76 -4.05 16.51
C ALA A 135 -6.45 -3.76 17.25
N HIS A 136 -6.36 -2.56 17.82
CA HIS A 136 -5.13 -2.11 18.44
C HIS A 136 -4.74 -3.04 19.59
N ASN A 137 -3.48 -3.43 19.62
CA ASN A 137 -3.01 -4.38 20.64
C ASN A 137 -1.65 -3.97 21.18
N MET A 138 -1.44 -2.69 21.42
CA MET A 138 -0.21 -2.20 22.05
C MET A 138 -0.58 -1.25 23.18
N THR A 139 0.04 -1.43 24.34
CA THR A 139 1.08 -2.39 24.72
C THR A 139 0.56 -3.82 24.74
N MET A 140 -0.68 -3.99 25.13
CA MET A 140 -1.37 -5.27 25.18
C MET A 140 -2.63 -5.18 24.34
N PRO A 141 -3.23 -6.33 23.99
CA PRO A 141 -4.51 -6.29 23.27
C PRO A 141 -5.52 -5.40 23.96
N ASN A 142 -5.92 -4.31 23.29
CA ASN A 142 -6.79 -3.30 23.89
C ASN A 142 -8.21 -3.86 23.94
N LYS A 143 -8.42 -4.76 24.89
CA LYS A 143 -9.71 -5.38 25.12
C LYS A 143 -9.91 -5.53 26.62
N LEU A 144 -11.15 -5.33 27.07
CA LEU A 144 -11.48 -5.57 28.47
C LEU A 144 -12.64 -6.55 28.53
N LEU A 145 -12.56 -7.47 29.49
CA LEU A 145 -13.51 -8.55 29.67
C LEU A 145 -13.91 -8.60 31.13
N ARG A 146 -15.19 -8.36 31.41
CA ARG A 146 -15.70 -8.33 32.78
C ARG A 146 -16.84 -9.33 32.90
N ILE A 147 -16.71 -10.25 33.84
CA ILE A 147 -17.69 -11.30 34.07
C ILE A 147 -18.44 -10.97 35.36
N THR A 148 -19.72 -10.62 35.25
CA THR A 148 -20.54 -10.42 36.44
C THR A 148 -20.97 -11.77 37.00
N GLU A 149 -21.25 -11.79 38.30
CA GLU A 149 -21.52 -13.05 38.99
C GLU A 149 -22.74 -13.77 38.44
N ASP A 150 -23.67 -13.03 37.81
CA ASP A 150 -24.85 -13.65 37.25
C ASP A 150 -24.59 -14.32 35.91
N GLY A 151 -23.39 -14.19 35.36
CA GLY A 151 -23.06 -14.74 34.06
C GLY A 151 -23.00 -13.72 32.95
N THR A 152 -23.42 -12.48 33.20
CA THR A 152 -23.32 -11.44 32.19
C THR A 152 -21.86 -11.18 31.84
N LEU A 153 -21.60 -10.92 30.57
CA LEU A 153 -20.27 -10.61 30.08
C LEU A 153 -20.28 -9.24 29.43
N LEU A 154 -19.27 -8.44 29.74
CA LEU A 154 -19.03 -7.16 29.08
C LEU A 154 -17.67 -7.24 28.44
N TYR A 155 -17.62 -7.11 27.11
CA TYR A 155 -16.42 -7.36 26.34
C TYR A 155 -16.22 -6.19 25.37
N THR A 156 -15.46 -5.19 25.80
CA THR A 156 -15.19 -4.03 24.96
C THR A 156 -13.80 -4.14 24.34
N MET A 157 -13.59 -3.36 23.29
CA MET A 157 -12.35 -3.44 22.53
C MET A 157 -12.18 -2.18 21.71
N ARG A 158 -10.94 -1.67 21.67
CA ARG A 158 -10.62 -0.47 20.92
C ARG A 158 -10.37 -0.84 19.47
N LEU A 159 -11.12 -0.22 18.55
CA LEU A 159 -11.04 -0.53 17.14
C LEU A 159 -10.85 0.76 16.34
N THR A 160 -10.23 0.60 15.17
CA THR A 160 -10.11 1.66 14.16
C THR A 160 -10.72 1.10 12.89
N VAL A 161 -12.02 1.31 12.72
CA VAL A 161 -12.74 0.79 11.57
C VAL A 161 -12.61 1.78 10.42
N ARG A 162 -12.13 1.30 9.28
CA ARG A 162 -12.09 2.08 8.05
C ARG A 162 -13.20 1.54 7.17
N ALA A 163 -14.34 2.23 7.18
CA ALA A 163 -15.57 1.75 6.59
C ALA A 163 -15.86 2.44 5.27
N GLU A 164 -16.57 1.74 4.40
CA GLU A 164 -16.93 2.27 3.09
C GLU A 164 -18.15 3.17 3.19
N CYS A 165 -18.05 4.37 2.62
CA CYS A 165 -19.14 5.34 2.62
C CYS A 165 -19.37 5.82 1.19
N PRO A 166 -20.29 5.17 0.47
CA PRO A 166 -20.57 5.61 -0.91
C PRO A 166 -21.16 7.01 -0.92
N MET A 167 -20.52 7.89 -1.68
CA MET A 167 -20.88 9.30 -1.75
C MET A 167 -21.43 9.63 -3.12
N HIS A 168 -22.57 10.33 -3.16
CA HIS A 168 -23.13 10.84 -4.41
C HIS A 168 -22.75 12.31 -4.47
N LEU A 169 -21.62 12.58 -5.12
CA LEU A 169 -21.03 13.92 -5.14
C LEU A 169 -21.63 14.79 -6.24
N GLU A 170 -22.96 14.86 -6.28
CA GLU A 170 -23.61 15.72 -7.27
C GLU A 170 -23.57 17.19 -6.86
N ASP A 171 -23.67 17.48 -5.57
CA ASP A 171 -23.66 18.84 -5.06
C ASP A 171 -22.31 19.24 -4.49
N PHE A 172 -21.26 18.49 -4.78
CA PHE A 172 -19.94 18.78 -4.26
C PHE A 172 -19.51 20.18 -4.70
N PRO A 173 -18.92 20.99 -3.80
CA PRO A 173 -18.59 20.71 -2.40
C PRO A 173 -19.70 21.02 -1.40
N MET A 174 -20.85 21.52 -1.86
CA MET A 174 -21.95 21.87 -0.95
C MET A 174 -22.89 20.67 -0.76
N ASP A 175 -22.29 19.58 -0.29
CA ASP A 175 -22.99 18.30 -0.18
C ASP A 175 -22.87 17.76 1.23
N ALA A 176 -23.82 16.89 1.57
CA ALA A 176 -23.84 16.20 2.85
C ALA A 176 -24.06 14.71 2.62
N HIS A 177 -23.55 13.89 3.53
CA HIS A 177 -23.60 12.45 3.38
C HIS A 177 -24.06 11.81 4.69
N ALA A 178 -24.58 10.60 4.58
CA ALA A 178 -24.94 9.77 5.73
C ALA A 178 -24.08 8.51 5.67
N CYS A 179 -22.90 8.58 6.25
CA CYS A 179 -21.97 7.46 6.17
C CYS A 179 -22.43 6.34 7.10
N PRO A 180 -22.68 5.14 6.58
CA PRO A 180 -23.18 4.06 7.43
C PRO A 180 -22.06 3.34 8.16
N LEU A 181 -22.44 2.70 9.27
CA LEU A 181 -21.55 1.84 10.04
C LEU A 181 -22.39 0.61 10.42
N LYS A 182 -22.39 -0.39 9.55
CA LYS A 182 -23.18 -1.59 9.74
C LYS A 182 -22.32 -2.70 10.31
N PHE A 183 -22.89 -3.49 11.22
CA PHE A 183 -22.17 -4.62 11.78
C PHE A 183 -23.17 -5.69 12.19
N GLY A 184 -22.65 -6.92 12.29
CA GLY A 184 -23.48 -8.04 12.67
C GLY A 184 -22.64 -9.30 12.72
N SER A 185 -23.29 -10.39 13.11
CA SER A 185 -22.58 -11.67 13.20
C SER A 185 -22.25 -12.18 11.80
N TYR A 186 -21.02 -12.66 11.64
CA TYR A 186 -20.60 -13.15 10.34
C TYR A 186 -21.22 -14.51 10.02
N ALA A 187 -21.31 -15.39 11.01
CA ALA A 187 -21.72 -16.77 10.79
C ALA A 187 -23.09 -17.11 11.33
N TYR A 188 -23.53 -16.46 12.41
CA TYR A 188 -24.78 -16.82 13.07
C TYR A 188 -25.93 -16.01 12.49
N THR A 189 -27.00 -16.71 12.11
CA THR A 189 -28.17 -16.06 11.52
C THR A 189 -29.03 -15.43 12.61
N ARG A 190 -30.19 -14.90 12.20
CA ARG A 190 -31.09 -14.26 13.15
C ARG A 190 -31.62 -15.25 14.18
N ALA A 191 -31.76 -16.52 13.80
CA ALA A 191 -32.26 -17.54 14.72
C ALA A 191 -31.20 -18.02 15.70
N GLU A 192 -29.96 -17.59 15.55
CA GLU A 192 -28.86 -18.02 16.42
C GLU A 192 -28.38 -16.92 17.35
N VAL A 193 -28.02 -15.76 16.81
CA VAL A 193 -27.72 -14.59 17.64
C VAL A 193 -28.44 -13.39 17.04
N VAL A 194 -29.00 -12.56 17.91
CA VAL A 194 -29.65 -11.31 17.51
C VAL A 194 -28.99 -10.17 18.28
N TYR A 195 -28.72 -9.07 17.59
CA TYR A 195 -28.09 -7.92 18.22
C TYR A 195 -29.14 -6.94 18.72
N GLU A 196 -28.70 -6.05 19.60
CA GLU A 196 -29.58 -5.13 20.30
C GLU A 196 -28.74 -4.00 20.87
N TRP A 197 -29.37 -2.85 21.06
CA TRP A 197 -28.70 -1.72 21.68
C TRP A 197 -28.90 -1.77 23.19
N THR A 198 -27.81 -1.61 23.94
CA THR A 198 -27.86 -1.79 25.39
C THR A 198 -28.70 -0.69 26.05
N ARG A 199 -28.78 0.48 25.44
CA ARG A 199 -29.58 1.59 25.92
C ARG A 199 -30.63 1.92 24.86
N GLU A 200 -31.31 3.04 25.04
CA GLU A 200 -32.18 3.53 23.99
C GLU A 200 -31.37 3.69 22.70
N PRO A 201 -31.94 3.35 21.54
CA PRO A 201 -31.17 3.45 20.29
C PRO A 201 -30.61 4.83 20.04
N ALA A 202 -31.31 5.90 20.44
CA ALA A 202 -30.76 7.23 20.30
C ALA A 202 -29.54 7.45 21.18
N ARG A 203 -29.53 6.83 22.36
CA ARG A 203 -28.50 7.07 23.37
C ARG A 203 -27.39 6.02 23.36
N SER A 204 -27.37 5.13 22.36
CA SER A 204 -26.42 4.02 22.39
C SER A 204 -25.10 4.36 21.72
N VAL A 205 -25.13 5.01 20.57
CA VAL A 205 -23.90 5.42 19.88
C VAL A 205 -23.55 6.81 20.36
N VAL A 206 -22.58 6.91 21.27
CA VAL A 206 -22.14 8.17 21.83
C VAL A 206 -20.84 8.57 21.15
N VAL A 207 -20.62 9.87 20.99
CA VAL A 207 -19.41 10.41 20.40
C VAL A 207 -18.70 11.25 21.46
N ALA A 208 -17.41 10.99 21.65
CA ALA A 208 -16.63 11.79 22.59
C ALA A 208 -16.63 13.25 22.16
N GLU A 209 -16.84 14.14 23.13
CA GLU A 209 -17.00 15.55 22.82
C GLU A 209 -15.74 16.13 22.20
N ASP A 210 -14.57 15.81 22.74
CA ASP A 210 -13.32 16.33 22.21
C ASP A 210 -12.81 15.54 21.01
N GLY A 211 -13.36 14.36 20.75
CA GLY A 211 -12.85 13.51 19.69
C GLY A 211 -13.47 13.77 18.33
N SER A 212 -12.77 14.52 17.49
CA SER A 212 -13.23 14.78 16.13
C SER A 212 -11.99 15.08 15.29
N ARG A 213 -11.59 14.12 14.47
CA ARG A 213 -10.44 14.27 13.59
C ARG A 213 -10.83 14.70 12.19
N LEU A 214 -12.09 15.10 12.00
CA LEU A 214 -12.53 15.59 10.70
C LEU A 214 -11.85 16.91 10.35
N ASN A 215 -11.45 17.05 9.09
CA ASN A 215 -10.88 18.29 8.60
C ASN A 215 -11.92 19.14 7.87
N GLN A 216 -12.53 18.58 6.83
CA GLN A 216 -13.46 19.31 5.97
C GLN A 216 -14.88 18.76 6.10
N TYR A 217 -15.29 18.40 7.30
CA TYR A 217 -16.63 17.87 7.52
C TYR A 217 -17.10 18.23 8.92
N ASP A 218 -18.42 18.19 9.10
CA ASP A 218 -19.05 18.42 10.39
C ASP A 218 -19.91 17.21 10.72
N LEU A 219 -19.71 16.64 11.90
CA LEU A 219 -20.52 15.52 12.36
C LEU A 219 -21.80 16.07 12.96
N LEU A 220 -22.84 16.17 12.13
CA LEU A 220 -24.11 16.71 12.59
C LEU A 220 -24.74 15.83 13.67
N GLY A 221 -24.66 14.52 13.50
CA GLY A 221 -25.27 13.61 14.45
C GLY A 221 -25.17 12.19 13.95
N GLN A 222 -25.75 11.29 14.74
CA GLN A 222 -25.82 9.88 14.41
C GLN A 222 -27.24 9.37 14.59
N THR A 223 -27.70 8.56 13.65
CA THR A 223 -28.99 7.90 13.74
C THR A 223 -28.81 6.41 13.53
N VAL A 224 -29.37 5.61 14.43
CA VAL A 224 -29.17 4.17 14.40
C VAL A 224 -30.47 3.49 14.02
N ASP A 225 -30.34 2.26 13.52
CA ASP A 225 -31.46 1.44 13.13
C ASP A 225 -31.02 -0.02 13.13
N SER A 226 -31.99 -0.92 13.18
CA SER A 226 -31.74 -2.35 13.14
C SER A 226 -32.59 -2.98 12.04
N GLY A 227 -32.08 -4.04 11.44
CA GLY A 227 -32.82 -4.64 10.33
C GLY A 227 -32.33 -6.05 10.06
N ILE A 228 -33.03 -6.70 9.13
CA ILE A 228 -32.67 -8.03 8.64
C ILE A 228 -32.11 -7.89 7.23
N VAL A 229 -31.06 -8.64 6.93
CA VAL A 229 -30.45 -8.64 5.61
C VAL A 229 -30.47 -10.07 5.09
N GLN A 230 -30.75 -10.22 3.80
CA GLN A 230 -30.71 -11.51 3.14
C GLN A 230 -29.34 -11.74 2.51
N SER A 231 -28.93 -13.00 2.49
CA SER A 231 -27.65 -13.37 1.93
C SER A 231 -27.73 -14.81 1.44
N SER A 232 -26.62 -15.28 0.85
CA SER A 232 -26.58 -16.66 0.37
C SER A 232 -26.68 -17.67 1.51
N THR A 233 -26.35 -17.27 2.73
CA THR A 233 -26.31 -18.20 3.86
C THR A 233 -27.55 -18.14 4.73
N GLY A 234 -28.19 -16.99 4.86
CA GLY A 234 -29.38 -16.88 5.66
C GLY A 234 -29.70 -15.43 5.97
N GLU A 235 -30.64 -15.24 6.89
CA GLU A 235 -31.07 -13.92 7.31
C GLU A 235 -30.25 -13.48 8.52
N TYR A 236 -29.64 -12.31 8.41
CA TYR A 236 -28.72 -11.82 9.42
C TYR A 236 -29.18 -10.48 9.97
N VAL A 237 -29.03 -10.30 11.29
CA VAL A 237 -29.37 -9.05 11.92
C VAL A 237 -28.25 -8.05 11.71
N VAL A 238 -28.59 -6.86 11.22
CA VAL A 238 -27.63 -5.80 10.93
C VAL A 238 -28.00 -4.57 11.75
N MET A 239 -27.01 -4.01 12.45
CA MET A 239 -27.17 -2.79 13.23
C MET A 239 -26.53 -1.66 12.45
N THR A 240 -27.34 -0.86 11.77
CA THR A 240 -26.85 0.24 10.96
C THR A 240 -26.76 1.51 11.79
N THR A 241 -25.68 2.26 11.58
CA THR A 241 -25.49 3.55 12.23
C THR A 241 -25.05 4.54 11.16
N HIS A 242 -25.86 5.56 10.92
CA HIS A 242 -25.56 6.59 9.94
C HIS A 242 -25.03 7.82 10.66
N PHE A 243 -23.79 8.18 10.37
CA PHE A 243 -23.22 9.44 10.82
C PHE A 243 -23.45 10.48 9.73
N HIS A 244 -24.16 11.54 10.08
CA HIS A 244 -24.57 12.55 9.11
C HIS A 244 -23.47 13.62 9.05
N LEU A 245 -22.61 13.51 8.05
CA LEU A 245 -21.54 14.47 7.82
C LEU A 245 -22.00 15.54 6.84
N LYS A 246 -21.40 16.72 6.96
CA LYS A 246 -21.69 17.82 6.06
C LYS A 246 -20.38 18.53 5.75
N ARG A 247 -20.00 18.54 4.47
CA ARG A 247 -18.72 19.11 4.09
C ARG A 247 -18.69 20.61 4.32
N LYS A 248 -17.55 21.11 4.79
CA LYS A 248 -17.31 22.54 4.91
C LYS A 248 -16.52 23.01 3.70
N ILE A 249 -17.01 24.07 3.06
CA ILE A 249 -16.49 24.49 1.77
C ILE A 249 -15.42 25.55 1.95
N GLY A 250 -14.91 25.69 3.18
CA GLY A 250 -13.88 26.68 3.43
C GLY A 250 -12.64 26.46 2.59
N TYR A 251 -12.23 25.21 2.42
CA TYR A 251 -11.07 24.92 1.58
C TYR A 251 -11.37 25.24 0.12
N PHE A 252 -12.50 24.77 -0.40
CA PHE A 252 -12.79 24.91 -1.81
C PHE A 252 -13.15 26.33 -2.21
N VAL A 253 -13.62 27.15 -1.26
CA VAL A 253 -13.91 28.55 -1.58
C VAL A 253 -12.62 29.29 -1.92
N ILE A 254 -11.56 29.09 -1.14
CA ILE A 254 -10.30 29.80 -1.34
C ILE A 254 -9.32 29.00 -2.17
N GLN A 255 -9.67 27.78 -2.57
CA GLN A 255 -8.80 26.98 -3.43
C GLN A 255 -9.30 26.86 -4.85
N THR A 256 -10.62 26.80 -5.06
CA THR A 256 -11.20 26.75 -6.39
C THR A 256 -12.10 27.94 -6.69
N TYR A 257 -13.06 28.24 -5.80
CA TYR A 257 -14.05 29.27 -6.12
C TYR A 257 -13.42 30.65 -6.22
N LEU A 258 -12.58 31.02 -5.25
CA LEU A 258 -11.90 32.30 -5.34
C LEU A 258 -10.97 32.40 -6.55
N PRO A 259 -10.13 31.42 -6.86
CA PRO A 259 -9.33 31.53 -8.10
C PRO A 259 -10.17 31.64 -9.35
N CYS A 260 -11.29 30.91 -9.44
CA CYS A 260 -12.13 31.00 -10.62
C CYS A 260 -12.77 32.38 -10.74
N ILE A 261 -13.25 32.92 -9.63
CA ILE A 261 -13.84 34.25 -9.66
C ILE A 261 -12.79 35.30 -10.00
N MET A 262 -11.57 35.12 -9.49
CA MET A 262 -10.51 36.08 -9.77
C MET A 262 -10.06 36.02 -11.22
N THR A 263 -9.99 34.83 -11.81
CA THR A 263 -9.64 34.78 -13.23
C THR A 263 -10.76 35.31 -14.11
N VAL A 264 -12.01 35.13 -13.69
CA VAL A 264 -13.11 35.73 -14.46
C VAL A 264 -13.04 37.26 -14.37
N ILE A 265 -12.76 37.79 -13.18
CA ILE A 265 -12.60 39.24 -13.04
C ILE A 265 -11.35 39.72 -13.77
N LEU A 266 -10.32 38.88 -13.89
CA LEU A 266 -9.14 39.22 -14.68
C LEU A 266 -9.50 39.36 -16.15
N SER A 267 -10.24 38.37 -16.68
CA SER A 267 -10.68 38.45 -18.06
C SER A 267 -11.55 39.68 -18.28
N GLN A 268 -12.34 40.05 -17.27
CA GLN A 268 -13.17 41.24 -17.38
C GLN A 268 -12.39 42.54 -17.17
N VAL A 269 -11.08 42.47 -16.95
CA VAL A 269 -10.26 43.68 -16.97
C VAL A 269 -9.94 44.08 -18.40
N SER A 270 -9.88 43.11 -19.32
CA SER A 270 -9.55 43.40 -20.71
C SER A 270 -10.53 44.36 -21.36
N PHE A 271 -11.78 44.36 -20.89
CA PHE A 271 -12.78 45.25 -21.47
C PHE A 271 -12.45 46.72 -21.26
N TRP A 272 -11.67 47.04 -20.24
CA TRP A 272 -11.33 48.43 -19.95
C TRP A 272 -10.02 48.88 -20.59
N LEU A 273 -9.30 47.97 -21.24
CA LEU A 273 -8.12 48.33 -22.01
C LEU A 273 -8.52 48.71 -23.42
N ASN A 274 -7.75 49.63 -24.01
CA ASN A 274 -8.07 50.12 -25.34
C ASN A 274 -8.00 48.98 -26.35
N ARG A 275 -8.85 49.07 -27.37
CA ARG A 275 -8.93 47.99 -28.36
C ARG A 275 -7.65 47.85 -29.17
N GLU A 276 -6.91 48.94 -29.36
CA GLU A 276 -5.71 48.89 -30.19
C GLU A 276 -4.61 48.06 -29.55
N SER A 277 -4.61 47.89 -28.23
CA SER A 277 -3.61 47.09 -27.55
C SER A 277 -3.91 45.60 -27.78
N VAL A 278 -3.67 45.18 -29.03
CA VAL A 278 -3.94 43.79 -29.39
C VAL A 278 -3.09 42.81 -28.60
N PRO A 279 -1.76 42.97 -28.48
CA PRO A 279 -1.00 42.00 -27.67
C PRO A 279 -1.46 41.92 -26.23
N ALA A 280 -1.81 43.05 -25.61
CA ALA A 280 -2.16 43.05 -24.19
C ALA A 280 -3.48 42.34 -23.95
N ARG A 281 -4.51 42.66 -24.74
CA ARG A 281 -5.78 41.98 -24.54
C ARG A 281 -5.72 40.53 -24.99
N THR A 282 -4.90 40.23 -26.00
CA THR A 282 -4.72 38.85 -26.42
C THR A 282 -4.06 38.03 -25.33
N VAL A 283 -3.00 38.54 -24.72
CA VAL A 283 -2.35 37.81 -23.64
C VAL A 283 -3.29 37.72 -22.44
N PHE A 284 -4.09 38.76 -22.21
CA PHE A 284 -5.09 38.68 -21.15
C PHE A 284 -6.03 37.51 -21.37
N GLY A 285 -6.60 37.42 -22.58
CA GLY A 285 -7.55 36.37 -22.85
C GLY A 285 -6.93 34.98 -22.82
N VAL A 286 -5.77 34.82 -23.46
CA VAL A 286 -5.16 33.49 -23.51
C VAL A 286 -4.71 33.06 -22.12
N THR A 287 -4.15 33.97 -21.32
CA THR A 287 -3.71 33.61 -19.99
C THR A 287 -4.90 33.25 -19.10
N THR A 288 -6.00 34.00 -19.21
CA THR A 288 -7.18 33.67 -18.42
C THR A 288 -7.75 32.32 -18.84
N VAL A 289 -7.79 32.04 -20.14
CA VAL A 289 -8.30 30.75 -20.61
C VAL A 289 -7.43 29.60 -20.11
N LEU A 290 -6.11 29.77 -20.20
CA LEU A 290 -5.21 28.69 -19.76
C LEU A 290 -5.28 28.50 -18.25
N THR A 291 -5.40 29.59 -17.50
CA THR A 291 -5.58 29.49 -16.05
C THR A 291 -6.88 28.78 -15.72
N MET A 292 -7.95 29.08 -16.45
CA MET A 292 -9.21 28.40 -16.23
C MET A 292 -9.09 26.92 -16.54
N THR A 293 -8.38 26.57 -17.61
CA THR A 293 -8.18 25.17 -17.96
C THR A 293 -7.42 24.43 -16.87
N THR A 294 -6.31 25.01 -16.40
CA THR A 294 -5.53 24.33 -15.37
C THR A 294 -6.29 24.27 -14.05
N LEU A 295 -7.11 25.28 -13.75
CA LEU A 295 -7.96 25.23 -12.56
C LEU A 295 -8.98 24.10 -12.68
N SER A 296 -9.60 23.95 -13.85
CA SER A 296 -10.58 22.88 -14.03
C SER A 296 -9.91 21.53 -13.89
N ILE A 297 -8.71 21.36 -14.43
CA ILE A 297 -8.01 20.10 -14.30
C ILE A 297 -7.63 19.83 -12.85
N SER A 298 -7.14 20.85 -12.14
CA SER A 298 -6.70 20.67 -10.76
C SER A 298 -7.86 20.37 -9.83
N ALA A 299 -9.02 21.00 -10.05
CA ALA A 299 -10.14 20.82 -9.13
C ALA A 299 -10.61 19.37 -9.09
N ARG A 300 -10.64 18.71 -10.25
CA ARG A 300 -11.09 17.32 -10.30
C ARG A 300 -10.14 16.38 -9.56
N ASN A 301 -8.89 16.76 -9.35
CA ASN A 301 -7.91 15.86 -8.75
C ASN A 301 -8.22 15.54 -7.28
N SER A 302 -9.01 16.37 -6.60
CA SER A 302 -9.29 16.12 -5.20
C SER A 302 -10.25 14.95 -5.01
N LEU A 303 -11.30 14.91 -5.80
CA LEU A 303 -12.38 13.95 -5.66
C LEU A 303 -12.21 12.79 -6.65
N PRO A 304 -12.97 11.69 -6.48
CA PRO A 304 -12.82 10.55 -7.39
C PRO A 304 -13.20 10.86 -8.82
N LYS A 305 -13.04 9.87 -9.69
CA LYS A 305 -13.35 10.00 -11.12
C LYS A 305 -14.81 9.67 -11.41
N VAL A 306 -15.72 10.36 -10.74
CA VAL A 306 -17.14 10.14 -10.95
C VAL A 306 -17.52 10.58 -12.36
N ALA A 307 -18.37 9.79 -13.01
CA ALA A 307 -18.76 10.10 -14.39
C ALA A 307 -19.54 11.40 -14.48
N TYR A 308 -20.48 11.61 -13.56
CA TYR A 308 -21.33 12.79 -13.61
C TYR A 308 -20.52 14.05 -13.27
N ALA A 309 -21.16 15.19 -13.49
CA ALA A 309 -20.55 16.49 -13.22
C ALA A 309 -21.06 17.03 -11.89
N THR A 310 -20.16 17.53 -11.06
CA THR A 310 -20.50 18.09 -9.76
C THR A 310 -20.86 19.57 -9.90
N ALA A 311 -21.30 20.16 -8.78
CA ALA A 311 -21.61 21.58 -8.78
C ALA A 311 -20.37 22.43 -9.00
N MET A 312 -19.22 21.96 -8.50
CA MET A 312 -17.96 22.61 -8.82
C MET A 312 -17.73 22.58 -10.33
N ASP A 313 -18.07 21.47 -10.98
CA ASP A 313 -17.91 21.37 -12.42
C ASP A 313 -18.77 22.39 -13.15
N TRP A 314 -20.00 22.60 -12.70
CA TRP A 314 -20.86 23.58 -13.36
C TRP A 314 -20.36 25.00 -13.13
N PHE A 315 -19.90 25.31 -11.91
CA PHE A 315 -19.35 26.65 -11.67
C PHE A 315 -18.11 26.89 -12.53
N ILE A 316 -17.25 25.88 -12.63
CA ILE A 316 -16.04 25.99 -13.45
C ILE A 316 -16.42 26.14 -14.92
N ALA A 317 -17.43 25.41 -15.38
CA ALA A 317 -17.87 25.51 -16.76
C ALA A 317 -18.39 26.90 -17.07
N VAL A 318 -19.19 27.48 -16.17
CA VAL A 318 -19.70 28.82 -16.41
C VAL A 318 -18.58 29.85 -16.41
N CYS A 319 -17.63 29.72 -15.48
CA CYS A 319 -16.48 30.62 -15.48
C CYS A 319 -15.67 30.48 -16.76
N TYR A 320 -15.51 29.25 -17.24
CA TYR A 320 -14.81 28.98 -18.49
C TYR A 320 -15.54 29.63 -19.66
N ALA A 321 -16.87 29.55 -19.67
CA ALA A 321 -17.65 30.20 -20.71
C ALA A 321 -17.46 31.71 -20.64
N PHE A 322 -17.38 32.27 -19.44
CA PHE A 322 -17.20 33.71 -19.31
C PHE A 322 -15.84 34.16 -19.84
N VAL A 323 -14.77 33.44 -19.48
CA VAL A 323 -13.45 33.86 -19.95
C VAL A 323 -13.30 33.62 -21.46
N PHE A 324 -13.82 32.49 -21.94
CA PHE A 324 -13.78 32.21 -23.37
C PHE A 324 -14.58 33.25 -24.15
N SER A 325 -15.73 33.67 -23.63
CA SER A 325 -16.52 34.69 -24.29
C SER A 325 -15.87 36.05 -24.19
N ALA A 326 -15.11 36.33 -23.13
CA ALA A 326 -14.35 37.57 -23.08
C ALA A 326 -13.31 37.60 -24.19
N LEU A 327 -12.63 36.49 -24.42
CA LEU A 327 -11.66 36.46 -25.52
C LEU A 327 -12.36 36.53 -26.88
N ILE A 328 -13.50 35.87 -27.03
CA ILE A 328 -14.25 35.95 -28.28
C ILE A 328 -14.72 37.38 -28.51
N GLU A 329 -15.13 38.07 -27.43
CA GLU A 329 -15.53 39.47 -27.55
C GLU A 329 -14.36 40.35 -27.98
N PHE A 330 -13.17 40.10 -27.42
CA PHE A 330 -12.01 40.86 -27.88
C PHE A 330 -11.73 40.58 -29.35
N ALA A 331 -11.86 39.32 -29.77
CA ALA A 331 -11.65 39.00 -31.19
C ALA A 331 -12.65 39.74 -32.07
N THR A 332 -13.91 39.81 -31.62
CA THR A 332 -14.92 40.55 -32.36
C THR A 332 -14.58 42.03 -32.44
N VAL A 333 -14.11 42.60 -31.33
CA VAL A 333 -13.71 44.01 -31.33
C VAL A 333 -12.55 44.23 -32.29
N ASN A 334 -11.57 43.33 -32.26
CA ASN A 334 -10.41 43.46 -33.13
C ASN A 334 -10.79 43.30 -34.61
N TYR A 335 -11.84 42.54 -34.89
CA TYR A 335 -12.27 42.38 -36.27
C TYR A 335 -12.69 43.72 -36.88
N PHE A 336 -13.35 44.56 -36.10
CA PHE A 336 -13.78 45.87 -36.57
C PHE A 336 -12.79 46.98 -36.24
N THR A 337 -11.63 46.65 -35.67
CA THR A 337 -10.60 47.65 -35.39
C THR A 337 -10.01 48.09 -36.71
N LYS A 338 -10.45 49.25 -37.20
CA LYS A 338 -10.09 49.71 -38.53
C LYS A 338 -8.71 50.34 -38.61
N ARG A 339 -8.07 50.63 -37.48
CA ARG A 339 -6.77 51.28 -37.48
C ARG A 339 -5.87 50.60 -36.45
N GLY A 340 -4.57 50.68 -36.68
CA GLY A 340 -3.60 50.10 -35.78
C GLY A 340 -3.14 51.06 -34.70
N TYR A 341 -2.80 52.28 -35.11
CA TYR A 341 -2.32 53.28 -34.15
C TYR A 341 -3.44 53.68 -33.18
N ALA A 342 -3.07 53.86 -31.92
CA ALA A 342 -4.00 54.18 -30.86
C ALA A 342 -4.06 55.69 -30.63
N TRP A 343 -4.82 56.09 -29.62
CA TRP A 343 -4.94 57.50 -29.29
C TRP A 343 -3.61 58.08 -28.82
N ASP A 344 -3.36 59.32 -29.19
CA ASP A 344 -2.13 60.00 -28.80
C ASP A 344 -2.44 61.49 -28.62
N GLY A 345 -1.61 62.14 -27.82
CA GLY A 345 -1.78 63.56 -27.54
C GLY A 345 -3.04 63.88 -26.78
N LYS A 410 -6.55 62.40 -39.35
CA LYS A 410 -5.98 61.50 -38.34
C LYS A 410 -7.04 60.99 -37.38
N THR A 411 -8.17 60.56 -37.92
CA THR A 411 -9.23 60.00 -37.10
C THR A 411 -8.74 58.75 -36.39
N PHE A 412 -9.10 58.61 -35.12
CA PHE A 412 -8.74 57.45 -34.32
C PHE A 412 -9.94 56.53 -34.17
N ASN A 413 -9.65 55.28 -33.80
CA ASN A 413 -10.73 54.32 -33.53
C ASN A 413 -11.55 54.79 -32.33
N SER A 414 -12.87 54.79 -32.50
CA SER A 414 -13.74 55.08 -31.38
C SER A 414 -13.72 53.92 -30.39
N VAL A 415 -14.05 54.22 -29.14
CA VAL A 415 -14.13 53.18 -28.13
C VAL A 415 -15.17 52.15 -28.56
N SER A 416 -14.83 50.87 -28.43
CA SER A 416 -15.70 49.81 -28.92
C SER A 416 -17.02 49.83 -28.18
N LYS A 417 -18.11 49.97 -28.95
CA LYS A 417 -19.45 49.83 -28.36
C LYS A 417 -19.68 48.43 -27.83
N ILE A 418 -19.00 47.43 -28.42
CA ILE A 418 -19.03 46.09 -27.82
C ILE A 418 -18.34 46.10 -26.46
N ASP A 419 -17.21 46.82 -26.36
CA ASP A 419 -16.54 46.95 -25.06
C ASP A 419 -17.45 47.67 -24.07
N ARG A 420 -18.09 48.76 -24.49
CA ARG A 420 -18.95 49.51 -23.59
C ARG A 420 -20.09 48.65 -23.07
N LEU A 421 -20.73 47.87 -23.96
CA LEU A 421 -21.80 47.02 -23.49
C LEU A 421 -21.29 45.84 -22.67
N SER A 422 -20.11 45.33 -22.99
CA SER A 422 -19.56 44.20 -22.24
C SER A 422 -19.22 44.61 -20.81
N ARG A 423 -18.73 45.85 -20.62
CA ARG A 423 -18.30 46.30 -19.31
C ARG A 423 -19.43 46.30 -18.29
N ILE A 424 -20.67 46.26 -18.74
CA ILE A 424 -21.81 46.09 -17.85
C ILE A 424 -22.39 44.69 -17.96
N ALA A 425 -22.45 44.12 -19.17
CA ALA A 425 -23.11 42.83 -19.34
C ALA A 425 -22.36 41.70 -18.65
N PHE A 426 -21.05 41.59 -18.90
CA PHE A 426 -20.29 40.49 -18.31
C PHE A 426 -20.28 40.53 -16.78
N PRO A 427 -19.95 41.64 -16.12
CA PRO A 427 -20.06 41.65 -14.65
C PRO A 427 -21.46 41.37 -14.16
N LEU A 428 -22.47 41.97 -14.79
CA LEU A 428 -23.85 41.78 -14.34
C LEU A 428 -24.29 40.33 -14.52
N LEU A 429 -23.99 39.75 -15.68
CA LEU A 429 -24.36 38.36 -15.91
C LEU A 429 -23.63 37.43 -14.97
N PHE A 430 -22.35 37.69 -14.71
CA PHE A 430 -21.62 36.86 -13.76
C PHE A 430 -22.20 36.98 -12.35
N GLY A 431 -22.58 38.20 -11.96
CA GLY A 431 -23.20 38.38 -10.66
C GLY A 431 -24.52 37.68 -10.54
N ILE A 432 -25.34 37.76 -11.58
CA ILE A 432 -26.64 37.08 -11.58
C ILE A 432 -26.45 35.57 -11.53
N PHE A 433 -25.47 35.05 -12.28
CA PHE A 433 -25.19 33.62 -12.21
C PHE A 433 -24.73 33.21 -10.83
N ASN A 434 -23.88 34.03 -10.19
CA ASN A 434 -23.45 33.73 -8.83
C ASN A 434 -24.64 33.70 -7.89
N LEU A 435 -25.54 34.69 -8.02
CA LEU A 435 -26.73 34.74 -7.17
C LEU A 435 -27.54 33.46 -7.32
N VAL A 436 -27.83 33.08 -8.57
CA VAL A 436 -28.67 31.90 -8.80
C VAL A 436 -27.99 30.64 -8.28
N TYR A 437 -26.70 30.49 -8.57
CA TYR A 437 -25.97 29.27 -8.21
C TYR A 437 -25.86 29.11 -6.69
N TRP A 438 -25.46 30.18 -5.99
CA TRP A 438 -25.33 30.07 -4.55
C TRP A 438 -26.69 29.98 -3.87
N ALA A 439 -27.71 30.66 -4.40
CA ALA A 439 -29.05 30.53 -3.81
C ALA A 439 -29.58 29.12 -3.96
N THR A 440 -29.38 28.50 -5.13
CA THR A 440 -29.86 27.14 -5.32
C THR A 440 -29.11 26.15 -4.44
N TYR A 441 -27.78 26.21 -4.46
CA TYR A 441 -27.00 25.16 -3.79
C TYR A 441 -26.97 25.35 -2.27
N LEU A 442 -26.87 26.59 -1.79
CA LEU A 442 -26.78 26.81 -0.36
C LEU A 442 -28.10 26.57 0.37
N ASN A 443 -29.23 26.68 -0.32
CA ASN A 443 -30.54 26.59 0.31
C ASN A 443 -31.14 25.18 0.26
N ARG A 444 -30.41 24.19 -0.23
CA ARG A 444 -30.93 22.84 -0.25
C ARG A 444 -30.95 22.24 1.17
N GLU A 445 -31.72 21.18 1.32
CA GLU A 445 -31.87 20.51 2.61
C GLU A 445 -30.55 19.94 3.10
N PRO B 30 -29.49 -26.69 29.34
CA PRO B 30 -28.07 -26.92 29.14
C PRO B 30 -27.75 -28.35 28.68
N SER B 31 -28.76 -29.22 28.68
CA SER B 31 -28.55 -30.60 28.24
C SER B 31 -28.16 -30.67 26.77
N ASN B 32 -28.86 -29.91 25.92
CA ASN B 32 -28.54 -29.92 24.50
C ASN B 32 -27.15 -29.35 24.26
N MET B 33 -26.70 -28.43 25.11
CA MET B 33 -25.33 -27.93 25.02
C MET B 33 -24.33 -29.06 25.23
N SER B 34 -24.55 -29.90 26.25
CA SER B 34 -23.68 -31.03 26.49
C SER B 34 -23.73 -32.01 25.33
N LEU B 35 -24.92 -32.25 24.78
CA LEU B 35 -25.03 -33.16 23.64
C LEU B 35 -24.24 -32.64 22.44
N VAL B 36 -24.34 -31.34 22.15
CA VAL B 36 -23.60 -30.77 21.03
C VAL B 36 -22.10 -30.79 21.30
N LYS B 37 -21.72 -30.56 22.56
CA LYS B 37 -20.30 -30.64 22.92
C LYS B 37 -19.76 -32.04 22.67
N GLU B 38 -20.53 -33.06 23.08
CA GLU B 38 -20.10 -34.43 22.84
C GLU B 38 -20.00 -34.73 21.35
N THR B 39 -20.96 -34.24 20.56
CA THR B 39 -20.93 -34.49 19.13
C THR B 39 -19.71 -33.85 18.47
N VAL B 40 -19.45 -32.58 18.78
CA VAL B 40 -18.30 -31.90 18.18
C VAL B 40 -16.99 -32.49 18.68
N ASP B 41 -16.94 -32.92 19.95
CA ASP B 41 -15.73 -33.58 20.46
C ASP B 41 -15.49 -34.89 19.71
N ARG B 42 -16.55 -35.66 19.45
CA ARG B 42 -16.40 -36.86 18.64
C ARG B 42 -15.89 -36.53 17.25
N LEU B 43 -16.44 -35.46 16.65
CA LEU B 43 -16.03 -35.09 15.30
C LEU B 43 -14.56 -34.73 15.24
N LEU B 44 -14.06 -33.98 16.22
CA LEU B 44 -12.66 -33.57 16.22
C LEU B 44 -11.71 -34.60 16.80
N LYS B 45 -12.23 -35.65 17.43
CA LYS B 45 -11.38 -36.68 18.03
C LYS B 45 -10.84 -37.59 16.94
N GLY B 46 -9.52 -37.76 16.92
CA GLY B 46 -8.90 -38.61 15.91
C GLY B 46 -9.09 -38.13 14.50
N TYR B 47 -9.08 -36.81 14.30
CA TYR B 47 -9.31 -36.20 12.99
C TYR B 47 -7.96 -35.83 12.39
N ASP B 48 -7.62 -36.44 11.26
CA ASP B 48 -6.35 -36.18 10.59
C ASP B 48 -6.55 -35.01 9.63
N ILE B 49 -6.13 -33.82 10.06
CA ILE B 49 -6.22 -32.63 9.23
C ILE B 49 -5.32 -32.73 8.02
N ARG B 50 -4.29 -33.58 8.07
CA ARG B 50 -3.35 -33.72 6.97
C ARG B 50 -3.92 -34.50 5.79
N LEU B 51 -5.06 -35.16 5.96
CA LEU B 51 -5.63 -36.02 4.92
C LEU B 51 -6.98 -35.46 4.49
N ARG B 52 -7.14 -35.27 3.18
CA ARG B 52 -8.35 -34.71 2.62
C ARG B 52 -9.49 -35.72 2.71
N PRO B 53 -10.74 -35.28 2.53
CA PRO B 53 -11.85 -36.22 2.47
C PRO B 53 -11.67 -37.20 1.32
N ASP B 54 -12.05 -38.46 1.57
CA ASP B 54 -11.89 -39.53 0.59
C ASP B 54 -10.44 -39.67 0.14
N PHE B 55 -9.52 -39.54 1.09
CA PHE B 55 -8.11 -39.71 0.76
C PHE B 55 -7.86 -41.12 0.26
N GLY B 56 -7.08 -41.23 -0.82
CA GLY B 56 -6.97 -42.50 -1.52
C GLY B 56 -8.27 -42.93 -2.18
N GLY B 57 -9.04 -41.97 -2.67
CA GLY B 57 -10.31 -42.25 -3.30
C GLY B 57 -10.65 -41.22 -4.35
N PRO B 58 -11.93 -41.16 -4.74
CA PRO B 58 -12.34 -40.20 -5.77
C PRO B 58 -12.15 -38.77 -5.28
N PRO B 59 -11.94 -37.83 -6.20
CA PRO B 59 -11.74 -36.44 -5.79
C PRO B 59 -12.97 -35.88 -5.10
N VAL B 60 -12.74 -35.03 -4.10
CA VAL B 60 -13.83 -34.40 -3.37
C VAL B 60 -14.35 -33.22 -4.18
N ALA B 61 -15.66 -33.15 -4.36
CA ALA B 61 -16.27 -32.07 -5.12
C ALA B 61 -16.45 -30.86 -4.21
N VAL B 62 -15.73 -29.79 -4.51
CA VAL B 62 -15.77 -28.57 -3.72
C VAL B 62 -16.54 -27.53 -4.53
N GLY B 63 -17.78 -27.27 -4.15
CA GLY B 63 -18.55 -26.23 -4.79
C GLY B 63 -18.22 -24.86 -4.23
N MET B 64 -18.40 -23.84 -5.05
CA MET B 64 -18.05 -22.49 -4.63
C MET B 64 -19.14 -21.50 -5.03
N ASN B 65 -19.24 -20.42 -4.25
CA ASN B 65 -20.17 -19.35 -4.57
C ASN B 65 -19.63 -18.06 -3.98
N ILE B 66 -19.69 -16.99 -4.76
CA ILE B 66 -19.13 -15.70 -4.36
C ILE B 66 -20.26 -14.72 -4.12
N ASP B 67 -20.03 -13.81 -3.19
CA ASP B 67 -20.89 -12.65 -2.99
C ASP B 67 -20.00 -11.42 -3.07
N ILE B 68 -20.01 -10.75 -4.23
CA ILE B 68 -19.12 -9.61 -4.44
C ILE B 68 -19.59 -8.45 -3.58
N ALA B 69 -18.85 -8.17 -2.50
CA ALA B 69 -19.22 -7.05 -1.65
C ALA B 69 -18.97 -5.71 -2.35
N SER B 70 -17.83 -5.58 -3.01
CA SER B 70 -17.48 -4.35 -3.71
C SER B 70 -16.27 -4.61 -4.60
N ILE B 71 -16.16 -3.80 -5.64
CA ILE B 71 -14.97 -3.75 -6.49
C ILE B 71 -14.41 -2.34 -6.39
N ASP B 72 -13.17 -2.22 -5.95
CA ASP B 72 -12.57 -0.92 -5.68
C ASP B 72 -11.15 -0.90 -6.22
N MET B 73 -10.64 0.31 -6.42
CA MET B 73 -9.24 0.54 -6.79
C MET B 73 -8.88 -0.22 -8.06
N VAL B 74 -9.66 -0.01 -9.11
CA VAL B 74 -9.33 -0.57 -10.42
C VAL B 74 -8.32 0.36 -11.07
N SER B 75 -7.05 0.12 -10.81
CA SER B 75 -5.98 1.03 -11.20
C SER B 75 -5.14 0.39 -12.29
N GLU B 76 -4.99 1.11 -13.41
CA GLU B 76 -4.16 0.61 -14.50
C GLU B 76 -2.67 0.82 -14.25
N VAL B 77 -2.30 1.66 -13.30
CA VAL B 77 -0.88 1.86 -13.00
C VAL B 77 -0.28 0.61 -12.39
N ASN B 78 -1.04 -0.09 -11.54
CA ASN B 78 -0.62 -1.36 -10.98
C ASN B 78 -1.19 -2.55 -11.74
N MET B 79 -2.07 -2.31 -12.71
CA MET B 79 -2.72 -3.36 -13.49
C MET B 79 -3.39 -4.39 -12.58
N ASP B 80 -4.15 -3.88 -11.62
CA ASP B 80 -4.81 -4.75 -10.65
C ASP B 80 -6.15 -4.12 -10.26
N TYR B 81 -6.91 -4.86 -9.47
CA TYR B 81 -8.19 -4.40 -8.94
C TYR B 81 -8.41 -5.05 -7.58
N THR B 82 -8.91 -4.26 -6.64
CA THR B 82 -9.19 -4.76 -5.30
C THR B 82 -10.62 -5.28 -5.25
N LEU B 83 -10.78 -6.54 -4.87
CA LEU B 83 -12.06 -7.21 -4.84
C LEU B 83 -12.32 -7.69 -3.42
N THR B 84 -13.43 -7.24 -2.85
CA THR B 84 -13.88 -7.70 -1.54
C THR B 84 -15.04 -8.65 -1.76
N MET B 85 -14.98 -9.83 -1.15
CA MET B 85 -15.99 -10.83 -1.46
C MET B 85 -16.22 -11.77 -0.30
N TYR B 86 -17.44 -12.31 -0.26
CA TYR B 86 -17.81 -13.42 0.61
C TYR B 86 -17.61 -14.69 -0.21
N PHE B 87 -16.47 -15.33 0.01
CA PHE B 87 -16.01 -16.49 -0.74
C PHE B 87 -16.45 -17.73 0.04
N GLN B 88 -17.47 -18.44 -0.46
CA GLN B 88 -17.98 -19.63 0.21
C GLN B 88 -17.58 -20.89 -0.56
N GLN B 89 -17.17 -21.91 0.18
CA GLN B 89 -16.89 -23.23 -0.36
C GLN B 89 -17.68 -24.26 0.42
N ALA B 90 -18.29 -25.19 -0.30
CA ALA B 90 -19.09 -26.25 0.30
C ALA B 90 -18.53 -27.59 -0.15
N TRP B 91 -18.25 -28.48 0.80
CA TRP B 91 -17.73 -29.78 0.40
C TRP B 91 -18.17 -30.85 1.39
N ARG B 92 -18.46 -32.03 0.86
CA ARG B 92 -18.84 -33.16 1.69
C ARG B 92 -17.63 -33.72 2.43
N ASP B 93 -17.87 -34.17 3.65
CA ASP B 93 -16.81 -34.76 4.47
C ASP B 93 -17.45 -35.79 5.39
N LYS B 94 -17.21 -37.08 5.10
CA LYS B 94 -17.82 -38.13 5.89
C LYS B 94 -17.37 -38.08 7.34
N ARG B 95 -16.15 -37.59 7.60
CA ARG B 95 -15.65 -37.52 8.96
C ARG B 95 -16.44 -36.51 9.79
N LEU B 96 -17.00 -35.49 9.15
CA LEU B 96 -17.76 -34.44 9.83
C LEU B 96 -19.26 -34.65 9.71
N SER B 97 -19.71 -35.89 9.68
CA SER B 97 -21.13 -36.22 9.59
C SER B 97 -21.67 -36.60 10.95
N TYR B 98 -22.80 -36.02 11.33
CA TYR B 98 -23.46 -36.34 12.58
C TYR B 98 -24.95 -36.48 12.34
N ASN B 99 -25.61 -37.28 13.18
CA ASN B 99 -27.04 -37.53 13.03
C ASN B 99 -27.83 -37.40 14.32
N VAL B 100 -27.19 -37.24 15.47
CA VAL B 100 -27.95 -37.07 16.71
C VAL B 100 -28.63 -35.71 16.74
N ILE B 101 -27.94 -34.65 16.35
CA ILE B 101 -28.46 -33.29 16.40
C ILE B 101 -29.15 -32.97 15.08
N PRO B 102 -30.40 -32.48 15.11
CA PRO B 102 -31.08 -32.15 13.86
C PRO B 102 -30.65 -30.83 13.23
N LEU B 103 -30.32 -29.85 14.06
CA LEU B 103 -29.98 -28.53 13.55
C LEU B 103 -28.57 -28.49 12.98
N ASN B 104 -28.31 -27.47 12.16
CA ASN B 104 -27.01 -27.30 11.53
C ASN B 104 -26.09 -26.56 12.49
N LEU B 105 -24.91 -27.13 12.76
CA LEU B 105 -24.02 -26.57 13.76
C LEU B 105 -23.17 -25.47 13.14
N THR B 106 -23.38 -24.23 13.57
CA THR B 106 -22.54 -23.11 13.17
C THR B 106 -21.52 -22.91 14.27
N LEU B 107 -20.27 -23.29 13.99
CA LEU B 107 -19.25 -23.30 15.03
C LEU B 107 -18.45 -22.01 15.01
N ASP B 108 -17.72 -21.78 16.10
CA ASP B 108 -16.81 -20.65 16.17
C ASP B 108 -15.74 -20.78 15.11
N ASN B 109 -15.33 -19.64 14.55
CA ASN B 109 -14.43 -19.65 13.40
C ASN B 109 -13.10 -20.34 13.69
N ARG B 110 -12.67 -20.36 14.95
CA ARG B 110 -11.39 -20.98 15.28
C ARG B 110 -11.39 -22.47 14.98
N VAL B 111 -12.55 -23.12 14.92
CA VAL B 111 -12.59 -24.53 14.60
C VAL B 111 -12.10 -24.79 13.19
N ALA B 112 -12.09 -23.77 12.33
CA ALA B 112 -11.54 -23.94 11.00
C ALA B 112 -10.08 -24.34 11.05
N ASP B 113 -9.36 -23.94 12.10
CA ASP B 113 -7.96 -24.34 12.23
C ASP B 113 -7.81 -25.83 12.52
N GLN B 114 -8.85 -26.48 13.05
CA GLN B 114 -8.79 -27.90 13.36
C GLN B 114 -9.40 -28.78 12.28
N LEU B 115 -9.87 -28.19 11.18
CA LEU B 115 -10.56 -28.91 10.14
C LEU B 115 -9.77 -28.82 8.84
N TRP B 116 -9.87 -29.86 8.02
CA TRP B 116 -9.31 -29.81 6.68
C TRP B 116 -10.14 -28.86 5.82
N VAL B 117 -9.48 -27.94 5.15
CA VAL B 117 -10.14 -27.05 4.19
C VAL B 117 -9.36 -27.09 2.89
N PRO B 118 -10.00 -26.88 1.74
CA PRO B 118 -9.25 -26.87 0.48
C PRO B 118 -8.21 -25.75 0.47
N ASP B 119 -7.04 -26.07 -0.10
CA ASP B 119 -5.95 -25.12 -0.17
C ASP B 119 -6.04 -24.24 -1.41
N THR B 120 -7.19 -23.59 -1.59
CA THR B 120 -7.40 -22.79 -2.78
C THR B 120 -6.61 -21.49 -2.72
N TYR B 121 -6.29 -20.97 -3.89
CA TYR B 121 -5.54 -19.72 -4.01
C TYR B 121 -5.97 -19.03 -5.30
N PHE B 122 -5.66 -17.75 -5.38
CA PHE B 122 -5.96 -16.96 -6.56
C PHE B 122 -4.65 -16.71 -7.30
N LEU B 123 -4.52 -17.30 -8.49
CA LEU B 123 -3.24 -17.30 -9.18
C LEU B 123 -2.79 -15.89 -9.56
N ASN B 124 -3.73 -14.98 -9.78
CA ASN B 124 -3.40 -13.60 -10.11
C ASN B 124 -3.46 -12.68 -8.91
N ASP B 125 -3.57 -13.23 -7.71
CA ASP B 125 -3.60 -12.41 -6.51
C ASP B 125 -2.22 -11.82 -6.22
N LYS B 126 -2.20 -10.54 -5.89
CA LYS B 126 -0.97 -9.84 -5.51
C LYS B 126 -0.88 -9.60 -4.01
N LYS B 127 -2.00 -9.29 -3.36
CA LYS B 127 -2.01 -9.02 -1.92
C LYS B 127 -3.43 -9.25 -1.42
N SER B 128 -3.60 -10.27 -0.58
CA SER B 128 -4.92 -10.67 -0.10
C SER B 128 -4.90 -10.80 1.42
N PHE B 129 -6.08 -10.64 2.02
CA PHE B 129 -6.20 -10.83 3.46
C PHE B 129 -7.65 -11.09 3.83
N VAL B 130 -7.84 -11.99 4.78
CA VAL B 130 -9.13 -12.16 5.45
C VAL B 130 -9.26 -11.07 6.51
N HIS B 131 -10.43 -10.45 6.58
CA HIS B 131 -10.62 -9.31 7.46
C HIS B 131 -10.46 -9.71 8.93
N GLY B 132 -9.93 -8.78 9.71
CA GLY B 132 -9.47 -9.07 11.05
C GLY B 132 -10.46 -8.82 12.18
N VAL B 133 -11.13 -7.67 12.17
CA VAL B 133 -12.00 -7.30 13.27
C VAL B 133 -13.42 -7.73 12.95
N THR B 134 -14.19 -8.07 13.99
CA THR B 134 -13.80 -8.16 15.39
C THR B 134 -12.93 -9.40 15.62
N VAL B 135 -13.31 -10.50 14.95
CA VAL B 135 -12.52 -11.72 14.93
C VAL B 135 -12.25 -12.08 13.47
N LYS B 136 -11.54 -13.19 13.27
CA LYS B 136 -11.26 -13.64 11.92
C LYS B 136 -12.57 -13.86 11.17
N ASN B 137 -12.73 -13.14 10.06
CA ASN B 137 -13.97 -13.16 9.30
C ASN B 137 -14.09 -14.51 8.59
N ARG B 138 -14.43 -15.53 9.38
CA ARG B 138 -14.62 -16.88 8.88
C ARG B 138 -15.94 -17.43 9.39
N MET B 139 -16.49 -18.37 8.62
CA MET B 139 -17.70 -19.08 9.00
C MET B 139 -17.49 -20.56 8.76
N ILE B 140 -17.83 -21.37 9.77
CA ILE B 140 -17.82 -22.82 9.65
C ILE B 140 -19.20 -23.33 10.02
N ARG B 141 -19.82 -24.09 9.12
CA ARG B 141 -21.16 -24.62 9.36
C ARG B 141 -21.15 -26.09 8.94
N LEU B 142 -21.24 -26.96 9.94
CA LEU B 142 -21.35 -28.39 9.72
C LEU B 142 -22.83 -28.76 9.57
N HIS B 143 -23.15 -29.44 8.48
CA HIS B 143 -24.49 -29.97 8.26
C HIS B 143 -24.52 -31.45 8.60
N PRO B 144 -25.69 -31.99 8.95
CA PRO B 144 -25.75 -33.40 9.36
C PRO B 144 -25.24 -34.38 8.31
N ASP B 145 -25.47 -34.09 7.03
CA ASP B 145 -25.03 -35.00 5.98
C ASP B 145 -23.52 -35.05 5.84
N GLY B 146 -22.80 -34.15 6.50
CA GLY B 146 -21.36 -34.05 6.38
C GLY B 146 -20.90 -32.85 5.58
N THR B 147 -21.82 -32.13 4.96
CA THR B 147 -21.45 -30.95 4.18
C THR B 147 -20.84 -29.89 5.08
N VAL B 148 -19.76 -29.28 4.60
CA VAL B 148 -19.08 -28.22 5.33
C VAL B 148 -19.23 -26.97 4.49
N LEU B 149 -19.92 -25.97 5.05
CA LEU B 149 -20.00 -24.63 4.48
C LEU B 149 -18.92 -23.78 5.16
N TYR B 150 -17.89 -23.43 4.41
CA TYR B 150 -16.75 -22.67 4.90
C TYR B 150 -16.69 -21.36 4.14
N GLY B 151 -16.88 -20.25 4.85
CA GLY B 151 -16.94 -18.94 4.23
C GLY B 151 -15.86 -18.02 4.74
N LEU B 152 -15.35 -17.17 3.85
CA LEU B 152 -14.36 -16.17 4.22
C LEU B 152 -14.76 -14.82 3.64
N ARG B 153 -14.38 -13.75 4.33
CA ARG B 153 -14.48 -12.40 3.76
C ARG B 153 -13.08 -11.98 3.34
N ILE B 154 -12.82 -12.00 2.04
CA ILE B 154 -11.48 -11.87 1.50
C ILE B 154 -11.41 -10.56 0.72
N THR B 155 -10.38 -9.77 1.01
CA THR B 155 -10.02 -8.61 0.21
C THR B 155 -8.74 -8.96 -0.54
N THR B 156 -8.86 -9.12 -1.85
CA THR B 156 -7.75 -9.55 -2.70
C THR B 156 -7.47 -8.51 -3.77
N THR B 157 -6.20 -8.16 -3.93
CA THR B 157 -5.78 -7.25 -5.00
C THR B 157 -5.35 -8.10 -6.19
N ALA B 158 -6.33 -8.52 -6.98
CA ALA B 158 -6.06 -9.43 -8.08
C ALA B 158 -5.44 -8.67 -9.27
N ALA B 159 -4.52 -9.33 -9.94
CA ALA B 159 -3.84 -8.71 -11.08
C ALA B 159 -4.68 -8.82 -12.33
N CYS B 160 -4.87 -7.69 -13.02
CA CYS B 160 -5.61 -7.64 -14.27
C CYS B 160 -4.78 -6.86 -15.29
N MET B 161 -4.19 -7.58 -16.24
CA MET B 161 -3.37 -6.94 -17.27
C MET B 161 -4.30 -6.32 -18.30
N MET B 162 -4.30 -5.00 -18.37
CA MET B 162 -5.26 -4.25 -19.17
C MET B 162 -4.65 -3.80 -20.48
N ASP B 163 -5.46 -3.84 -21.54
CA ASP B 163 -5.06 -3.36 -22.87
C ASP B 163 -5.63 -1.96 -23.04
N LEU B 164 -4.78 -0.95 -22.87
CA LEU B 164 -5.19 0.45 -22.90
C LEU B 164 -5.09 1.06 -24.30
N ARG B 165 -5.15 0.23 -25.35
CA ARG B 165 -5.00 0.77 -26.70
C ARG B 165 -6.14 1.70 -27.06
N ARG B 166 -7.37 1.37 -26.64
CA ARG B 166 -8.53 2.21 -26.87
C ARG B 166 -8.91 3.03 -25.65
N TYR B 167 -8.04 3.11 -24.66
CA TYR B 167 -8.32 3.87 -23.45
C TYR B 167 -8.56 5.33 -23.80
N PRO B 168 -9.57 5.99 -23.21
CA PRO B 168 -10.48 5.50 -22.16
C PRO B 168 -11.72 4.79 -22.69
N LEU B 169 -11.88 4.60 -23.99
CA LEU B 169 -13.06 3.95 -24.55
C LEU B 169 -12.84 2.45 -24.67
N ASP B 170 -12.50 1.79 -23.57
CA ASP B 170 -12.05 0.40 -23.60
C ASP B 170 -12.88 -0.45 -22.65
N GLU B 171 -13.04 -1.72 -23.01
CA GLU B 171 -13.62 -2.72 -22.14
C GLU B 171 -12.52 -3.63 -21.62
N GLN B 172 -12.47 -3.79 -20.30
CA GLN B 172 -11.42 -4.57 -19.65
C GLN B 172 -12.00 -5.87 -19.11
N ASN B 173 -11.37 -6.98 -19.45
CA ASN B 173 -11.79 -8.32 -19.04
C ASN B 173 -10.85 -8.71 -17.90
N CYS B 174 -11.30 -8.50 -16.67
CA CYS B 174 -10.51 -8.80 -15.48
C CYS B 174 -11.00 -10.08 -14.85
N THR B 175 -10.07 -10.92 -14.40
CA THR B 175 -10.42 -12.27 -13.98
C THR B 175 -9.91 -12.54 -12.56
N LEU B 176 -10.58 -13.49 -11.91
CA LEU B 176 -10.11 -14.10 -10.67
C LEU B 176 -9.98 -15.60 -10.95
N GLU B 177 -8.80 -16.14 -10.66
CA GLU B 177 -8.45 -17.53 -10.99
C GLU B 177 -8.34 -18.33 -9.70
N ILE B 178 -9.44 -18.93 -9.28
CA ILE B 178 -9.43 -19.81 -8.11
C ILE B 178 -8.89 -21.16 -8.54
N GLU B 179 -7.89 -21.65 -7.81
CA GLU B 179 -7.27 -22.92 -8.18
C GLU B 179 -6.80 -23.63 -6.92
N SER B 180 -6.78 -24.96 -6.98
CA SER B 180 -6.24 -25.77 -5.89
C SER B 180 -4.74 -25.91 -6.09
N TYR B 181 -3.97 -25.50 -5.09
CA TYR B 181 -2.52 -25.46 -5.26
C TYR B 181 -1.91 -26.86 -5.23
N GLY B 182 -2.25 -27.66 -4.22
CA GLY B 182 -1.56 -28.91 -4.02
C GLY B 182 -2.27 -30.13 -4.53
N TYR B 183 -3.59 -30.07 -4.66
CA TYR B 183 -4.41 -31.22 -5.02
C TYR B 183 -4.75 -31.15 -6.50
N THR B 184 -4.43 -32.21 -7.23
CA THR B 184 -4.74 -32.30 -8.65
C THR B 184 -6.19 -32.70 -8.85
N THR B 185 -6.59 -32.82 -10.12
CA THR B 185 -7.96 -33.22 -10.42
C THR B 185 -8.25 -34.64 -9.97
N ASP B 186 -7.23 -35.43 -9.66
CA ASP B 186 -7.42 -36.75 -9.08
C ASP B 186 -7.68 -36.69 -7.59
N ASP B 187 -7.59 -35.50 -6.98
CA ASP B 187 -7.81 -35.34 -5.54
C ASP B 187 -8.83 -34.26 -5.19
N ILE B 188 -9.26 -33.44 -6.14
CA ILE B 188 -10.22 -32.37 -5.85
C ILE B 188 -10.88 -31.91 -7.13
N GLU B 189 -12.13 -31.46 -7.04
CA GLU B 189 -12.86 -30.91 -8.17
C GLU B 189 -13.55 -29.63 -7.73
N PHE B 190 -13.60 -28.66 -8.65
CA PHE B 190 -14.27 -27.40 -8.41
C PHE B 190 -15.49 -27.28 -9.30
N TYR B 191 -16.54 -26.65 -8.78
CA TYR B 191 -17.72 -26.35 -9.57
C TYR B 191 -18.45 -25.17 -8.94
N TRP B 192 -19.03 -24.33 -9.79
CA TRP B 192 -19.82 -23.20 -9.30
C TRP B 192 -21.12 -23.73 -8.70
N ARG B 193 -21.20 -23.73 -7.37
CA ARG B 193 -22.38 -24.22 -6.70
C ARG B 193 -23.57 -23.34 -7.00
N GLY B 194 -24.54 -23.87 -7.75
CA GLY B 194 -25.65 -23.09 -8.23
C GLY B 194 -25.54 -22.64 -9.67
N ASP B 195 -24.48 -23.06 -10.37
CA ASP B 195 -24.26 -22.75 -11.79
C ASP B 195 -24.15 -21.24 -11.94
N ASP B 196 -24.86 -20.61 -12.88
CA ASP B 196 -24.72 -19.17 -13.10
C ASP B 196 -25.16 -18.35 -11.91
N ASN B 197 -25.89 -18.94 -10.96
CA ASN B 197 -26.32 -18.25 -9.76
C ASN B 197 -25.30 -18.33 -8.62
N ALA B 198 -24.12 -18.90 -8.88
CA ALA B 198 -23.12 -19.01 -7.84
C ALA B 198 -22.60 -17.64 -7.40
N VAL B 199 -22.38 -16.74 -8.36
CA VAL B 199 -21.87 -15.40 -8.08
C VAL B 199 -23.04 -14.43 -8.07
N THR B 200 -23.12 -13.62 -7.02
CA THR B 200 -24.21 -12.68 -6.85
C THR B 200 -23.64 -11.33 -6.43
N GLY B 201 -24.48 -10.31 -6.47
CA GLY B 201 -24.10 -8.98 -6.03
C GLY B 201 -23.32 -8.16 -7.03
N VAL B 202 -23.08 -8.68 -8.23
CA VAL B 202 -22.29 -7.94 -9.22
C VAL B 202 -23.06 -6.72 -9.72
N THR B 203 -24.38 -6.84 -9.85
CA THR B 203 -25.18 -5.73 -10.36
C THR B 203 -25.19 -4.56 -9.38
N LYS B 204 -25.27 -4.85 -8.08
CA LYS B 204 -25.29 -3.79 -7.07
C LYS B 204 -23.97 -3.04 -6.97
N ILE B 205 -22.90 -3.55 -7.58
CA ILE B 205 -21.61 -2.86 -7.52
C ILE B 205 -21.70 -1.55 -8.30
N GLU B 206 -21.14 -0.49 -7.71
CA GLU B 206 -21.17 0.85 -8.30
C GLU B 206 -19.75 1.37 -8.37
N LEU B 207 -19.04 1.04 -9.44
CA LEU B 207 -17.72 1.57 -9.66
C LEU B 207 -17.80 3.05 -10.03
N PRO B 208 -16.81 3.85 -9.67
CA PRO B 208 -16.85 5.28 -10.00
C PRO B 208 -16.77 5.56 -11.50
N GLN B 209 -15.79 4.96 -12.18
CA GLN B 209 -15.54 5.24 -13.58
C GLN B 209 -15.73 4.01 -14.47
N PHE B 210 -16.36 2.97 -13.96
CA PHE B 210 -16.55 1.73 -14.71
C PHE B 210 -17.99 1.27 -14.61
N SER B 211 -18.42 0.53 -15.64
CA SER B 211 -19.72 -0.14 -15.65
C SER B 211 -19.48 -1.60 -15.94
N ILE B 212 -19.95 -2.47 -15.04
CA ILE B 212 -19.76 -3.91 -15.22
C ILE B 212 -20.87 -4.43 -16.14
N VAL B 213 -20.60 -4.42 -17.44
CA VAL B 213 -21.65 -4.77 -18.41
C VAL B 213 -21.93 -6.27 -18.38
N ASP B 214 -20.94 -7.09 -18.05
CA ASP B 214 -21.13 -8.53 -18.12
C ASP B 214 -20.17 -9.22 -17.16
N TYR B 215 -20.56 -10.42 -16.72
CA TYR B 215 -19.66 -11.28 -15.97
C TYR B 215 -19.94 -12.72 -16.36
N LYS B 216 -18.90 -13.55 -16.31
CA LYS B 216 -18.97 -14.93 -16.77
C LYS B 216 -18.21 -15.83 -15.80
N LEU B 217 -18.65 -17.08 -15.74
CA LEU B 217 -18.06 -18.11 -14.89
C LEU B 217 -17.60 -19.26 -15.77
N ILE B 218 -16.33 -19.65 -15.62
CA ILE B 218 -15.73 -20.69 -16.45
C ILE B 218 -15.10 -21.73 -15.54
N THR B 219 -15.21 -23.00 -15.93
CA THR B 219 -14.55 -24.10 -15.25
C THR B 219 -13.54 -24.74 -16.20
N LYS B 220 -12.28 -24.80 -15.78
CA LYS B 220 -11.18 -25.27 -16.61
C LYS B 220 -10.36 -26.29 -15.85
N LYS B 221 -9.36 -26.84 -16.53
CA LYS B 221 -8.39 -27.79 -15.97
C LYS B 221 -7.02 -27.37 -16.48
N VAL B 222 -6.30 -26.62 -15.67
CA VAL B 222 -5.00 -26.07 -16.06
C VAL B 222 -3.91 -27.09 -15.76
N VAL B 223 -3.05 -27.36 -16.74
CA VAL B 223 -2.02 -28.38 -16.62
C VAL B 223 -0.68 -27.70 -16.39
N PHE B 224 -0.03 -28.03 -15.27
CA PHE B 224 1.32 -27.64 -14.96
C PHE B 224 2.20 -28.89 -14.95
N SER B 225 3.52 -28.66 -14.82
CA SER B 225 4.46 -29.78 -14.83
C SER B 225 4.20 -30.75 -13.70
N THR B 226 3.53 -30.30 -12.63
CA THR B 226 3.23 -31.16 -11.50
C THR B 226 1.92 -31.93 -11.66
N GLY B 227 1.10 -31.58 -12.63
CA GLY B 227 -0.15 -32.29 -12.86
C GLY B 227 -1.23 -31.34 -13.33
N SER B 228 -2.45 -31.86 -13.41
CA SER B 228 -3.60 -31.10 -13.87
C SER B 228 -4.43 -30.68 -12.67
N TYR B 229 -4.71 -29.39 -12.58
CA TYR B 229 -5.42 -28.84 -11.44
C TYR B 229 -6.74 -28.21 -11.88
N PRO B 230 -7.78 -28.30 -11.07
CA PRO B 230 -9.04 -27.64 -11.41
C PRO B 230 -8.91 -26.14 -11.32
N ARG B 231 -9.74 -25.43 -12.08
CA ARG B 231 -9.66 -23.98 -12.13
C ARG B 231 -11.05 -23.40 -12.28
N LEU B 232 -11.34 -22.34 -11.53
CA LEU B 232 -12.54 -21.55 -11.70
C LEU B 232 -12.13 -20.14 -12.06
N SER B 233 -12.67 -19.64 -13.18
CA SER B 233 -12.36 -18.31 -13.66
C SER B 233 -13.61 -17.47 -13.56
N LEU B 234 -13.58 -16.45 -12.70
CA LEU B 234 -14.68 -15.49 -12.55
C LEU B 234 -14.23 -14.21 -13.25
N SER B 235 -14.81 -13.94 -14.42
CA SER B 235 -14.35 -12.85 -15.26
C SER B 235 -15.42 -11.76 -15.34
N PHE B 236 -15.04 -10.53 -15.01
CA PHE B 236 -15.88 -9.36 -15.17
C PHE B 236 -15.40 -8.56 -16.38
N LYS B 237 -16.33 -8.20 -17.26
CA LYS B 237 -16.04 -7.34 -18.40
C LYS B 237 -16.50 -5.94 -18.01
N LEU B 238 -15.59 -5.20 -17.38
CA LEU B 238 -15.86 -3.82 -17.01
C LEU B 238 -15.83 -2.93 -18.25
N LYS B 239 -16.73 -1.96 -18.29
CA LYS B 239 -16.75 -0.95 -19.34
C LYS B 239 -16.48 0.41 -18.70
N ARG B 240 -15.49 1.12 -19.22
CA ARG B 240 -15.07 2.38 -18.62
C ARG B 240 -16.04 3.49 -18.97
N ASN B 241 -16.48 4.24 -17.95
CA ASN B 241 -17.33 5.39 -18.17
C ASN B 241 -16.54 6.53 -18.79
N ILE B 242 -17.08 7.11 -19.85
CA ILE B 242 -16.35 8.15 -20.60
C ILE B 242 -16.70 9.56 -20.13
N GLY B 243 -17.72 9.73 -19.28
CA GLY B 243 -18.16 11.07 -18.94
C GLY B 243 -17.09 11.90 -18.24
N TYR B 244 -16.34 11.29 -17.32
CA TYR B 244 -15.30 12.01 -16.61
C TYR B 244 -14.19 12.48 -17.55
N PHE B 245 -13.83 11.64 -18.52
CA PHE B 245 -12.76 12.00 -19.44
C PHE B 245 -13.16 13.10 -20.41
N ILE B 246 -14.46 13.28 -20.65
CA ILE B 246 -14.89 14.47 -21.36
C ILE B 246 -14.61 15.71 -20.53
N LEU B 247 -14.90 15.63 -19.22
CA LEU B 247 -14.71 16.79 -18.35
C LEU B 247 -13.24 17.16 -18.22
N GLN B 248 -12.36 16.17 -18.04
CA GLN B 248 -10.97 16.47 -17.73
C GLN B 248 -10.03 16.36 -18.91
N THR B 249 -10.31 15.49 -19.89
CA THR B 249 -9.36 15.19 -20.94
C THR B 249 -9.77 15.77 -22.29
N TYR B 250 -10.99 15.47 -22.76
CA TYR B 250 -11.36 15.81 -24.13
C TYR B 250 -11.76 17.27 -24.26
N MET B 251 -12.70 17.73 -23.43
CA MET B 251 -13.21 19.08 -23.57
C MET B 251 -12.14 20.16 -23.41
N PRO B 252 -11.22 20.09 -22.44
CA PRO B 252 -10.17 21.13 -22.41
C PRO B 252 -9.33 21.19 -23.66
N SER B 253 -9.00 20.04 -24.27
CA SER B 253 -8.19 20.08 -25.48
C SER B 253 -9.00 20.59 -26.68
N ILE B 254 -10.29 20.26 -26.74
CA ILE B 254 -11.15 20.81 -27.78
C ILE B 254 -11.25 22.32 -27.64
N LEU B 255 -11.41 22.80 -26.40
CA LEU B 255 -11.48 24.23 -26.16
C LEU B 255 -10.16 24.92 -26.53
N ILE B 256 -9.04 24.28 -26.22
CA ILE B 256 -7.75 24.87 -26.58
C ILE B 256 -7.59 24.94 -28.10
N THR B 257 -8.06 23.92 -28.81
CA THR B 257 -8.01 24.00 -30.27
C THR B 257 -8.90 25.12 -30.81
N ILE B 258 -10.10 25.26 -30.26
CA ILE B 258 -10.99 26.34 -30.69
C ILE B 258 -10.36 27.69 -30.38
N LEU B 259 -9.67 27.80 -29.25
CA LEU B 259 -8.94 29.01 -28.90
C LEU B 259 -7.82 29.28 -29.90
N SER B 260 -7.07 28.24 -30.29
CA SER B 260 -6.02 28.41 -31.27
C SER B 260 -6.59 28.88 -32.61
N TRP B 261 -7.84 28.52 -32.90
CA TRP B 261 -8.48 29.03 -34.11
C TRP B 261 -8.69 30.53 -34.08
N VAL B 262 -8.67 31.16 -32.90
CA VAL B 262 -8.90 32.60 -32.82
C VAL B 262 -7.81 33.36 -33.55
N SER B 263 -6.59 32.83 -33.59
CA SER B 263 -5.49 33.52 -34.23
C SER B 263 -5.76 33.78 -35.71
N PHE B 264 -6.60 32.96 -36.34
CA PHE B 264 -6.98 33.21 -37.72
C PHE B 264 -7.80 34.48 -37.88
N TRP B 265 -8.48 34.92 -36.82
CA TRP B 265 -9.32 36.11 -36.86
C TRP B 265 -8.57 37.38 -36.52
N ILE B 266 -7.27 37.28 -36.21
CA ILE B 266 -6.42 38.43 -35.92
C ILE B 266 -5.59 38.73 -37.15
N ASN B 267 -5.46 40.01 -37.48
CA ASN B 267 -4.77 40.41 -38.70
C ASN B 267 -3.30 40.00 -38.64
N TYR B 268 -2.72 39.76 -39.81
CA TYR B 268 -1.38 39.19 -39.89
C TYR B 268 -0.33 40.10 -39.27
N ASP B 269 -0.59 41.41 -39.23
CA ASP B 269 0.40 42.33 -38.68
C ASP B 269 0.62 42.09 -37.19
N ALA B 270 -0.40 41.62 -36.49
CA ALA B 270 -0.31 41.39 -35.04
C ALA B 270 0.53 40.14 -34.80
N SER B 271 1.84 40.30 -34.98
CA SER B 271 2.76 39.18 -34.80
C SER B 271 2.79 38.72 -33.36
N ALA B 272 2.91 39.66 -32.41
CA ALA B 272 3.02 39.29 -31.01
C ALA B 272 1.78 38.53 -30.53
N ALA B 273 0.59 39.03 -30.89
CA ALA B 273 -0.64 38.43 -30.39
C ALA B 273 -0.83 37.03 -30.95
N ARG B 274 -0.72 36.87 -32.27
CA ARG B 274 -0.94 35.57 -32.88
C ARG B 274 0.13 34.57 -32.45
N VAL B 275 1.40 35.01 -32.38
CA VAL B 275 2.45 34.10 -31.96
C VAL B 275 2.25 33.67 -30.51
N ALA B 276 1.89 34.61 -29.63
CA ALA B 276 1.62 34.25 -28.25
C ALA B 276 0.47 33.27 -28.14
N LEU B 277 -0.62 33.52 -28.88
CA LEU B 277 -1.74 32.60 -28.88
C LEU B 277 -1.31 31.21 -29.32
N GLY B 278 -0.56 31.14 -30.42
CA GLY B 278 -0.11 29.87 -30.96
C GLY B 278 0.77 29.10 -30.00
N ILE B 279 1.83 29.74 -29.50
CA ILE B 279 2.78 29.03 -28.64
C ILE B 279 2.14 28.66 -27.32
N THR B 280 1.29 29.54 -26.76
CA THR B 280 0.61 29.19 -25.52
C THR B 280 -0.27 27.96 -25.73
N THR B 281 -1.02 27.93 -26.83
CA THR B 281 -1.88 26.78 -27.06
C THR B 281 -1.07 25.50 -27.28
N VAL B 282 0.00 25.57 -28.08
CA VAL B 282 0.80 24.38 -28.35
C VAL B 282 1.43 23.84 -27.08
N LEU B 283 2.03 24.74 -26.28
CA LEU B 283 2.69 24.32 -25.05
C LEU B 283 1.69 23.76 -24.06
N THR B 284 0.51 24.37 -23.94
CA THR B 284 -0.48 23.82 -23.02
C THR B 284 -0.98 22.46 -23.50
N MET B 285 -1.11 22.27 -24.81
CA MET B 285 -1.51 20.97 -25.33
C MET B 285 -0.49 19.89 -24.97
N THR B 286 0.79 20.15 -25.26
CA THR B 286 1.81 19.14 -24.94
C THR B 286 1.94 18.93 -23.45
N THR B 287 1.75 19.99 -22.65
CA THR B 287 1.76 19.85 -21.20
C THR B 287 0.61 18.99 -20.72
N ILE B 288 -0.57 19.18 -21.28
CA ILE B 288 -1.72 18.35 -20.92
C ILE B 288 -1.43 16.90 -21.24
N ASN B 289 -0.88 16.64 -22.43
CA ASN B 289 -0.59 15.26 -22.81
C ASN B 289 0.42 14.62 -21.85
N THR B 290 1.50 15.33 -21.54
CA THR B 290 2.51 14.78 -20.64
C THR B 290 1.95 14.57 -19.23
N HIS B 291 1.20 15.54 -18.72
CA HIS B 291 0.65 15.41 -17.37
C HIS B 291 -0.31 14.23 -17.26
N LEU B 292 -1.17 14.04 -18.27
CA LEU B 292 -2.07 12.89 -18.25
C LEU B 292 -1.30 11.58 -18.36
N ARG B 293 -0.29 11.52 -19.25
CA ARG B 293 0.40 10.25 -19.45
C ARG B 293 1.32 9.91 -18.29
N GLU B 294 1.74 10.89 -17.49
CA GLU B 294 2.60 10.59 -16.34
C GLU B 294 1.84 9.80 -15.27
N THR B 295 0.55 10.09 -15.09
CA THR B 295 -0.24 9.35 -14.12
C THR B 295 -0.36 7.88 -14.52
N LEU B 296 -0.59 7.62 -15.81
CA LEU B 296 -0.75 6.27 -16.30
C LEU B 296 0.60 5.54 -16.33
N PRO B 297 0.59 4.21 -16.39
CA PRO B 297 1.86 3.47 -16.48
C PRO B 297 2.59 3.77 -17.79
N LYS B 298 3.83 3.32 -17.85
CA LYS B 298 4.70 3.60 -18.99
C LYS B 298 4.49 2.58 -20.10
N ILE B 299 3.25 2.44 -20.55
CA ILE B 299 2.96 1.50 -21.64
C ILE B 299 3.52 2.04 -22.95
N PRO B 300 4.10 1.20 -23.80
CA PRO B 300 4.74 1.70 -25.03
C PRO B 300 3.75 2.15 -26.10
N TYR B 301 2.68 1.40 -26.30
CA TYR B 301 1.77 1.68 -27.39
C TYR B 301 1.03 3.00 -27.19
N VAL B 302 0.35 3.44 -28.24
CA VAL B 302 -0.36 4.71 -28.26
C VAL B 302 -1.83 4.46 -27.98
N LYS B 303 -2.38 5.19 -27.01
CA LYS B 303 -3.75 5.00 -26.59
C LYS B 303 -4.70 5.79 -27.49
N ALA B 304 -6.00 5.70 -27.18
CA ALA B 304 -6.98 6.50 -27.90
C ALA B 304 -6.94 7.96 -27.44
N ILE B 305 -6.77 8.18 -26.14
CA ILE B 305 -6.61 9.54 -25.64
C ILE B 305 -5.34 10.16 -26.20
N ASP B 306 -4.27 9.36 -26.30
CA ASP B 306 -3.05 9.83 -26.96
C ASP B 306 -3.32 10.15 -28.42
N MET B 307 -4.11 9.32 -29.10
CA MET B 307 -4.42 9.58 -30.49
C MET B 307 -5.15 10.91 -30.66
N TYR B 308 -6.13 11.18 -29.81
CA TYR B 308 -6.88 12.42 -29.90
C TYR B 308 -6.00 13.62 -29.55
N LEU B 309 -5.19 13.50 -28.50
CA LEU B 309 -4.33 14.60 -28.11
C LEU B 309 -3.31 14.92 -29.18
N MET B 310 -2.70 13.90 -29.78
CA MET B 310 -1.75 14.15 -30.86
C MET B 310 -2.45 14.73 -32.09
N GLY B 311 -3.66 14.26 -32.38
CA GLY B 311 -4.39 14.84 -33.51
C GLY B 311 -4.68 16.31 -33.31
N CYS B 312 -5.11 16.70 -32.12
CA CYS B 312 -5.38 18.10 -31.85
C CYS B 312 -4.09 18.92 -31.71
N PHE B 313 -2.99 18.29 -31.29
CA PHE B 313 -1.70 18.94 -31.35
C PHE B 313 -1.30 19.23 -32.79
N VAL B 314 -1.65 18.33 -33.71
CA VAL B 314 -1.43 18.60 -35.12
C VAL B 314 -2.19 19.85 -35.54
N PHE B 315 -3.45 19.96 -35.12
CA PHE B 315 -4.27 21.12 -35.51
C PHE B 315 -3.69 22.41 -34.96
N VAL B 316 -3.31 22.43 -33.68
CA VAL B 316 -2.82 23.68 -33.09
C VAL B 316 -1.45 24.05 -33.66
N PHE B 317 -0.58 23.05 -33.86
CA PHE B 317 0.72 23.32 -34.44
C PHE B 317 0.59 23.77 -35.88
N MET B 318 -0.40 23.25 -36.60
CA MET B 318 -0.68 23.72 -37.95
C MET B 318 -1.26 25.13 -37.94
N ALA B 319 -1.99 25.51 -36.90
CA ALA B 319 -2.42 26.91 -36.79
C ALA B 319 -1.22 27.82 -36.62
N LEU B 320 -0.27 27.43 -35.76
CA LEU B 320 0.94 28.23 -35.59
C LEU B 320 1.75 28.29 -36.89
N LEU B 321 1.89 27.15 -37.57
CA LEU B 321 2.58 27.16 -38.86
C LEU B 321 1.79 27.86 -39.95
N GLU B 322 0.47 27.98 -39.82
CA GLU B 322 -0.31 28.77 -40.75
C GLU B 322 0.00 30.25 -40.56
N TYR B 323 0.13 30.70 -39.32
CA TYR B 323 0.59 32.08 -39.13
C TYR B 323 2.01 32.25 -39.66
N ALA B 324 2.86 31.24 -39.45
CA ALA B 324 4.23 31.33 -39.96
C ALA B 324 4.24 31.48 -41.48
N LEU B 325 3.42 30.68 -42.17
CA LEU B 325 3.31 30.79 -43.62
C LEU B 325 2.77 32.15 -44.02
N VAL B 326 1.79 32.66 -43.28
CA VAL B 326 1.23 33.97 -43.58
C VAL B 326 2.32 35.04 -43.49
N ASN B 327 3.10 35.01 -42.42
CA ASN B 327 4.16 35.99 -42.21
C ASN B 327 5.23 35.90 -43.29
N TYR B 328 5.66 34.66 -43.62
CA TYR B 328 6.68 34.49 -44.65
C TYR B 328 6.16 34.96 -46.01
N ILE B 329 4.94 34.58 -46.37
CA ILE B 329 4.39 34.94 -47.67
C ILE B 329 4.25 36.45 -47.78
N PHE B 330 3.89 37.12 -46.68
CA PHE B 330 3.73 38.56 -46.75
C PHE B 330 5.08 39.28 -46.80
N PHE B 331 5.91 39.10 -45.78
CA PHE B 331 7.17 39.85 -45.72
C PHE B 331 8.19 39.31 -46.72
N GLY B 332 8.37 38.00 -46.77
CA GLY B 332 9.34 37.43 -47.68
C GLY B 332 8.84 37.28 -49.11
N THR B 482 -3.79 40.57 -50.39
CA THR B 482 -4.96 39.96 -51.02
C THR B 482 -4.91 38.45 -50.90
N ASP B 483 -3.88 37.85 -51.49
CA ASP B 483 -3.72 36.40 -51.45
C ASP B 483 -3.45 35.92 -50.03
N VAL B 484 -2.70 36.69 -49.24
CA VAL B 484 -2.47 36.29 -47.86
C VAL B 484 -3.77 36.34 -47.07
N ASN B 485 -4.63 37.32 -47.37
CA ASN B 485 -5.97 37.30 -46.79
C ASN B 485 -6.76 36.09 -47.28
N ALA B 486 -6.52 35.66 -48.52
CA ALA B 486 -7.17 34.45 -49.01
C ALA B 486 -6.75 33.23 -48.20
N ILE B 487 -5.45 33.09 -47.92
CA ILE B 487 -4.99 31.97 -47.11
C ILE B 487 -5.59 32.04 -45.72
N ASP B 488 -5.60 33.24 -45.12
CA ASP B 488 -6.12 33.38 -43.76
C ASP B 488 -7.61 33.07 -43.71
N ARG B 489 -8.35 33.52 -44.72
CA ARG B 489 -9.79 33.29 -44.75
C ARG B 489 -10.11 31.81 -45.00
N TRP B 490 -9.38 31.17 -45.91
CA TRP B 490 -9.62 29.75 -46.16
C TRP B 490 -9.31 28.92 -44.93
N SER B 491 -8.23 29.25 -44.23
CA SER B 491 -7.97 28.57 -42.96
C SER B 491 -9.09 28.82 -41.97
N ARG B 492 -9.62 30.05 -41.96
CA ARG B 492 -10.63 30.46 -40.99
C ARG B 492 -11.87 29.56 -41.02
N ILE B 493 -12.15 28.92 -42.15
CA ILE B 493 -13.31 28.05 -42.29
C ILE B 493 -12.92 26.58 -42.41
N PHE B 494 -11.76 26.29 -43.01
CA PHE B 494 -11.37 24.89 -43.20
C PHE B 494 -10.87 24.27 -41.90
N PHE B 495 -10.23 25.03 -41.02
CA PHE B 495 -9.76 24.42 -39.78
C PHE B 495 -10.90 23.86 -38.93
N PRO B 496 -11.98 24.60 -38.65
CA PRO B 496 -13.09 23.96 -37.92
C PRO B 496 -13.73 22.80 -38.68
N VAL B 497 -13.82 22.88 -40.01
CA VAL B 497 -14.44 21.81 -40.77
C VAL B 497 -13.58 20.54 -40.71
N VAL B 498 -12.28 20.69 -40.95
CA VAL B 498 -11.39 19.54 -40.90
C VAL B 498 -11.32 18.97 -39.49
N PHE B 499 -11.36 19.85 -38.47
CA PHE B 499 -11.38 19.35 -37.10
C PHE B 499 -12.66 18.60 -36.80
N SER B 500 -13.79 19.08 -37.31
CA SER B 500 -15.06 18.39 -37.11
C SER B 500 -15.05 17.03 -37.80
N PHE B 501 -14.46 16.95 -39.00
CA PHE B 501 -14.37 15.66 -39.66
C PHE B 501 -13.39 14.72 -38.96
N PHE B 502 -12.33 15.26 -38.37
CA PHE B 502 -11.45 14.45 -37.53
C PHE B 502 -12.21 13.90 -36.34
N ASN B 503 -13.03 14.73 -35.70
CA ASN B 503 -13.86 14.25 -34.61
C ASN B 503 -14.83 13.19 -35.07
N ILE B 504 -15.45 13.38 -36.24
CA ILE B 504 -16.38 12.40 -36.76
C ILE B 504 -15.68 11.05 -36.93
N VAL B 505 -14.54 11.06 -37.61
CA VAL B 505 -13.81 9.81 -37.86
C VAL B 505 -13.39 9.16 -36.55
N TYR B 506 -12.82 9.96 -35.64
CA TYR B 506 -12.30 9.42 -34.38
C TYR B 506 -13.42 8.81 -33.54
N TRP B 507 -14.49 9.56 -33.30
CA TRP B 507 -15.55 9.07 -32.45
C TRP B 507 -16.30 7.91 -33.09
N LEU B 508 -16.48 7.95 -34.42
CA LEU B 508 -17.11 6.82 -35.10
C LEU B 508 -16.26 5.57 -34.98
N TYR B 509 -14.95 5.70 -35.11
CA TYR B 509 -14.07 4.54 -35.00
C TYR B 509 -14.05 4.00 -33.57
N TYR B 510 -14.01 4.87 -32.58
CA TYR B 510 -13.81 4.41 -31.20
C TYR B 510 -15.12 4.15 -30.45
N VAL B 511 -16.14 4.96 -30.67
CA VAL B 511 -17.43 4.71 -30.01
C VAL B 511 -18.20 3.66 -30.78
N ASP C 36 -13.26 -46.64 6.80
CA ASP C 36 -12.15 -46.23 7.65
C ASP C 36 -10.84 -46.31 6.89
N ASN C 37 -10.87 -45.89 5.62
CA ASN C 37 -9.68 -45.91 4.79
C ASN C 37 -8.67 -44.84 5.17
N THR C 38 -9.11 -43.80 5.89
CA THR C 38 -8.21 -42.70 6.23
C THR C 38 -7.19 -43.11 7.29
N THR C 39 -7.59 -43.96 8.24
CA THR C 39 -6.68 -44.36 9.30
C THR C 39 -5.45 -45.09 8.77
N VAL C 40 -5.60 -45.75 7.62
CA VAL C 40 -4.47 -46.49 7.05
C VAL C 40 -3.34 -45.53 6.69
N PHE C 41 -3.66 -44.39 6.10
CA PHE C 41 -2.62 -43.39 5.82
C PHE C 41 -2.28 -42.55 7.04
N THR C 42 -3.19 -42.44 8.00
CA THR C 42 -2.89 -41.70 9.22
C THR C 42 -1.78 -42.39 10.00
N ARG C 43 -1.89 -43.71 10.16
CA ARG C 43 -0.83 -44.44 10.83
C ARG C 43 0.45 -44.46 10.01
N ILE C 44 0.38 -44.34 8.69
CA ILE C 44 1.59 -44.22 7.89
C ILE C 44 2.29 -42.89 8.18
N LEU C 45 1.52 -41.80 8.24
CA LEU C 45 2.12 -40.51 8.56
C LEU C 45 2.72 -40.51 9.97
N ASP C 46 2.02 -41.12 10.94
CA ASP C 46 2.56 -41.20 12.29
C ASP C 46 3.79 -42.10 12.35
N ARG C 47 3.84 -43.15 11.54
CA ARG C 47 5.03 -43.99 11.44
C ARG C 47 6.17 -43.27 10.75
N LEU C 48 5.87 -42.24 9.97
CA LEU C 48 6.92 -41.45 9.34
C LEU C 48 7.48 -40.39 10.29
N LEU C 49 6.64 -39.75 11.09
CA LEU C 49 7.09 -38.62 11.89
C LEU C 49 7.64 -38.99 13.25
N ASP C 50 7.49 -40.24 13.70
CA ASP C 50 7.97 -40.62 15.02
C ASP C 50 9.46 -40.91 14.96
N GLY C 51 10.24 -40.23 15.80
CA GLY C 51 11.68 -40.35 15.77
C GLY C 51 12.37 -39.49 14.74
N TYR C 52 11.62 -38.91 13.81
CA TYR C 52 12.16 -37.99 12.83
C TYR C 52 12.68 -36.74 13.51
N ASP C 53 13.87 -36.30 13.12
CA ASP C 53 14.46 -35.08 13.67
C ASP C 53 14.48 -34.03 12.57
N ASN C 54 13.68 -32.97 12.76
CA ASN C 54 13.59 -31.89 11.79
C ASN C 54 14.88 -31.10 11.66
N ARG C 55 15.77 -31.19 12.64
CA ARG C 55 16.94 -30.34 12.71
C ARG C 55 18.13 -30.86 11.93
N LEU C 56 18.08 -32.09 11.42
CA LEU C 56 19.19 -32.67 10.68
C LEU C 56 18.79 -32.91 9.23
N ARG C 57 19.69 -32.54 8.32
CA ARG C 57 19.46 -32.75 6.89
C ARG C 57 19.51 -34.24 6.57
N PRO C 58 18.87 -34.66 5.47
CA PRO C 58 18.91 -36.07 5.10
C PRO C 58 20.33 -36.54 4.81
N GLY C 59 20.62 -37.77 5.21
CA GLY C 59 21.95 -38.33 5.00
C GLY C 59 23.06 -37.55 5.67
N LEU C 60 22.85 -37.10 6.91
CA LEU C 60 23.86 -36.33 7.60
C LEU C 60 25.02 -37.22 8.00
N GLY C 61 26.24 -36.76 7.70
CA GLY C 61 27.43 -37.49 8.05
C GLY C 61 27.79 -38.63 7.12
N GLU C 62 27.01 -38.86 6.06
CA GLU C 62 27.32 -39.94 5.13
C GLU C 62 27.21 -39.48 3.68
N ARG C 63 26.40 -38.45 3.43
CA ARG C 63 26.11 -38.01 2.08
C ARG C 63 26.14 -36.49 2.02
N VAL C 64 25.96 -35.97 0.81
CA VAL C 64 25.74 -34.54 0.59
C VAL C 64 24.32 -34.40 0.03
N THR C 65 23.50 -33.61 0.70
CA THR C 65 22.09 -33.48 0.33
C THR C 65 21.97 -32.75 -1.00
N GLU C 66 21.53 -33.44 -2.03
CA GLU C 66 21.36 -32.86 -3.35
C GLU C 66 19.90 -32.47 -3.55
N VAL C 67 19.67 -31.19 -3.81
CA VAL C 67 18.33 -30.63 -3.99
C VAL C 67 18.17 -30.24 -5.45
N LYS C 68 17.23 -30.87 -6.14
CA LYS C 68 16.98 -30.59 -7.55
C LYS C 68 15.87 -29.54 -7.63
N THR C 69 16.29 -28.28 -7.66
CA THR C 69 15.36 -27.16 -7.72
C THR C 69 14.90 -26.92 -9.15
N ASP C 70 13.88 -26.07 -9.27
CA ASP C 70 13.25 -25.75 -10.55
C ASP C 70 12.31 -24.57 -10.33
N ILE C 71 12.18 -23.74 -11.36
CA ILE C 71 11.37 -22.54 -11.29
C ILE C 71 10.40 -22.53 -12.46
N PHE C 72 9.13 -22.27 -12.16
CA PHE C 72 8.11 -22.01 -13.18
C PHE C 72 7.57 -20.61 -12.94
N VAL C 73 7.95 -19.68 -13.83
CA VAL C 73 7.60 -18.27 -13.66
C VAL C 73 6.13 -18.11 -14.05
N THR C 74 5.25 -18.02 -13.05
CA THR C 74 3.84 -17.80 -13.34
C THR C 74 3.61 -16.45 -13.99
N SER C 75 4.30 -15.42 -13.50
CA SER C 75 4.18 -14.09 -14.06
C SER C 75 5.43 -13.30 -13.73
N PHE C 76 6.06 -12.73 -14.76
CA PHE C 76 7.23 -11.88 -14.57
C PHE C 76 6.73 -10.48 -14.27
N GLY C 77 6.69 -10.13 -12.99
CA GLY C 77 6.10 -8.89 -12.54
C GLY C 77 6.80 -7.65 -13.05
N PRO C 78 6.27 -6.48 -12.69
CA PRO C 78 6.84 -5.23 -13.21
C PRO C 78 8.24 -4.99 -12.69
N VAL C 79 9.03 -4.28 -13.48
CA VAL C 79 10.40 -3.94 -13.15
C VAL C 79 10.43 -2.49 -12.68
N SER C 80 10.94 -2.28 -11.47
CA SER C 80 11.00 -0.95 -10.86
C SER C 80 12.43 -0.43 -11.01
N ASP C 81 12.65 0.39 -12.04
CA ASP C 81 13.97 0.96 -12.25
C ASP C 81 14.37 1.92 -11.13
N HIS C 82 13.39 2.54 -10.48
CA HIS C 82 13.69 3.45 -9.38
C HIS C 82 14.36 2.70 -8.23
N ASP C 83 13.86 1.52 -7.90
CA ASP C 83 14.42 0.71 -6.82
C ASP C 83 15.50 -0.26 -7.30
N MET C 84 15.77 -0.30 -8.60
CA MET C 84 16.76 -1.21 -9.18
C MET C 84 16.44 -2.65 -8.81
N GLU C 85 15.14 -2.98 -8.80
CA GLU C 85 14.66 -4.31 -8.43
C GLU C 85 13.57 -4.72 -9.39
N TYR C 86 13.18 -5.99 -9.31
CA TYR C 86 12.10 -6.51 -10.13
C TYR C 86 11.34 -7.56 -9.36
N THR C 87 10.04 -7.64 -9.63
CA THR C 87 9.14 -8.58 -8.98
C THR C 87 8.91 -9.77 -9.90
N ILE C 88 8.87 -10.97 -9.32
CA ILE C 88 8.57 -12.14 -10.12
C ILE C 88 7.86 -13.18 -9.27
N ASP C 89 6.71 -13.66 -9.76
CA ASP C 89 5.93 -14.68 -9.09
C ASP C 89 6.25 -16.04 -9.68
N VAL C 90 6.65 -16.99 -8.83
CA VAL C 90 7.16 -18.27 -9.27
C VAL C 90 6.51 -19.39 -8.48
N PHE C 91 6.51 -20.57 -9.11
CA PHE C 91 6.26 -21.84 -8.42
C PHE C 91 7.63 -22.46 -8.17
N PHE C 92 8.27 -22.03 -7.09
CA PHE C 92 9.60 -22.50 -6.74
C PHE C 92 9.50 -23.94 -6.25
N ARG C 93 9.91 -24.89 -7.08
CA ARG C 93 9.88 -26.29 -6.74
C ARG C 93 11.26 -26.76 -6.31
N GLN C 94 11.30 -27.58 -5.26
CA GLN C 94 12.52 -28.24 -4.84
C GLN C 94 12.23 -29.72 -4.69
N SER C 95 13.23 -30.55 -4.94
CA SER C 95 13.07 -31.99 -4.82
C SER C 95 14.33 -32.59 -4.25
N TRP C 96 14.18 -33.50 -3.30
CA TRP C 96 15.36 -34.09 -2.68
C TRP C 96 15.03 -35.44 -2.08
N LYS C 97 16.07 -36.25 -1.90
CA LYS C 97 15.90 -37.59 -1.36
C LYS C 97 16.04 -37.57 0.16
N ASP C 98 15.10 -38.21 0.84
CA ASP C 98 15.13 -38.34 2.29
C ASP C 98 14.75 -39.77 2.63
N GLU C 99 15.75 -40.57 3.02
CA GLU C 99 15.52 -41.98 3.31
C GLU C 99 14.61 -42.18 4.51
N ARG C 100 14.57 -41.22 5.42
CA ARG C 100 13.70 -41.33 6.59
C ARG C 100 12.24 -41.35 6.18
N LEU C 101 11.87 -40.54 5.19
CA LEU C 101 10.49 -40.47 4.70
C LEU C 101 10.23 -41.50 3.61
N LYS C 102 10.53 -42.76 3.89
CA LYS C 102 10.32 -43.87 2.98
C LYS C 102 9.21 -44.75 3.53
N PHE C 103 8.21 -45.05 2.69
CA PHE C 103 7.04 -45.79 3.14
C PHE C 103 6.63 -46.76 2.04
N LYS C 104 5.61 -47.57 2.34
CA LYS C 104 5.05 -48.51 1.40
C LYS C 104 3.61 -48.79 1.80
N GLY C 105 2.67 -48.37 0.96
CA GLY C 105 1.26 -48.51 1.27
C GLY C 105 0.40 -48.65 0.03
N PRO C 106 -0.91 -48.44 0.18
CA PRO C 106 -1.81 -48.55 -0.97
C PRO C 106 -1.48 -47.58 -2.10
N MET C 107 -0.97 -46.40 -1.78
CA MET C 107 -0.65 -45.39 -2.78
C MET C 107 0.85 -45.20 -2.85
N THR C 108 1.33 -44.83 -4.04
CA THR C 108 2.76 -44.65 -4.26
C THR C 108 3.26 -43.26 -3.86
N VAL C 109 2.45 -42.22 -4.06
CA VAL C 109 2.84 -40.86 -3.74
C VAL C 109 1.80 -40.27 -2.79
N LEU C 110 2.27 -39.66 -1.71
CA LEU C 110 1.40 -38.99 -0.74
C LEU C 110 1.43 -37.50 -1.04
N ARG C 111 0.33 -37.00 -1.62
CA ARG C 111 0.12 -35.57 -1.79
C ARG C 111 -0.50 -35.01 -0.52
N LEU C 112 0.21 -34.08 0.13
CA LEU C 112 -0.21 -33.51 1.40
C LEU C 112 -0.20 -31.99 1.30
N ASN C 113 -0.39 -31.34 2.45
CA ASN C 113 -0.42 -29.89 2.55
C ASN C 113 0.81 -29.39 3.31
N ASN C 114 0.83 -28.08 3.55
CA ASN C 114 1.99 -27.46 4.18
C ASN C 114 2.22 -27.95 5.61
N LEU C 115 1.18 -28.49 6.26
CA LEU C 115 1.33 -28.94 7.64
C LEU C 115 2.41 -30.02 7.75
N MET C 116 2.45 -30.93 6.79
CA MET C 116 3.53 -31.91 6.75
C MET C 116 4.85 -31.27 6.33
N ALA C 117 4.80 -30.21 5.52
CA ALA C 117 6.03 -29.54 5.12
C ALA C 117 6.74 -28.92 6.31
N SER C 118 5.98 -28.34 7.24
CA SER C 118 6.57 -27.77 8.44
C SER C 118 7.11 -28.83 9.38
N LYS C 119 6.60 -30.06 9.31
CA LYS C 119 6.99 -31.12 10.23
C LYS C 119 8.26 -31.84 9.80
N ILE C 120 8.74 -31.64 8.57
CA ILE C 120 9.89 -32.37 8.05
C ILE C 120 10.94 -31.39 7.59
N TRP C 121 12.17 -31.89 7.45
CA TRP C 121 13.28 -31.06 7.02
C TRP C 121 13.07 -30.62 5.58
N THR C 122 13.21 -29.33 5.34
CA THR C 122 13.22 -28.75 4.01
C THR C 122 14.43 -27.84 3.89
N PRO C 123 15.00 -27.72 2.69
CA PRO C 123 16.19 -26.87 2.53
C PRO C 123 15.87 -25.42 2.88
N ASP C 124 16.84 -24.76 3.51
CA ASP C 124 16.69 -23.36 3.88
C ASP C 124 17.11 -22.44 2.73
N THR C 125 16.53 -22.68 1.57
CA THR C 125 16.89 -21.91 0.38
C THR C 125 16.44 -20.46 0.54
N PHE C 126 17.36 -19.55 0.22
CA PHE C 126 17.06 -18.13 0.21
C PHE C 126 17.68 -17.52 -1.03
N PHE C 127 17.13 -16.38 -1.44
CA PHE C 127 17.59 -15.68 -2.62
C PHE C 127 18.64 -14.67 -2.21
N HIS C 128 19.82 -14.77 -2.82
CA HIS C 128 20.95 -13.93 -2.42
C HIS C 128 20.65 -12.45 -2.66
N ASN C 129 20.01 -12.13 -3.78
CA ASN C 129 19.65 -10.75 -4.09
C ASN C 129 18.17 -10.47 -3.84
N GLY C 130 17.50 -11.29 -3.04
CA GLY C 130 16.12 -11.03 -2.72
C GLY C 130 15.95 -9.84 -1.81
N LYS C 131 14.83 -9.15 -1.96
CA LYS C 131 14.54 -7.95 -1.17
C LYS C 131 13.04 -7.92 -0.89
N LYS C 132 12.65 -8.29 0.33
CA LYS C 132 11.26 -8.23 0.77
C LYS C 132 10.37 -9.09 -0.12
N SER C 133 10.62 -10.40 -0.09
CA SER C 133 9.76 -11.36 -0.75
C SER C 133 8.64 -11.77 0.19
N VAL C 134 7.57 -12.33 -0.40
CA VAL C 134 6.41 -12.78 0.36
C VAL C 134 6.03 -14.17 -0.10
N ALA C 135 5.78 -15.07 0.85
CA ALA C 135 5.20 -16.37 0.57
C ALA C 135 3.69 -16.26 0.74
N HIS C 136 2.95 -16.46 -0.34
CA HIS C 136 1.51 -16.21 -0.32
C HIS C 136 0.82 -17.19 0.62
N ASN C 137 -0.23 -16.70 1.29
CA ASN C 137 -0.91 -17.46 2.32
C ASN C 137 -2.42 -17.58 2.12
N MET C 138 -2.99 -16.93 1.11
CA MET C 138 -4.41 -16.99 0.84
C MET C 138 -4.69 -18.05 -0.22
N THR C 139 -5.65 -18.93 0.06
CA THR C 139 -6.44 -19.06 1.28
C THR C 139 -5.63 -19.74 2.38
N MET C 140 -4.87 -20.75 1.99
CA MET C 140 -4.01 -21.50 2.89
C MET C 140 -2.56 -21.30 2.45
N PRO C 141 -1.57 -21.74 3.22
CA PRO C 141 -0.18 -21.65 2.75
C PRO C 141 -0.03 -22.28 1.38
N ASN C 142 0.31 -21.46 0.39
CA ASN C 142 0.42 -21.92 -0.99
C ASN C 142 1.69 -22.76 -1.11
N LYS C 143 1.59 -23.99 -0.62
CA LYS C 143 2.67 -24.96 -0.70
C LYS C 143 2.07 -26.32 -0.96
N LEU C 144 2.87 -27.18 -1.59
CA LEU C 144 2.51 -28.58 -1.76
C LEU C 144 3.72 -29.43 -1.41
N LEU C 145 3.44 -30.53 -0.72
CA LEU C 145 4.45 -31.53 -0.38
C LEU C 145 3.98 -32.86 -0.95
N ARG C 146 4.90 -33.59 -1.58
CA ARG C 146 4.57 -34.88 -2.19
C ARG C 146 5.68 -35.85 -1.87
N ILE C 147 5.37 -36.84 -1.02
CA ILE C 147 6.33 -37.85 -0.59
C ILE C 147 6.13 -39.09 -1.44
N THR C 148 7.06 -39.36 -2.35
CA THR C 148 7.03 -40.60 -3.10
C THR C 148 7.50 -41.75 -2.21
N GLU C 149 7.04 -42.96 -2.54
CA GLU C 149 7.31 -44.11 -1.68
C GLU C 149 8.80 -44.41 -1.57
N ASP C 150 9.59 -44.05 -2.58
CA ASP C 150 11.03 -44.29 -2.51
C ASP C 150 11.70 -43.39 -1.47
N GLY C 151 11.15 -42.21 -1.23
CA GLY C 151 11.75 -41.28 -0.30
C GLY C 151 11.92 -39.90 -0.89
N THR C 152 11.73 -39.78 -2.20
CA THR C 152 11.84 -38.49 -2.87
C THR C 152 10.75 -37.56 -2.41
N LEU C 153 11.12 -36.32 -2.12
CA LEU C 153 10.18 -35.27 -1.76
C LEU C 153 10.14 -34.23 -2.86
N LEU C 154 8.91 -33.79 -3.17
CA LEU C 154 8.67 -32.69 -4.09
C LEU C 154 7.92 -31.62 -3.30
N TYR C 155 8.60 -30.51 -3.04
CA TYR C 155 8.14 -29.45 -2.16
C TYR C 155 8.10 -28.16 -2.98
N THR C 156 6.90 -27.78 -3.41
CA THR C 156 6.70 -26.60 -4.24
C THR C 156 6.04 -25.50 -3.43
N MET C 157 6.49 -24.26 -3.64
CA MET C 157 5.88 -23.13 -2.96
C MET C 157 5.68 -22.00 -3.95
N ARG C 158 4.61 -21.24 -3.76
CA ARG C 158 4.31 -20.09 -4.61
C ARG C 158 4.89 -18.85 -3.94
N LEU C 159 5.78 -18.16 -4.65
CA LEU C 159 6.50 -17.03 -4.09
C LEU C 159 6.33 -15.82 -4.99
N THR C 160 6.44 -14.64 -4.38
CA THR C 160 6.53 -13.37 -5.10
C THR C 160 7.85 -12.75 -4.64
N VAL C 161 8.93 -13.08 -5.33
CA VAL C 161 10.25 -12.65 -4.93
C VAL C 161 10.58 -11.33 -5.63
N ARG C 162 10.97 -10.34 -4.84
CA ARG C 162 11.39 -9.03 -5.36
C ARG C 162 12.91 -8.99 -5.34
N ALA C 163 13.51 -9.47 -6.41
CA ALA C 163 14.95 -9.60 -6.47
C ALA C 163 15.58 -8.27 -6.88
N GLU C 164 16.82 -8.08 -6.44
CA GLU C 164 17.56 -6.86 -6.74
C GLU C 164 18.27 -7.02 -8.08
N CYS C 165 18.02 -6.09 -8.99
CA CYS C 165 18.59 -6.11 -10.34
C CYS C 165 19.41 -4.84 -10.55
N PRO C 166 20.71 -4.88 -10.29
CA PRO C 166 21.55 -3.69 -10.56
C PRO C 166 21.60 -3.40 -12.04
N MET C 167 21.16 -2.21 -12.41
CA MET C 167 21.06 -1.80 -13.81
C MET C 167 22.11 -0.72 -14.10
N HIS C 168 22.81 -0.89 -15.22
CA HIS C 168 23.69 0.14 -15.74
C HIS C 168 22.89 0.90 -16.80
N LEU C 169 22.35 2.05 -16.41
CA LEU C 169 21.51 2.85 -17.31
C LEU C 169 22.36 3.82 -18.13
N GLU C 170 23.40 3.29 -18.77
CA GLU C 170 24.26 4.13 -19.60
C GLU C 170 23.62 4.43 -20.95
N ASP C 171 22.89 3.47 -21.50
CA ASP C 171 22.24 3.59 -22.80
C ASP C 171 20.73 3.77 -22.69
N PHE C 172 20.26 4.20 -21.52
CA PHE C 172 18.83 4.39 -21.31
C PHE C 172 18.29 5.42 -22.30
N PRO C 173 17.12 5.20 -22.90
CA PRO C 173 16.22 4.05 -22.74
C PRO C 173 16.49 2.89 -23.70
N MET C 174 17.49 2.98 -24.59
CA MET C 174 17.82 1.86 -25.48
C MET C 174 18.83 0.94 -24.80
N ASP C 175 18.37 0.32 -23.72
CA ASP C 175 19.23 -0.48 -22.85
C ASP C 175 18.61 -1.83 -22.58
N ALA C 176 19.47 -2.82 -22.36
CA ALA C 176 19.07 -4.18 -22.00
C ALA C 176 19.79 -4.59 -20.74
N HIS C 177 19.06 -5.26 -19.84
CA HIS C 177 19.60 -5.65 -18.55
C HIS C 177 19.40 -7.13 -18.32
N ALA C 178 20.42 -7.77 -17.76
CA ALA C 178 20.35 -9.19 -17.42
C ALA C 178 20.07 -9.26 -15.92
N CYS C 179 18.79 -9.22 -15.56
CA CYS C 179 18.42 -9.19 -14.15
C CYS C 179 18.66 -10.56 -13.54
N PRO C 180 19.47 -10.67 -12.50
CA PRO C 180 19.81 -11.98 -11.94
C PRO C 180 18.83 -12.42 -10.86
N LEU C 181 18.85 -13.72 -10.60
CA LEU C 181 18.11 -14.35 -9.50
C LEU C 181 18.99 -15.50 -9.03
N LYS C 182 19.70 -15.26 -7.93
CA LYS C 182 20.60 -16.24 -7.34
C LYS C 182 20.00 -16.75 -6.04
N PHE C 183 20.04 -18.06 -5.86
CA PHE C 183 19.51 -18.64 -4.63
C PHE C 183 20.37 -19.80 -4.18
N GLY C 184 20.28 -20.10 -2.89
CA GLY C 184 21.07 -21.18 -2.33
C GLY C 184 20.78 -21.33 -0.86
N SER C 185 21.39 -22.36 -0.27
CA SER C 185 21.22 -22.60 1.16
C SER C 185 21.94 -21.53 1.96
N TYR C 186 21.35 -21.19 3.11
CA TYR C 186 21.94 -20.18 3.98
C TYR C 186 22.90 -20.78 5.00
N ALA C 187 22.48 -21.83 5.69
CA ALA C 187 23.26 -22.39 6.78
C ALA C 187 24.16 -23.54 6.37
N TYR C 188 23.92 -24.14 5.21
CA TYR C 188 24.63 -25.35 4.80
C TYR C 188 25.61 -25.02 3.68
N THR C 189 26.86 -25.43 3.87
CA THR C 189 27.91 -25.15 2.90
C THR C 189 27.83 -26.13 1.73
N ARG C 190 28.76 -25.97 0.79
CA ARG C 190 28.81 -26.85 -0.37
C ARG C 190 29.07 -28.30 0.01
N ALA C 191 29.72 -28.55 1.15
CA ALA C 191 30.01 -29.90 1.58
C ALA C 191 28.82 -30.60 2.22
N GLU C 192 27.70 -29.90 2.40
CA GLU C 192 26.53 -30.47 3.04
C GLU C 192 25.28 -30.42 2.18
N VAL C 193 25.03 -29.31 1.49
CA VAL C 193 23.86 -29.18 0.63
C VAL C 193 24.32 -28.63 -0.72
N VAL C 194 24.01 -29.36 -1.78
CA VAL C 194 24.36 -28.98 -3.15
C VAL C 194 23.07 -28.91 -3.95
N TYR C 195 22.93 -27.88 -4.77
CA TYR C 195 21.75 -27.67 -5.59
C TYR C 195 22.01 -28.08 -7.04
N GLU C 196 20.92 -28.35 -7.75
CA GLU C 196 20.98 -28.91 -9.09
C GLU C 196 19.69 -28.54 -9.80
N TRP C 197 19.71 -28.59 -11.14
CA TRP C 197 18.50 -28.39 -11.92
C TRP C 197 17.88 -29.74 -12.23
N THR C 198 16.58 -29.89 -11.95
CA THR C 198 15.94 -31.18 -12.08
C THR C 198 15.91 -31.67 -13.53
N ARG C 199 15.62 -30.77 -14.47
CA ARG C 199 15.70 -31.05 -15.89
C ARG C 199 17.04 -30.53 -16.42
N GLU C 200 17.17 -30.48 -17.74
CA GLU C 200 18.32 -29.81 -18.32
C GLU C 200 18.35 -28.35 -17.86
N PRO C 201 19.54 -27.78 -17.67
CA PRO C 201 19.60 -26.38 -17.23
C PRO C 201 18.83 -25.43 -18.14
N ALA C 202 18.84 -25.65 -19.45
CA ALA C 202 18.09 -24.80 -20.36
C ALA C 202 16.59 -24.92 -20.13
N ARG C 203 16.11 -26.09 -19.71
CA ARG C 203 14.69 -26.36 -19.58
C ARG C 203 14.23 -26.44 -18.13
N SER C 204 14.93 -25.76 -17.22
CA SER C 204 14.61 -25.82 -15.80
C SER C 204 14.07 -24.50 -15.26
N VAL C 205 13.98 -23.46 -16.07
CA VAL C 205 13.34 -22.20 -15.68
C VAL C 205 12.36 -21.88 -16.79
N VAL C 206 11.10 -22.25 -16.59
CA VAL C 206 10.05 -22.09 -17.60
C VAL C 206 9.20 -20.89 -17.25
N VAL C 207 8.92 -20.05 -18.24
CA VAL C 207 8.10 -18.86 -18.07
C VAL C 207 6.76 -19.12 -18.75
N ALA C 208 5.68 -18.86 -18.03
CA ALA C 208 4.34 -19.03 -18.59
C ALA C 208 4.14 -18.08 -19.77
N GLU C 209 3.38 -18.55 -20.77
CA GLU C 209 3.21 -17.79 -22.00
C GLU C 209 2.54 -16.45 -21.73
N ASP C 210 1.31 -16.48 -21.22
CA ASP C 210 0.56 -15.26 -20.92
C ASP C 210 0.78 -14.81 -19.48
N GLY C 211 2.03 -14.65 -19.10
CA GLY C 211 2.34 -14.29 -17.73
C GLY C 211 3.05 -12.95 -17.61
N SER C 212 3.54 -12.42 -18.72
CA SER C 212 4.31 -11.19 -18.69
C SER C 212 3.46 -10.03 -18.15
N ARG C 213 3.87 -9.49 -17.01
CA ARG C 213 3.28 -8.27 -16.46
C ARG C 213 4.13 -7.05 -16.74
N LEU C 214 5.14 -7.18 -17.61
CA LEU C 214 6.01 -6.06 -17.93
C LEU C 214 5.27 -5.02 -18.76
N ASN C 215 5.47 -3.76 -18.43
CA ASN C 215 4.92 -2.64 -19.21
C ASN C 215 5.93 -2.09 -20.20
N GLN C 216 7.10 -1.68 -19.71
CA GLN C 216 8.13 -1.07 -20.54
C GLN C 216 9.35 -1.97 -20.71
N TYR C 217 9.14 -3.29 -20.71
CA TYR C 217 10.25 -4.21 -20.88
C TYR C 217 9.78 -5.41 -21.69
N ASP C 218 10.74 -6.12 -22.27
CA ASP C 218 10.47 -7.28 -23.10
C ASP C 218 11.38 -8.41 -22.64
N LEU C 219 10.79 -9.49 -22.14
CA LEU C 219 11.55 -10.63 -21.64
C LEU C 219 12.04 -11.43 -22.84
N LEU C 220 13.28 -11.18 -23.25
CA LEU C 220 13.85 -11.91 -24.38
C LEU C 220 14.03 -13.39 -24.05
N GLY C 221 14.49 -13.71 -22.85
CA GLY C 221 14.74 -15.08 -22.48
C GLY C 221 15.42 -15.15 -21.13
N GLN C 222 15.87 -16.35 -20.79
CA GLN C 222 16.58 -16.57 -19.54
C GLN C 222 17.70 -17.59 -19.74
N THR C 223 18.78 -17.42 -18.99
CA THR C 223 19.91 -18.34 -19.01
C THR C 223 20.33 -18.66 -17.59
N VAL C 224 20.64 -19.93 -17.33
CA VAL C 224 20.92 -20.37 -15.97
C VAL C 224 22.37 -20.83 -15.88
N ASP C 225 22.86 -20.92 -14.63
CA ASP C 225 24.20 -21.37 -14.34
C ASP C 225 24.28 -21.75 -12.87
N SER C 226 25.35 -22.46 -12.53
CA SER C 226 25.62 -22.87 -11.16
C SER C 226 27.04 -22.47 -10.79
N GLY C 227 27.23 -22.03 -9.56
CA GLY C 227 28.54 -21.58 -9.12
C GLY C 227 28.74 -21.71 -7.63
N ILE C 228 29.83 -21.12 -7.13
CA ILE C 228 30.19 -21.19 -5.72
C ILE C 228 30.48 -19.79 -5.21
N VAL C 229 29.99 -19.48 -4.01
CA VAL C 229 30.27 -18.24 -3.32
C VAL C 229 31.23 -18.53 -2.18
N GLN C 230 32.36 -17.84 -2.18
CA GLN C 230 33.32 -17.92 -1.09
C GLN C 230 32.91 -16.99 0.04
N SER C 231 33.09 -17.45 1.27
CA SER C 231 32.75 -16.65 2.43
C SER C 231 33.62 -17.06 3.60
N SER C 232 33.75 -16.16 4.58
CA SER C 232 34.41 -16.52 5.82
C SER C 232 33.65 -17.62 6.54
N THR C 233 32.33 -17.71 6.32
CA THR C 233 31.54 -18.76 6.93
C THR C 233 31.76 -20.09 6.22
N GLY C 234 31.94 -20.08 4.91
CA GLY C 234 32.17 -21.29 4.16
C GLY C 234 31.94 -21.07 2.68
N GLU C 235 31.98 -22.18 1.95
CA GLU C 235 31.73 -22.19 0.51
C GLU C 235 30.29 -22.65 0.27
N TYR C 236 29.53 -21.84 -0.48
CA TYR C 236 28.11 -22.10 -0.65
C TYR C 236 27.77 -22.22 -2.13
N VAL C 237 27.05 -23.28 -2.48
CA VAL C 237 26.63 -23.48 -3.86
C VAL C 237 25.49 -22.52 -4.18
N VAL C 238 25.54 -21.90 -5.35
CA VAL C 238 24.60 -20.88 -5.76
C VAL C 238 24.03 -21.24 -7.12
N MET C 239 22.71 -21.18 -7.26
CA MET C 239 22.05 -21.35 -8.56
C MET C 239 21.64 -19.97 -9.05
N THR C 240 22.17 -19.57 -10.20
CA THR C 240 21.90 -18.26 -10.77
C THR C 240 21.07 -18.41 -12.04
N THR C 241 20.12 -17.51 -12.23
CA THR C 241 19.40 -17.43 -13.49
C THR C 241 19.23 -15.97 -13.86
N HIS C 242 19.64 -15.61 -15.07
CA HIS C 242 19.55 -14.24 -15.56
C HIS C 242 18.40 -14.17 -16.54
N PHE C 243 17.46 -13.26 -16.26
CA PHE C 243 16.39 -12.93 -17.20
C PHE C 243 16.84 -11.72 -18.01
N HIS C 244 16.93 -11.89 -19.33
CA HIS C 244 17.39 -10.82 -20.20
C HIS C 244 16.19 -9.98 -20.63
N LEU C 245 16.14 -8.74 -20.15
CA LEU C 245 15.06 -7.81 -20.45
C LEU C 245 15.57 -6.71 -21.35
N LYS C 246 14.74 -6.28 -22.29
CA LYS C 246 15.04 -5.16 -23.18
C LYS C 246 13.95 -4.13 -23.02
N ARG C 247 14.35 -2.90 -22.69
CA ARG C 247 13.37 -1.84 -22.49
C ARG C 247 12.69 -1.48 -23.79
N LYS C 248 11.37 -1.31 -23.72
CA LYS C 248 10.59 -0.89 -24.88
C LYS C 248 10.61 0.63 -24.97
N ILE C 249 11.20 1.15 -26.03
CA ILE C 249 11.38 2.59 -26.18
C ILE C 249 10.09 3.31 -26.55
N GLY C 250 9.01 2.57 -26.76
CA GLY C 250 7.79 3.19 -27.28
C GLY C 250 7.25 4.29 -26.38
N TYR C 251 7.25 4.07 -25.07
CA TYR C 251 6.73 5.10 -24.16
C TYR C 251 7.56 6.37 -24.21
N PHE C 252 8.88 6.23 -24.21
CA PHE C 252 9.75 7.40 -24.15
C PHE C 252 9.81 8.15 -25.48
N VAL C 253 9.46 7.49 -26.59
CA VAL C 253 9.41 8.18 -27.87
C VAL C 253 8.32 9.25 -27.85
N ILE C 254 7.14 8.91 -27.33
CA ILE C 254 6.01 9.82 -27.31
C ILE C 254 5.89 10.58 -26.00
N GLN C 255 6.86 10.45 -25.11
CA GLN C 255 6.86 11.16 -23.85
C GLN C 255 7.98 12.17 -23.72
N THR C 256 9.18 11.84 -24.20
CA THR C 256 10.30 12.77 -24.19
C THR C 256 10.88 13.05 -25.57
N TYR C 257 11.02 12.03 -26.41
CA TYR C 257 11.66 12.24 -27.71
C TYR C 257 10.79 13.09 -28.62
N LEU C 258 9.52 12.76 -28.74
CA LEU C 258 8.62 13.58 -29.55
C LEU C 258 8.47 14.99 -29.02
N PRO C 259 8.26 15.22 -27.72
CA PRO C 259 8.25 16.61 -27.24
C PRO C 259 9.55 17.34 -27.52
N CYS C 260 10.70 16.68 -27.39
CA CYS C 260 11.97 17.36 -27.66
C CYS C 260 12.09 17.74 -29.12
N ILE C 261 11.71 16.84 -30.03
CA ILE C 261 11.82 17.12 -31.46
C ILE C 261 10.84 18.21 -31.87
N MET C 262 9.61 18.17 -31.34
CA MET C 262 8.67 19.21 -31.67
C MET C 262 9.10 20.55 -31.07
N THR C 263 9.75 20.54 -29.91
CA THR C 263 10.24 21.78 -29.32
C THR C 263 11.36 22.37 -30.17
N VAL C 264 12.30 21.56 -30.62
CA VAL C 264 13.40 22.11 -31.42
C VAL C 264 12.88 22.59 -32.78
N ILE C 265 11.91 21.87 -33.37
CA ILE C 265 11.30 22.36 -34.61
C ILE C 265 10.55 23.66 -34.36
N LEU C 266 9.86 23.76 -33.21
CA LEU C 266 9.17 24.99 -32.84
C LEU C 266 10.15 26.15 -32.71
N SER C 267 11.31 25.91 -32.10
CA SER C 267 12.31 26.96 -31.98
C SER C 267 12.85 27.35 -33.35
N GLN C 268 13.03 26.38 -34.25
CA GLN C 268 13.48 26.66 -35.60
C GLN C 268 12.40 27.30 -36.47
N VAL C 269 11.15 27.32 -35.99
CA VAL C 269 10.11 28.05 -36.70
C VAL C 269 10.42 29.54 -36.69
N SER C 270 11.15 30.01 -35.68
CA SER C 270 11.43 31.43 -35.53
C SER C 270 12.34 31.97 -36.63
N PHE C 271 13.01 31.08 -37.38
CA PHE C 271 13.85 31.53 -38.48
C PHE C 271 13.04 32.02 -39.67
N TRP C 272 11.75 31.69 -39.72
CA TRP C 272 10.88 32.12 -40.81
C TRP C 272 10.10 33.38 -40.49
N LEU C 273 9.95 33.71 -39.21
CA LEU C 273 9.35 34.97 -38.83
C LEU C 273 10.28 36.12 -39.19
N ASN C 274 9.69 37.25 -39.56
CA ASN C 274 10.48 38.41 -39.96
C ASN C 274 11.32 38.90 -38.79
N ARG C 275 12.52 39.38 -39.10
CA ARG C 275 13.43 39.87 -38.06
C ARG C 275 12.86 41.06 -37.32
N GLU C 276 12.00 41.84 -37.97
CA GLU C 276 11.47 43.05 -37.34
C GLU C 276 10.51 42.74 -36.21
N SER C 277 9.98 41.53 -36.13
CA SER C 277 9.05 41.15 -35.06
C SER C 277 9.88 40.61 -33.90
N VAL C 278 10.32 41.51 -33.03
CA VAL C 278 11.20 41.15 -31.92
C VAL C 278 10.44 40.41 -30.83
N PRO C 279 9.30 40.91 -30.33
CA PRO C 279 8.61 40.16 -29.25
C PRO C 279 8.22 38.76 -29.64
N ALA C 280 7.79 38.54 -30.89
CA ALA C 280 7.32 37.22 -31.29
C ALA C 280 8.45 36.20 -31.26
N ARG C 281 9.61 36.56 -31.83
CA ARG C 281 10.73 35.61 -31.85
C ARG C 281 11.38 35.49 -30.49
N THR C 282 11.38 36.56 -29.69
CA THR C 282 11.91 36.47 -28.34
C THR C 282 11.09 35.52 -27.49
N VAL C 283 9.76 35.64 -27.55
CA VAL C 283 8.94 34.68 -26.81
C VAL C 283 9.07 33.29 -27.41
N PHE C 284 9.25 33.20 -28.75
CA PHE C 284 9.48 31.92 -29.39
C PHE C 284 10.69 31.22 -28.78
N GLY C 285 11.77 31.95 -28.57
CA GLY C 285 12.97 31.37 -28.03
C GLY C 285 12.89 31.06 -26.54
N VAL C 286 12.43 32.03 -25.75
CA VAL C 286 12.44 31.83 -24.30
C VAL C 286 11.45 30.75 -23.90
N THR C 287 10.29 30.67 -24.56
CA THR C 287 9.33 29.64 -24.21
C THR C 287 9.86 28.25 -24.57
N THR C 288 10.63 28.15 -25.66
CA THR C 288 11.22 26.87 -26.04
C THR C 288 12.32 26.44 -25.08
N VAL C 289 13.15 27.38 -24.64
CA VAL C 289 14.21 27.04 -23.69
C VAL C 289 13.60 26.62 -22.35
N LEU C 290 12.59 27.35 -21.89
CA LEU C 290 11.93 26.96 -20.64
C LEU C 290 11.26 25.59 -20.79
N THR C 291 10.65 25.32 -21.95
CA THR C 291 10.09 23.99 -22.20
C THR C 291 11.17 22.93 -22.17
N MET C 292 12.35 23.24 -22.71
CA MET C 292 13.46 22.29 -22.69
C MET C 292 13.90 21.98 -21.27
N THR C 293 14.01 23.01 -20.42
CA THR C 293 14.36 22.78 -19.03
C THR C 293 13.34 21.91 -18.32
N THR C 294 12.05 22.20 -18.54
CA THR C 294 11.00 21.37 -17.95
C THR C 294 11.08 19.95 -18.45
N LEU C 295 11.35 19.77 -19.74
CA LEU C 295 11.46 18.43 -20.30
C LEU C 295 12.61 17.66 -19.67
N SER C 296 13.76 18.31 -19.49
CA SER C 296 14.90 17.64 -18.88
C SER C 296 14.59 17.22 -17.46
N ILE C 297 14.00 18.13 -16.67
CA ILE C 297 13.69 17.82 -15.28
C ILE C 297 12.66 16.71 -15.18
N SER C 298 11.61 16.76 -16.01
CA SER C 298 10.61 15.71 -16.01
C SER C 298 11.10 14.41 -16.63
N ALA C 299 12.22 14.43 -17.34
CA ALA C 299 12.81 13.20 -17.86
C ALA C 299 13.74 12.54 -16.86
N ARG C 300 14.37 13.33 -15.98
CA ARG C 300 15.23 12.72 -14.97
C ARG C 300 14.43 11.96 -13.92
N ASN C 301 13.22 12.43 -13.58
CA ASN C 301 12.45 11.80 -12.52
C ASN C 301 12.02 10.37 -12.87
N SER C 302 12.04 10.02 -14.16
CA SER C 302 11.68 8.65 -14.56
C SER C 302 12.74 7.64 -14.16
N LEU C 303 13.88 8.07 -13.68
CA LEU C 303 14.98 7.20 -13.28
C LEU C 303 15.45 7.58 -11.88
N PRO C 304 16.11 6.65 -11.19
CA PRO C 304 16.76 7.02 -9.93
C PRO C 304 17.96 7.91 -10.19
N LYS C 305 18.46 8.51 -9.13
CA LYS C 305 19.67 9.31 -9.23
C LYS C 305 20.82 8.44 -9.71
N VAL C 306 21.66 9.00 -10.59
CA VAL C 306 22.84 8.31 -11.08
C VAL C 306 23.92 9.35 -11.33
N ALA C 307 25.18 8.94 -11.16
CA ALA C 307 26.31 9.82 -11.31
C ALA C 307 26.80 9.90 -12.75
N TYR C 308 25.93 9.58 -13.72
CA TYR C 308 26.30 9.60 -15.12
C TYR C 308 25.11 10.06 -15.95
N ALA C 309 25.39 10.45 -17.18
CA ALA C 309 24.36 10.94 -18.10
C ALA C 309 23.94 9.82 -19.03
N THR C 310 22.63 9.55 -19.05
CA THR C 310 22.07 8.54 -19.94
C THR C 310 22.05 9.06 -21.37
N ALA C 311 21.76 8.16 -22.31
CA ALA C 311 21.59 8.57 -23.71
C ALA C 311 20.41 9.51 -23.88
N MET C 312 19.37 9.35 -23.05
CA MET C 312 18.29 10.32 -23.03
C MET C 312 18.81 11.69 -22.65
N ASP C 313 19.73 11.75 -21.68
CA ASP C 313 20.33 13.02 -21.31
C ASP C 313 21.12 13.62 -22.46
N TRP C 314 21.82 12.78 -23.23
CA TRP C 314 22.58 13.31 -24.37
C TRP C 314 21.66 13.89 -25.44
N PHE C 315 20.58 13.18 -25.77
CA PHE C 315 19.64 13.71 -26.76
C PHE C 315 18.99 15.00 -26.25
N ILE C 316 18.62 15.04 -24.97
CA ILE C 316 18.01 16.24 -24.41
C ILE C 316 19.01 17.39 -24.41
N ALA C 317 20.28 17.10 -24.11
CA ALA C 317 21.30 18.14 -24.09
C ALA C 317 21.53 18.71 -25.48
N VAL C 318 21.56 17.84 -26.50
CA VAL C 318 21.76 18.32 -27.86
C VAL C 318 20.57 19.15 -28.32
N CYS C 319 19.36 18.70 -28.01
CA CYS C 319 18.17 19.51 -28.33
C CYS C 319 18.19 20.83 -27.57
N TYR C 320 18.70 20.83 -26.35
CA TYR C 320 18.86 22.06 -25.58
C TYR C 320 19.88 22.99 -26.25
N ALA C 321 20.96 22.42 -26.79
CA ALA C 321 21.92 23.22 -27.54
C ALA C 321 21.27 23.80 -28.79
N PHE C 322 20.42 23.03 -29.46
CA PHE C 322 19.75 23.54 -30.66
C PHE C 322 18.82 24.70 -30.31
N VAL C 323 18.01 24.56 -29.26
CA VAL C 323 17.08 25.64 -28.93
C VAL C 323 17.83 26.85 -28.37
N PHE C 324 18.87 26.63 -27.58
CA PHE C 324 19.66 27.73 -27.06
C PHE C 324 20.40 28.44 -28.19
N SER C 325 20.87 27.68 -29.18
CA SER C 325 21.49 28.29 -30.35
C SER C 325 20.47 29.03 -31.21
N ALA C 326 19.22 28.56 -31.23
CA ALA C 326 18.18 29.33 -31.91
C ALA C 326 17.98 30.69 -31.24
N LEU C 327 17.96 30.69 -29.90
CA LEU C 327 17.88 31.96 -29.18
C LEU C 327 19.11 32.84 -29.45
N ILE C 328 20.29 32.25 -29.42
CA ILE C 328 21.52 33.00 -29.70
C ILE C 328 21.50 33.56 -31.13
N GLU C 329 20.99 32.77 -32.07
CA GLU C 329 20.91 33.21 -33.45
C GLU C 329 19.95 34.38 -33.61
N PHE C 330 18.80 34.32 -32.92
CA PHE C 330 17.91 35.46 -32.97
C PHE C 330 18.56 36.68 -32.35
N ALA C 331 19.32 36.51 -31.27
CA ALA C 331 20.03 37.64 -30.68
C ALA C 331 21.06 38.20 -31.67
N THR C 332 21.72 37.33 -32.42
CA THR C 332 22.69 37.77 -33.42
C THR C 332 22.00 38.56 -34.53
N VAL C 333 20.82 38.10 -34.98
CA VAL C 333 20.06 38.85 -35.97
C VAL C 333 19.61 40.19 -35.38
N ASN C 334 19.19 40.18 -34.12
CA ASN C 334 18.72 41.41 -33.47
C ASN C 334 19.82 42.43 -33.35
N TYR C 335 21.06 41.99 -33.21
CA TYR C 335 22.17 42.94 -33.16
C TYR C 335 22.29 43.72 -34.45
N PHE C 336 22.04 43.08 -35.59
CA PHE C 336 22.14 43.74 -36.89
C PHE C 336 20.80 44.24 -37.42
N THR C 337 19.72 44.11 -36.64
CA THR C 337 18.43 44.64 -37.06
C THR C 337 18.44 46.16 -36.92
N LYS C 338 18.82 46.85 -38.00
CA LYS C 338 19.04 48.30 -37.92
C LYS C 338 17.73 49.05 -37.71
N ARG C 339 16.65 48.62 -38.35
CA ARG C 339 15.38 49.34 -38.30
C ARG C 339 14.36 48.56 -37.48
N GLY C 340 13.47 49.30 -36.82
CA GLY C 340 12.43 48.69 -36.01
C GLY C 340 11.16 48.40 -36.78
N TYR C 341 10.81 49.28 -37.71
CA TYR C 341 9.62 49.10 -38.52
C TYR C 341 9.83 47.99 -39.55
N ALA C 342 8.75 47.30 -39.90
CA ALA C 342 8.80 46.17 -40.80
C ALA C 342 8.47 46.61 -42.23
N TRP C 343 8.46 45.64 -43.14
CA TRP C 343 8.15 45.92 -44.54
C TRP C 343 6.71 46.42 -44.68
N ASP C 344 6.53 47.37 -45.59
CA ASP C 344 5.21 47.93 -45.89
C ASP C 344 4.92 47.69 -47.36
N GLY C 345 3.73 47.17 -47.66
CA GLY C 345 3.35 46.86 -49.02
C GLY C 345 3.20 48.08 -49.91
N LYS C 410 12.65 55.32 -48.79
CA LYS C 410 12.54 54.64 -47.52
C LYS C 410 13.02 53.19 -47.64
N THR C 411 13.87 52.77 -46.70
CA THR C 411 14.45 51.45 -46.71
C THR C 411 13.73 50.54 -45.72
N PHE C 412 13.83 49.23 -45.98
CA PHE C 412 13.24 48.22 -45.11
C PHE C 412 14.27 47.13 -44.86
N ASN C 413 14.23 46.55 -43.66
CA ASN C 413 15.20 45.54 -43.27
C ASN C 413 15.08 44.29 -44.15
N SER C 414 16.09 44.04 -44.97
CA SER C 414 16.15 42.80 -45.72
C SER C 414 16.31 41.62 -44.76
N VAL C 415 15.80 40.46 -45.18
CA VAL C 415 15.92 39.28 -44.34
C VAL C 415 17.39 38.95 -44.13
N SER C 416 17.77 38.72 -42.89
CA SER C 416 19.17 38.57 -42.54
C SER C 416 19.75 37.32 -43.19
N LYS C 417 21.00 37.42 -43.64
CA LYS C 417 21.71 36.25 -44.15
C LYS C 417 21.82 35.19 -43.06
N ILE C 418 21.84 35.60 -41.79
CA ILE C 418 21.87 34.63 -40.70
C ILE C 418 20.59 33.79 -40.72
N ASP C 419 19.44 34.44 -40.84
CA ASP C 419 18.18 33.71 -40.92
C ASP C 419 18.13 32.81 -42.14
N ARG C 420 18.46 33.37 -43.30
CA ARG C 420 18.35 32.63 -44.55
C ARG C 420 19.25 31.41 -44.54
N LEU C 421 20.46 31.52 -43.95
CA LEU C 421 21.32 30.36 -43.86
C LEU C 421 20.86 29.39 -42.79
N SER C 422 20.35 29.90 -41.67
CA SER C 422 19.91 29.03 -40.59
C SER C 422 18.72 28.18 -40.99
N ARG C 423 17.86 28.68 -41.88
CA ARG C 423 16.67 27.93 -42.27
C ARG C 423 17.04 26.59 -42.89
N ILE C 424 18.23 26.48 -43.47
CA ILE C 424 18.73 25.20 -43.95
C ILE C 424 19.69 24.57 -42.95
N ALA C 425 20.54 25.37 -42.32
CA ALA C 425 21.60 24.83 -41.47
C ALA C 425 21.04 24.11 -40.25
N PHE C 426 20.06 24.71 -39.57
CA PHE C 426 19.55 24.09 -38.35
C PHE C 426 18.83 22.77 -38.60
N PRO C 427 17.80 22.70 -39.44
CA PRO C 427 17.14 21.40 -39.65
C PRO C 427 18.06 20.34 -40.23
N LEU C 428 18.93 20.71 -41.16
CA LEU C 428 19.82 19.72 -41.78
C LEU C 428 20.80 19.16 -40.76
N LEU C 429 21.41 20.04 -39.96
CA LEU C 429 22.34 19.58 -38.93
C LEU C 429 21.61 18.77 -37.86
N PHE C 430 20.39 19.17 -37.51
CA PHE C 430 19.60 18.40 -36.55
C PHE C 430 19.26 17.02 -37.10
N GLY C 431 18.94 16.94 -38.39
CA GLY C 431 18.67 15.64 -38.99
C GLY C 431 19.91 14.76 -39.03
N ILE C 432 21.07 15.36 -39.32
CA ILE C 432 22.31 14.61 -39.28
C ILE C 432 22.58 14.10 -37.87
N PHE C 433 22.30 14.93 -36.85
CA PHE C 433 22.44 14.49 -35.47
C PHE C 433 21.48 13.35 -35.16
N ASN C 434 20.25 13.44 -35.65
CA ASN C 434 19.29 12.35 -35.43
C ASN C 434 19.79 11.06 -36.04
N LEU C 435 20.31 11.14 -37.28
CA LEU C 435 20.89 9.97 -37.92
C LEU C 435 22.00 9.37 -37.07
N VAL C 436 22.94 10.22 -36.62
CA VAL C 436 24.09 9.73 -35.86
C VAL C 436 23.62 9.08 -34.57
N TYR C 437 22.72 9.76 -33.84
CA TYR C 437 22.29 9.27 -32.54
C TYR C 437 21.53 7.95 -32.66
N TRP C 438 20.53 7.90 -33.55
CA TRP C 438 19.71 6.70 -33.65
C TRP C 438 20.50 5.55 -34.24
N ALA C 439 21.37 5.81 -35.22
CA ALA C 439 22.22 4.76 -35.76
C ALA C 439 23.18 4.23 -34.71
N THR C 440 23.75 5.13 -33.90
CA THR C 440 24.69 4.71 -32.86
C THR C 440 24.01 3.85 -31.81
N TYR C 441 22.79 4.21 -31.39
CA TYR C 441 22.21 3.53 -30.25
C TYR C 441 21.33 2.34 -30.62
N LEU C 442 20.61 2.42 -31.74
CA LEU C 442 19.67 1.35 -32.08
C LEU C 442 20.41 0.06 -32.45
N ASN C 443 21.53 0.17 -33.16
CA ASN C 443 22.25 -1.00 -33.63
C ASN C 443 23.26 -1.53 -32.63
N ARG C 444 23.38 -0.91 -31.45
CA ARG C 444 24.35 -1.36 -30.47
C ARG C 444 24.04 -2.78 -30.00
N GLU C 445 25.10 -3.55 -29.77
CA GLU C 445 24.96 -4.94 -29.37
C GLU C 445 24.70 -5.07 -27.87
N GLY D 63 20.10 -41.22 15.29
CA GLY D 63 21.46 -40.90 14.90
C GLY D 63 22.33 -40.48 16.06
N ASP D 64 23.61 -40.24 15.78
CA ASP D 64 24.55 -39.81 16.81
C ASP D 64 24.48 -38.31 17.06
N VAL D 65 23.82 -37.54 16.21
CA VAL D 65 23.72 -36.10 16.39
C VAL D 65 22.43 -35.72 17.10
N THR D 66 21.34 -36.44 16.85
CA THR D 66 20.09 -36.12 17.52
C THR D 66 20.20 -36.32 19.02
N VAL D 67 20.93 -37.34 19.46
CA VAL D 67 21.12 -37.56 20.89
C VAL D 67 21.93 -36.43 21.49
N ILE D 68 22.89 -35.88 20.74
CA ILE D 68 23.68 -34.77 21.25
C ILE D 68 22.79 -33.55 21.48
N LEU D 69 21.92 -33.24 20.51
CA LEU D 69 21.01 -32.11 20.68
C LEU D 69 20.04 -32.34 21.83
N ASN D 70 19.52 -33.57 21.96
CA ASN D 70 18.60 -33.86 23.06
C ASN D 70 19.29 -33.71 24.41
N ASN D 71 20.54 -34.16 24.52
CA ASN D 71 21.29 -33.97 25.75
C ASN D 71 21.56 -32.50 26.02
N LEU D 72 21.89 -31.74 24.97
CA LEU D 72 22.19 -30.32 25.15
C LEU D 72 20.96 -29.56 25.64
N LEU D 73 19.80 -29.82 25.06
CA LEU D 73 18.60 -29.08 25.43
C LEU D 73 17.92 -29.63 26.67
N GLU D 74 18.31 -30.81 27.15
CA GLU D 74 17.72 -31.36 28.36
C GLU D 74 18.17 -30.55 29.57
N GLY D 75 17.19 -30.11 30.37
CA GLY D 75 17.51 -29.28 31.53
C GLY D 75 18.16 -27.97 31.16
N TYR D 76 17.78 -27.39 30.03
CA TYR D 76 18.36 -26.15 29.53
C TYR D 76 17.39 -25.01 29.77
N ASP D 77 17.78 -24.04 30.58
CA ASP D 77 16.93 -22.89 30.88
C ASP D 77 17.21 -21.82 29.83
N ASN D 78 16.29 -21.69 28.88
CA ASN D 78 16.45 -20.72 27.80
C ASN D 78 16.42 -19.28 28.28
N LYS D 79 15.83 -19.02 29.44
CA LYS D 79 15.66 -17.66 29.93
C LYS D 79 16.90 -17.08 30.58
N LEU D 80 17.91 -17.90 30.87
CA LEU D 80 19.10 -17.46 31.60
C LEU D 80 20.27 -17.33 30.65
N ARG D 81 20.96 -16.19 30.72
CA ARG D 81 22.15 -15.98 29.92
C ARG D 81 23.29 -16.84 30.45
N PRO D 82 24.29 -17.14 29.62
CA PRO D 82 25.44 -17.91 30.10
C PRO D 82 26.17 -17.16 31.22
N ASP D 83 26.60 -17.91 32.23
CA ASP D 83 27.37 -17.37 33.34
C ASP D 83 26.62 -16.24 34.06
N ILE D 84 25.32 -16.44 34.26
CA ILE D 84 24.53 -15.42 34.95
C ILE D 84 24.89 -15.43 36.42
N GLY D 85 25.14 -14.24 36.98
CA GLY D 85 25.60 -14.14 38.35
C GLY D 85 27.02 -14.58 38.56
N VAL D 86 27.77 -14.84 37.49
CA VAL D 86 29.15 -15.30 37.60
C VAL D 86 30.09 -14.28 36.97
N LYS D 87 29.90 -14.02 35.68
CA LYS D 87 30.73 -13.07 34.95
C LYS D 87 29.94 -12.57 33.76
N PRO D 88 30.30 -11.41 33.21
CA PRO D 88 29.61 -10.93 32.00
C PRO D 88 29.90 -11.83 30.81
N THR D 89 28.90 -11.97 29.94
CA THR D 89 29.01 -12.81 28.76
C THR D 89 29.64 -12.00 27.63
N LEU D 90 30.86 -12.37 27.24
CA LEU D 90 31.55 -11.71 26.15
C LEU D 90 30.99 -12.19 24.82
N ILE D 91 30.61 -11.25 23.97
CA ILE D 91 30.05 -11.56 22.65
C ILE D 91 30.91 -10.87 21.61
N HIS D 92 31.43 -11.64 20.65
CA HIS D 92 32.20 -11.11 19.54
C HIS D 92 31.30 -11.00 18.32
N THR D 93 31.13 -9.78 17.81
CA THR D 93 30.24 -9.54 16.70
C THR D 93 31.03 -9.19 15.45
N ASP D 94 30.57 -9.68 14.32
CA ASP D 94 31.14 -9.40 13.02
C ASP D 94 30.00 -9.13 12.06
N MET D 95 30.30 -8.42 10.98
CA MET D 95 29.28 -8.09 9.99
C MET D 95 29.81 -8.30 8.59
N TYR D 96 28.92 -8.72 7.69
CA TYR D 96 29.16 -8.64 6.26
C TYR D 96 28.15 -7.65 5.69
N VAL D 97 28.60 -6.45 5.35
CA VAL D 97 27.72 -5.46 4.75
C VAL D 97 27.45 -5.84 3.31
N ASN D 98 26.33 -6.50 3.06
CA ASN D 98 26.00 -6.95 1.71
C ASN D 98 25.80 -5.76 0.78
N SER D 99 25.07 -4.74 1.24
CA SER D 99 24.84 -3.55 0.43
C SER D 99 24.27 -2.41 1.28
N ILE D 100 24.83 -1.21 1.14
CA ILE D 100 24.24 -0.02 1.74
C ILE D 100 23.17 0.49 0.76
N GLY D 101 21.91 0.34 1.13
CA GLY D 101 20.81 0.73 0.28
C GLY D 101 20.71 2.22 0.10
N PRO D 102 19.55 2.69 -0.37
CA PRO D 102 19.40 4.12 -0.65
C PRO D 102 19.49 4.96 0.62
N VAL D 103 20.23 6.06 0.53
CA VAL D 103 20.36 7.01 1.62
C VAL D 103 19.26 8.05 1.45
N ASN D 104 18.22 7.95 2.26
CA ASN D 104 17.07 8.84 2.18
C ASN D 104 17.38 10.11 2.97
N ALA D 105 18.01 11.08 2.29
CA ALA D 105 18.32 12.34 2.94
C ALA D 105 17.06 13.10 3.31
N ILE D 106 15.97 12.88 2.59
CA ILE D 106 14.72 13.55 2.91
C ILE D 106 14.19 13.08 4.26
N ASN D 107 14.21 11.78 4.50
CA ASN D 107 13.71 11.22 5.75
C ASN D 107 14.79 10.98 6.79
N MET D 108 16.04 11.36 6.48
CA MET D 108 17.16 11.23 7.42
C MET D 108 17.34 9.79 7.88
N GLU D 109 17.33 8.87 6.91
CA GLU D 109 17.49 7.45 7.18
C GLU D 109 18.14 6.80 5.98
N TYR D 110 18.73 5.62 6.19
CA TYR D 110 19.33 4.88 5.10
C TYR D 110 19.17 3.39 5.37
N THR D 111 19.04 2.63 4.30
CA THR D 111 18.84 1.19 4.39
C THR D 111 20.18 0.48 4.21
N ILE D 112 20.40 -0.56 5.02
CA ILE D 112 21.60 -1.37 4.92
C ILE D 112 21.22 -2.83 5.08
N ASP D 113 21.73 -3.67 4.20
CA ASP D 113 21.53 -5.11 4.26
C ASP D 113 22.81 -5.73 4.77
N ILE D 114 22.71 -6.51 5.86
CA ILE D 114 23.90 -7.09 6.47
C ILE D 114 23.66 -8.56 6.77
N PHE D 115 24.78 -9.27 6.92
CA PHE D 115 24.85 -10.61 7.51
C PHE D 115 25.52 -10.40 8.87
N PHE D 116 24.69 -10.28 9.91
CA PHE D 116 25.17 -10.00 11.26
C PHE D 116 25.48 -11.30 11.97
N ALA D 117 26.72 -11.46 12.41
CA ALA D 117 27.18 -12.65 13.11
C ALA D 117 27.59 -12.29 14.53
N GLN D 118 27.24 -13.13 15.50
CA GLN D 118 27.68 -12.93 16.87
C GLN D 118 28.00 -14.29 17.47
N THR D 119 29.14 -14.39 18.15
CA THR D 119 29.58 -15.62 18.76
C THR D 119 29.84 -15.40 20.24
N TRP D 120 29.57 -16.44 21.03
CA TRP D 120 29.75 -16.39 22.47
C TRP D 120 29.93 -17.82 22.98
N TYR D 121 30.47 -17.92 24.19
CA TYR D 121 30.69 -19.21 24.82
C TYR D 121 29.55 -19.53 25.79
N ASP D 122 29.05 -20.76 25.69
CA ASP D 122 27.97 -21.23 26.56
C ASP D 122 28.39 -22.59 27.09
N ARG D 123 28.75 -22.65 28.38
CA ARG D 123 29.19 -23.90 28.97
C ARG D 123 28.10 -24.97 28.95
N ARG D 124 26.83 -24.56 28.89
CA ARG D 124 25.75 -25.53 28.78
C ARG D 124 25.81 -26.26 27.43
N LEU D 125 26.18 -25.55 26.39
CA LEU D 125 26.25 -26.11 25.04
C LEU D 125 27.66 -26.57 24.71
N LYS D 126 28.15 -27.55 25.47
CA LYS D 126 29.43 -28.18 25.18
C LYS D 126 29.23 -29.69 25.12
N PHE D 127 29.88 -30.31 24.15
CA PHE D 127 29.72 -31.75 23.92
C PHE D 127 31.03 -32.33 23.43
N ASN D 128 31.33 -33.55 23.86
CA ASN D 128 32.53 -34.25 23.45
C ASN D 128 32.14 -35.47 22.64
N SER D 129 32.63 -35.55 21.41
CA SER D 129 32.34 -36.64 20.50
C SER D 129 33.23 -36.49 19.27
N THR D 130 33.13 -37.42 18.34
CA THR D 130 33.87 -37.31 17.09
C THR D 130 33.41 -36.10 16.28
N ILE D 131 32.14 -35.73 16.40
CA ILE D 131 31.63 -34.57 15.68
C ILE D 131 32.23 -33.31 16.27
N LYS D 132 32.81 -32.47 15.40
CA LYS D 132 33.45 -31.25 15.87
C LYS D 132 32.47 -30.09 16.01
N VAL D 133 31.55 -29.92 15.05
CA VAL D 133 30.61 -28.82 15.09
C VAL D 133 29.21 -29.35 14.80
N LEU D 134 28.22 -28.63 15.31
CA LEU D 134 26.81 -28.86 15.01
C LEU D 134 26.36 -27.67 14.17
N ARG D 135 26.31 -27.88 12.86
CA ARG D 135 25.84 -26.88 11.91
C ARG D 135 24.34 -27.04 11.74
N LEU D 136 23.58 -26.02 12.12
CA LEU D 136 22.13 -26.10 12.20
C LEU D 136 21.49 -24.89 11.53
N ASN D 137 20.25 -25.09 11.11
CA ASN D 137 19.44 -24.07 10.45
C ASN D 137 18.74 -23.21 11.51
N SER D 138 17.75 -22.44 11.08
CA SER D 138 17.03 -21.55 11.98
C SER D 138 16.17 -22.28 12.99
N ASN D 139 16.00 -23.59 12.86
CA ASN D 139 15.10 -24.32 13.76
C ASN D 139 15.58 -24.26 15.20
N MET D 140 16.89 -24.36 15.42
CA MET D 140 17.44 -24.39 16.76
C MET D 140 17.69 -23.01 17.35
N VAL D 141 17.42 -21.94 16.59
CA VAL D 141 17.68 -20.59 17.09
C VAL D 141 16.80 -20.29 18.29
N GLY D 142 15.53 -20.67 18.22
CA GLY D 142 14.61 -20.37 19.31
C GLY D 142 14.69 -21.30 20.50
N LYS D 143 15.51 -22.35 20.42
CA LYS D 143 15.60 -23.31 21.51
C LYS D 143 16.67 -22.97 22.53
N ILE D 144 17.71 -22.23 22.14
CA ILE D 144 18.81 -21.87 23.02
C ILE D 144 18.77 -20.37 23.28
N TRP D 145 19.63 -19.92 24.20
CA TRP D 145 19.68 -18.52 24.57
C TRP D 145 20.40 -17.72 23.49
N ILE D 146 19.73 -16.71 22.95
CA ILE D 146 20.32 -15.81 21.98
C ILE D 146 20.33 -14.41 22.60
N PRO D 147 21.42 -13.65 22.47
CA PRO D 147 21.45 -12.30 23.04
C PRO D 147 20.42 -11.40 22.38
N ASP D 148 19.87 -10.50 23.18
CA ASP D 148 18.81 -9.58 22.71
C ASP D 148 19.44 -8.33 22.09
N THR D 149 20.20 -8.56 21.02
CA THR D 149 20.88 -7.46 20.34
C THR D 149 19.87 -6.70 19.48
N PHE D 150 19.66 -5.44 19.82
CA PHE D 150 18.82 -4.55 19.04
C PHE D 150 19.68 -3.41 18.51
N PHE D 151 19.17 -2.71 17.51
CA PHE D 151 19.89 -1.60 16.89
C PHE D 151 19.29 -0.29 17.36
N ARG D 152 20.11 0.54 18.00
CA ARG D 152 19.61 1.71 18.70
C ARG D 152 19.05 2.76 17.75
N ASN D 153 19.60 2.85 16.54
CA ASN D 153 19.19 3.88 15.59
C ASN D 153 18.42 3.32 14.40
N SER D 154 17.77 2.17 14.57
CA SER D 154 16.99 1.55 13.49
C SER D 154 15.55 2.04 13.56
N LYS D 155 15.13 2.81 12.55
CA LYS D 155 13.72 3.20 12.48
C LYS D 155 12.83 1.97 12.28
N LYS D 156 13.27 1.04 11.44
CA LYS D 156 12.54 -0.20 11.22
C LYS D 156 13.50 -1.22 10.63
N ALA D 157 13.57 -2.41 11.23
CA ALA D 157 14.42 -3.47 10.75
C ALA D 157 13.61 -4.76 10.66
N ASP D 158 14.01 -5.63 9.74
CA ASP D 158 13.31 -6.89 9.55
C ASP D 158 14.27 -7.93 9.03
N ALA D 159 14.18 -9.13 9.59
CA ALA D 159 14.96 -10.26 9.08
C ALA D 159 14.31 -10.81 7.83
N HIS D 160 15.02 -11.70 7.15
CA HIS D 160 14.53 -12.32 5.93
C HIS D 160 13.97 -13.70 6.25
N TRP D 161 12.81 -14.00 5.67
CA TRP D 161 12.07 -15.20 5.99
C TRP D 161 11.75 -16.08 4.79
N ILE D 162 12.10 -15.67 3.58
CA ILE D 162 11.82 -16.43 2.37
C ILE D 162 13.11 -17.09 1.90
N THR D 163 13.06 -18.39 1.64
CA THR D 163 11.90 -19.26 1.79
C THR D 163 11.69 -19.66 3.25
N THR D 164 12.79 -19.79 3.98
CA THR D 164 12.77 -20.10 5.41
C THR D 164 13.47 -18.96 6.14
N PRO D 165 13.40 -18.89 7.47
CA PRO D 165 14.16 -17.84 8.17
C PRO D 165 15.64 -17.91 7.85
N ASN D 166 16.20 -16.77 7.48
CA ASN D 166 17.61 -16.67 7.09
C ASN D 166 18.46 -16.58 8.35
N ARG D 167 18.66 -17.72 8.99
CA ARG D 167 19.46 -17.81 10.21
C ARG D 167 20.35 -19.03 10.13
N MET D 168 21.49 -18.96 10.80
CA MET D 168 22.44 -20.05 10.88
C MET D 168 22.96 -20.14 12.31
N LEU D 169 23.26 -21.37 12.74
CA LEU D 169 23.68 -21.56 14.14
C LEU D 169 24.65 -22.72 14.19
N ARG D 170 25.87 -22.49 14.67
CA ARG D 170 26.88 -23.53 14.76
C ARG D 170 27.41 -23.61 16.18
N ILE D 171 27.55 -24.84 16.67
CA ILE D 171 27.94 -25.09 18.05
C ILE D 171 29.19 -25.96 18.04
N TRP D 172 30.28 -25.45 18.61
CA TRP D 172 31.52 -26.19 18.72
C TRP D 172 31.56 -27.02 19.99
N ASN D 173 32.60 -27.87 20.10
CA ASN D 173 32.75 -28.70 21.29
C ASN D 173 32.99 -27.87 22.54
N ASP D 174 33.86 -26.85 22.44
CA ASP D 174 34.22 -26.07 23.61
C ASP D 174 33.02 -25.31 24.16
N GLY D 175 32.15 -24.82 23.28
CA GLY D 175 30.99 -24.08 23.70
C GLY D 175 30.71 -22.89 22.82
N ARG D 176 31.57 -22.66 21.84
CA ARG D 176 31.36 -21.57 20.89
C ARG D 176 30.01 -21.74 20.20
N VAL D 177 29.26 -20.65 20.11
CA VAL D 177 27.96 -20.63 19.45
C VAL D 177 28.00 -19.48 18.45
N LEU D 178 28.35 -19.79 17.22
CA LEU D 178 28.30 -18.79 16.14
C LEU D 178 26.87 -18.71 15.63
N TYR D 179 26.24 -17.54 15.79
CA TYR D 179 24.86 -17.35 15.38
C TYR D 179 24.82 -16.18 14.41
N THR D 180 24.38 -16.43 13.19
CA THR D 180 24.36 -15.41 12.17
C THR D 180 22.97 -15.30 11.57
N LEU D 181 22.62 -14.10 11.11
CA LEU D 181 21.34 -13.91 10.46
C LEU D 181 21.43 -12.72 9.51
N ARG D 182 20.52 -12.71 8.54
CA ARG D 182 20.48 -11.66 7.53
C ARG D 182 19.44 -10.63 7.93
N LEU D 183 19.82 -9.36 7.89
CA LEU D 183 18.97 -8.27 8.33
C LEU D 183 18.95 -7.17 7.29
N THR D 184 17.85 -6.41 7.28
CA THR D 184 17.67 -5.23 6.45
C THR D 184 17.26 -4.10 7.38
N ILE D 185 18.24 -3.34 7.84
CA ILE D 185 18.04 -2.30 8.84
C ILE D 185 17.84 -0.96 8.14
N ASP D 186 16.75 -0.28 8.49
CA ASP D 186 16.55 1.11 8.06
C ASP D 186 17.11 2.03 9.15
N ALA D 187 18.43 2.11 9.18
CA ALA D 187 19.11 2.86 10.22
C ALA D 187 18.83 4.35 10.08
N GLU D 188 18.90 5.05 11.21
CA GLU D 188 18.66 6.48 11.26
C GLU D 188 20.00 7.20 11.26
N CYS D 189 20.32 7.85 10.15
CA CYS D 189 21.50 8.69 10.03
C CYS D 189 21.08 10.14 10.12
N GLN D 190 21.66 10.87 11.08
CA GLN D 190 21.30 12.26 11.31
C GLN D 190 22.12 13.14 10.37
N LEU D 191 21.69 13.17 9.12
CA LEU D 191 22.39 13.96 8.10
C LEU D 191 22.34 15.44 8.43
N GLN D 192 23.46 16.12 8.26
CA GLN D 192 23.56 17.56 8.48
C GLN D 192 23.93 18.19 7.13
N LEU D 193 22.91 18.54 6.36
CA LEU D 193 23.10 19.05 5.01
C LEU D 193 23.24 20.56 4.99
N HIS D 194 24.17 21.09 5.79
CA HIS D 194 24.44 22.52 5.76
C HIS D 194 25.06 22.95 4.43
N ASN D 195 25.85 22.08 3.82
CA ASN D 195 26.41 22.30 2.48
C ASN D 195 25.93 21.15 1.60
N PHE D 196 25.03 21.44 0.68
CA PHE D 196 24.40 20.47 -0.19
C PHE D 196 24.43 20.97 -1.62
N PRO D 197 24.70 20.08 -2.59
CA PRO D 197 24.95 18.64 -2.47
C PRO D 197 26.43 18.25 -2.39
N MET D 198 27.21 18.87 -1.50
CA MET D 198 28.57 18.43 -1.23
C MET D 198 28.70 17.78 0.14
N ASP D 199 27.58 17.47 0.78
CA ASP D 199 27.61 17.01 2.16
C ASP D 199 28.29 15.64 2.27
N GLU D 200 29.10 15.50 3.31
CA GLU D 200 29.76 14.24 3.65
C GLU D 200 29.26 13.79 5.01
N HIS D 201 28.88 12.51 5.13
CA HIS D 201 28.25 12.02 6.33
C HIS D 201 28.95 10.78 6.85
N SER D 202 29.04 10.67 8.16
CA SER D 202 29.56 9.47 8.82
C SER D 202 28.35 8.80 9.45
N CYS D 203 27.66 7.97 8.68
CA CYS D 203 26.41 7.40 9.14
C CYS D 203 26.69 6.22 10.07
N PRO D 204 26.18 6.23 11.30
CA PRO D 204 26.48 5.17 12.25
C PRO D 204 25.47 4.04 12.18
N LEU D 205 25.80 2.94 12.88
CA LEU D 205 24.89 1.82 13.06
C LEU D 205 25.21 1.22 14.43
N GLU D 206 24.46 1.65 15.44
CA GLU D 206 24.69 1.20 16.80
C GLU D 206 23.88 -0.05 17.10
N PHE D 207 24.37 -0.82 18.06
CA PHE D 207 23.62 -1.98 18.55
C PHE D 207 24.17 -2.38 19.91
N SER D 208 23.28 -2.86 20.76
CA SER D 208 23.64 -3.29 22.11
C SER D 208 22.55 -4.20 22.63
N SER D 209 22.83 -4.87 23.74
CA SER D 209 21.80 -5.65 24.42
C SER D 209 20.75 -4.71 24.98
N TYR D 210 19.48 -5.08 24.80
CA TYR D 210 18.40 -4.19 25.20
C TYR D 210 18.19 -4.18 26.71
N GLY D 211 18.41 -5.30 27.38
CA GLY D 211 18.09 -5.38 28.80
C GLY D 211 19.23 -5.77 29.71
N TYR D 212 20.28 -6.36 29.14
CA TYR D 212 21.41 -6.83 29.95
C TYR D 212 22.44 -5.72 30.10
N PRO D 213 22.71 -5.25 31.31
CA PRO D 213 23.67 -4.15 31.47
C PRO D 213 25.10 -4.56 31.16
N ARG D 214 26.03 -3.61 31.33
CA ARG D 214 27.44 -3.87 31.07
C ARG D 214 27.97 -4.99 31.94
N GLU D 215 27.39 -5.19 33.12
CA GLU D 215 27.84 -6.23 34.03
C GLU D 215 27.34 -7.61 33.64
N GLU D 216 26.49 -7.73 32.62
CA GLU D 216 25.89 -9.01 32.29
C GLU D 216 26.13 -9.42 30.84
N ILE D 217 26.28 -8.44 29.95
CA ILE D 217 26.57 -8.71 28.54
C ILE D 217 27.60 -7.70 28.07
N VAL D 218 28.80 -8.17 27.72
CA VAL D 218 29.85 -7.33 27.18
C VAL D 218 30.06 -7.69 25.71
N TYR D 219 30.16 -6.67 24.87
CA TYR D 219 30.41 -6.85 23.45
C TYR D 219 31.86 -6.54 23.12
N GLN D 220 32.30 -7.02 21.96
CA GLN D 220 33.67 -6.82 21.51
C GLN D 220 33.73 -7.12 20.03
N TRP D 221 34.67 -6.48 19.35
CA TRP D 221 34.85 -6.66 17.91
C TRP D 221 35.90 -7.73 17.66
N LYS D 222 35.55 -8.72 16.85
CA LYS D 222 36.51 -9.73 16.45
C LYS D 222 37.60 -9.09 15.58
N ARG D 223 38.63 -9.87 15.29
CA ARG D 223 39.78 -9.33 14.55
C ARG D 223 39.36 -8.76 13.20
N SER D 224 38.57 -9.52 12.45
CA SER D 224 37.99 -9.01 11.21
C SER D 224 36.99 -7.91 11.56
N SER D 225 37.34 -6.67 11.25
CA SER D 225 36.54 -5.52 11.67
C SER D 225 35.13 -5.59 11.07
N VAL D 226 35.03 -5.44 9.75
CA VAL D 226 33.77 -5.56 9.03
C VAL D 226 34.08 -6.08 7.64
N GLU D 227 33.46 -7.19 7.27
CA GLU D 227 33.69 -7.81 5.96
C GLU D 227 32.79 -7.13 4.93
N VAL D 228 33.15 -5.88 4.62
CA VAL D 228 32.37 -5.10 3.66
C VAL D 228 32.44 -5.75 2.28
N GLY D 229 31.29 -5.86 1.63
CA GLY D 229 31.22 -6.48 0.33
C GLY D 229 31.64 -5.55 -0.79
N ASP D 230 31.56 -6.07 -2.02
CA ASP D 230 31.90 -5.28 -3.19
C ASP D 230 30.89 -4.16 -3.38
N THR D 231 31.39 -2.95 -3.57
CA THR D 231 30.56 -1.75 -3.59
C THR D 231 29.99 -1.44 -4.97
N ARG D 232 30.32 -2.22 -5.99
CA ARG D 232 29.80 -1.96 -7.33
C ARG D 232 28.29 -2.14 -7.38
N SER D 233 27.77 -3.18 -6.72
CA SER D 233 26.36 -3.52 -6.78
C SER D 233 25.51 -2.76 -5.78
N TRP D 234 26.11 -1.90 -4.97
CA TRP D 234 25.35 -1.18 -3.95
C TRP D 234 24.39 -0.18 -4.60
N ARG D 235 23.24 0.00 -3.95
CA ARG D 235 22.26 0.99 -4.37
C ARG D 235 22.64 2.40 -3.94
N LEU D 236 23.88 2.61 -3.51
CA LEU D 236 24.34 3.94 -3.11
C LEU D 236 24.63 4.77 -4.34
N TYR D 237 23.62 5.46 -4.87
CA TYR D 237 23.82 6.32 -6.03
C TYR D 237 24.33 7.69 -5.63
N GLN D 238 23.75 8.29 -4.58
CA GLN D 238 24.11 9.65 -4.20
C GLN D 238 25.55 9.74 -3.74
N PHE D 239 25.96 8.85 -2.85
CA PHE D 239 27.24 8.94 -2.19
C PHE D 239 28.20 7.89 -2.72
N SER D 240 29.43 7.92 -2.19
CA SER D 240 30.42 6.90 -2.45
C SER D 240 30.95 6.42 -1.09
N PHE D 241 30.99 5.10 -0.91
CA PHE D 241 31.45 4.52 0.34
C PHE D 241 32.94 4.76 0.50
N VAL D 242 33.32 5.58 1.48
CA VAL D 242 34.73 5.90 1.69
C VAL D 242 35.39 4.83 2.55
N GLY D 243 34.75 4.43 3.64
CA GLY D 243 35.33 3.43 4.50
C GLY D 243 34.43 3.18 5.70
N LEU D 244 34.93 2.33 6.60
CA LEU D 244 34.21 1.97 7.81
C LEU D 244 35.12 2.14 9.01
N ARG D 245 34.49 2.38 10.17
CA ARG D 245 35.22 2.58 11.40
C ARG D 245 34.35 2.10 12.55
N ASN D 246 34.95 1.42 13.53
CA ASN D 246 34.17 0.85 14.61
C ASN D 246 34.53 1.52 15.94
N THR D 247 33.55 1.56 16.83
CA THR D 247 33.75 2.10 18.17
C THR D 247 32.98 1.24 19.16
N THR D 248 33.41 1.31 20.43
CA THR D 248 32.80 0.53 21.49
C THR D 248 32.84 1.38 22.76
N GLU D 249 31.67 1.86 23.19
CA GLU D 249 31.62 2.78 24.32
C GLU D 249 30.47 2.38 25.24
N VAL D 250 30.61 2.76 26.51
CA VAL D 250 29.64 2.40 27.54
C VAL D 250 28.69 3.59 27.72
N VAL D 251 27.48 3.46 27.21
CA VAL D 251 26.47 4.50 27.36
C VAL D 251 25.72 4.29 28.67
N LYS D 252 25.46 5.39 29.37
CA LYS D 252 24.71 5.36 30.61
C LYS D 252 23.26 5.76 30.34
N THR D 253 22.32 4.97 30.87
CA THR D 253 20.90 5.28 30.75
C THR D 253 20.22 4.88 32.04
N THR D 254 18.89 5.05 32.06
CA THR D 254 18.14 4.84 33.30
C THR D 254 18.13 3.38 33.73
N SER D 255 18.13 2.46 32.76
CA SER D 255 18.09 1.03 33.10
C SER D 255 19.46 0.48 33.49
N GLY D 256 20.53 1.20 33.22
CA GLY D 256 21.86 0.75 33.59
C GLY D 256 22.88 1.27 32.60
N ASP D 257 24.08 0.69 32.69
CA ASP D 257 25.16 0.98 31.76
C ASP D 257 25.21 -0.12 30.70
N TYR D 258 25.22 0.26 29.43
CA TYR D 258 25.20 -0.70 28.35
C TYR D 258 26.37 -0.44 27.41
N VAL D 259 27.04 -1.52 27.01
CA VAL D 259 28.12 -1.41 26.04
C VAL D 259 27.52 -1.37 24.64
N VAL D 260 27.84 -0.32 23.90
CA VAL D 260 27.28 -0.06 22.58
C VAL D 260 28.43 -0.10 21.58
N MET D 261 28.24 -0.86 20.50
CA MET D 261 29.22 -0.99 19.44
C MET D 261 28.63 -0.37 18.18
N SER D 262 29.35 0.59 17.61
CA SER D 262 28.83 1.39 16.50
C SER D 262 29.75 1.29 15.31
N VAL D 263 29.16 1.15 14.12
CA VAL D 263 29.88 1.13 12.86
C VAL D 263 29.54 2.40 12.11
N TYR D 264 30.54 3.23 11.86
CA TYR D 264 30.39 4.44 11.07
C TYR D 264 30.83 4.12 9.65
N PHE D 265 29.90 4.22 8.70
CA PHE D 265 30.21 4.17 7.28
C PHE D 265 30.33 5.61 6.78
N ASP D 266 31.48 5.93 6.18
CA ASP D 266 31.75 7.28 5.71
C ASP D 266 31.34 7.40 4.25
N LEU D 267 30.38 8.28 3.97
CA LEU D 267 29.81 8.46 2.64
C LEU D 267 30.08 9.88 2.17
N SER D 268 30.51 10.01 0.91
CA SER D 268 30.81 11.29 0.29
C SER D 268 29.90 11.47 -0.91
N ARG D 269 29.21 12.60 -0.97
CA ARG D 269 28.19 12.84 -1.98
C ARG D 269 28.82 13.13 -3.35
N ARG D 270 28.11 12.74 -4.40
CA ARG D 270 28.45 13.09 -5.78
C ARG D 270 27.38 14.03 -6.32
N MET D 271 27.81 15.07 -7.03
CA MET D 271 26.92 16.16 -7.43
C MET D 271 26.58 16.14 -8.91
N GLY D 272 26.94 15.08 -9.64
CA GLY D 272 26.72 15.08 -11.09
C GLY D 272 25.25 15.15 -11.45
N TYR D 273 24.44 14.33 -10.79
CA TYR D 273 23.00 14.39 -11.00
C TYR D 273 22.44 15.75 -10.60
N PHE D 274 22.95 16.32 -9.51
CA PHE D 274 22.48 17.64 -9.10
C PHE D 274 22.94 18.73 -10.06
N THR D 275 24.11 18.55 -10.69
CA THR D 275 24.53 19.51 -11.71
C THR D 275 23.60 19.47 -12.91
N ILE D 276 23.36 18.28 -13.45
CA ILE D 276 22.46 18.20 -14.61
C ILE D 276 21.01 18.44 -14.22
N GLN D 277 20.69 18.35 -12.94
CA GLN D 277 19.33 18.49 -12.44
C GLN D 277 19.03 19.93 -12.03
N THR D 278 19.90 20.55 -11.25
CA THR D 278 19.66 21.87 -10.70
C THR D 278 20.64 22.92 -11.20
N TYR D 279 21.95 22.67 -11.08
CA TYR D 279 22.94 23.70 -11.34
C TYR D 279 22.93 24.14 -12.81
N ILE D 280 22.96 23.16 -13.72
CA ILE D 280 22.96 23.50 -15.15
C ILE D 280 21.71 24.27 -15.58
N PRO D 281 20.48 23.85 -15.21
CA PRO D 281 19.31 24.65 -15.61
C PRO D 281 19.35 26.06 -15.07
N CYS D 282 19.86 26.24 -13.84
CA CYS D 282 19.92 27.58 -13.29
C CYS D 282 20.97 28.44 -13.99
N THR D 283 22.10 27.85 -14.37
CA THR D 283 23.07 28.62 -15.13
C THR D 283 22.54 28.98 -16.51
N LEU D 284 21.82 28.06 -17.15
CA LEU D 284 21.26 28.35 -18.46
C LEU D 284 20.20 29.44 -18.38
N ILE D 285 19.35 29.41 -17.35
CA ILE D 285 18.36 30.48 -17.21
C ILE D 285 19.02 31.80 -16.86
N VAL D 286 20.16 31.77 -16.15
CA VAL D 286 20.89 33.00 -15.90
C VAL D 286 21.46 33.55 -17.20
N VAL D 287 21.93 32.67 -18.09
CA VAL D 287 22.37 33.12 -19.40
C VAL D 287 21.18 33.66 -20.21
N LEU D 288 20.00 33.08 -20.01
CA LEU D 288 18.79 33.63 -20.62
C LEU D 288 18.49 35.03 -20.12
N SER D 289 18.74 35.27 -18.84
CA SER D 289 18.62 36.63 -18.30
C SER D 289 19.66 37.54 -18.94
N TRP D 290 20.88 37.02 -19.15
CA TRP D 290 21.94 37.81 -19.74
C TRP D 290 21.59 38.25 -21.15
N VAL D 291 21.03 37.35 -21.95
CA VAL D 291 20.79 37.64 -23.37
C VAL D 291 19.82 38.81 -23.54
N SER D 292 19.09 39.19 -22.50
CA SER D 292 18.18 40.33 -22.58
C SER D 292 18.90 41.61 -22.93
N PHE D 293 20.15 41.75 -22.48
CA PHE D 293 20.90 42.99 -22.73
C PHE D 293 21.16 43.19 -24.21
N TRP D 294 21.48 42.11 -24.94
CA TRP D 294 21.76 42.25 -26.36
C TRP D 294 20.50 42.56 -27.16
N ILE D 295 19.33 42.15 -26.66
CA ILE D 295 18.09 42.55 -27.31
C ILE D 295 17.94 44.05 -27.23
N ASN D 296 17.40 44.65 -28.31
CA ASN D 296 17.29 46.09 -28.38
C ASN D 296 16.43 46.64 -27.23
N LYS D 297 16.88 47.76 -26.66
CA LYS D 297 16.18 48.37 -25.55
C LYS D 297 14.80 48.89 -25.96
N ASP D 298 14.64 49.26 -27.23
CA ASP D 298 13.36 49.80 -27.69
C ASP D 298 12.26 48.75 -27.61
N ALA D 299 12.61 47.46 -27.70
CA ALA D 299 11.63 46.38 -27.65
C ALA D 299 11.20 46.19 -26.19
N VAL D 300 10.26 47.04 -25.76
CA VAL D 300 9.78 46.95 -24.37
C VAL D 300 9.08 45.62 -24.09
N PRO D 301 8.11 45.17 -24.90
CA PRO D 301 7.51 43.85 -24.60
C PRO D 301 8.50 42.71 -24.64
N ALA D 302 9.46 42.74 -25.56
CA ALA D 302 10.43 41.64 -25.65
C ALA D 302 11.31 41.59 -24.40
N ARG D 303 11.86 42.73 -23.99
CA ARG D 303 12.69 42.80 -22.80
C ARG D 303 11.91 42.35 -21.57
N THR D 304 10.72 42.94 -21.37
CA THR D 304 9.92 42.63 -20.20
C THR D 304 9.53 41.16 -20.17
N SER D 305 9.14 40.62 -21.33
CA SER D 305 8.75 39.21 -21.41
C SER D 305 9.92 38.31 -21.06
N LEU D 306 11.10 38.59 -21.60
CA LEU D 306 12.25 37.75 -21.30
C LEU D 306 12.58 37.80 -19.81
N GLY D 307 12.57 38.99 -19.23
CA GLY D 307 12.88 39.11 -17.81
C GLY D 307 11.88 38.39 -16.93
N ILE D 308 10.59 38.57 -17.21
CA ILE D 308 9.57 37.95 -16.36
C ILE D 308 9.59 36.43 -16.52
N THR D 309 9.72 35.93 -17.75
CA THR D 309 9.81 34.48 -17.92
C THR D 309 11.01 33.94 -17.17
N THR D 310 12.13 34.65 -17.23
CA THR D 310 13.34 34.18 -16.57
C THR D 310 13.16 34.12 -15.06
N VAL D 311 12.67 35.21 -14.45
CA VAL D 311 12.59 35.24 -12.99
C VAL D 311 11.50 34.30 -12.48
N LEU D 312 10.39 34.20 -13.19
CA LEU D 312 9.33 33.31 -12.73
C LEU D 312 9.73 31.84 -12.85
N THR D 313 10.35 31.45 -13.97
CA THR D 313 10.83 30.07 -14.02
C THR D 313 11.97 29.84 -13.03
N MET D 314 12.71 30.88 -12.67
CA MET D 314 13.71 30.75 -11.61
C MET D 314 13.04 30.45 -10.27
N THR D 315 11.91 31.12 -10.00
CA THR D 315 11.14 30.81 -8.79
C THR D 315 10.67 29.37 -8.79
N THR D 316 10.17 28.90 -9.95
CA THR D 316 9.71 27.52 -10.05
C THR D 316 10.85 26.53 -9.82
N LEU D 317 12.02 26.82 -10.41
CA LEU D 317 13.19 25.95 -10.24
C LEU D 317 13.65 25.93 -8.80
N SER D 318 13.60 27.08 -8.11
CA SER D 318 13.95 27.11 -6.70
C SER D 318 12.99 26.27 -5.89
N THR D 319 11.70 26.34 -6.21
CA THR D 319 10.71 25.55 -5.49
C THR D 319 10.97 24.05 -5.65
N ILE D 320 11.23 23.60 -6.87
CA ILE D 320 11.46 22.17 -7.06
C ILE D 320 12.78 21.74 -6.42
N ALA D 321 13.81 22.57 -6.52
CA ALA D 321 15.10 22.24 -5.91
C ALA D 321 14.97 22.11 -4.40
N ARG D 322 14.21 23.01 -3.77
CA ARG D 322 13.96 22.88 -2.35
C ARG D 322 13.09 21.67 -2.04
N LYS D 323 12.20 21.29 -2.95
CA LYS D 323 11.41 20.08 -2.77
C LYS D 323 12.30 18.85 -2.72
N SER D 324 13.41 18.87 -3.47
CA SER D 324 14.37 17.77 -3.39
C SER D 324 14.94 17.63 -1.98
N LEU D 325 15.07 18.73 -1.25
CA LEU D 325 15.61 18.73 0.11
C LEU D 325 14.52 18.41 1.14
N PRO D 326 14.92 18.01 2.36
CA PRO D 326 13.93 17.87 3.44
C PRO D 326 13.49 19.22 3.98
N LYS D 327 12.64 19.20 5.00
CA LYS D 327 12.14 20.43 5.62
C LYS D 327 13.06 20.79 6.78
N VAL D 328 14.08 21.60 6.48
CA VAL D 328 15.07 22.02 7.46
C VAL D 328 15.20 23.54 7.39
N SER D 329 15.38 24.17 8.55
CA SER D 329 15.38 25.63 8.64
C SER D 329 16.82 26.15 8.70
N TYR D 330 17.50 26.09 7.55
CA TYR D 330 18.80 26.72 7.38
C TYR D 330 19.13 26.73 5.89
N VAL D 331 19.80 27.79 5.45
CA VAL D 331 20.15 27.92 4.04
C VAL D 331 21.32 27.00 3.71
N THR D 332 21.19 26.25 2.63
CA THR D 332 22.24 25.35 2.17
C THR D 332 22.96 25.95 0.97
N ALA D 333 23.98 25.22 0.49
CA ALA D 333 24.78 25.71 -0.63
C ALA D 333 23.94 25.82 -1.90
N MET D 334 23.09 24.83 -2.16
CA MET D 334 22.18 24.92 -3.31
C MET D 334 21.24 26.10 -3.15
N ASP D 335 20.77 26.33 -1.92
CA ASP D 335 19.93 27.50 -1.66
C ASP D 335 20.71 28.79 -1.91
N LEU D 336 21.99 28.81 -1.54
CA LEU D 336 22.81 30.00 -1.83
C LEU D 336 22.93 30.22 -3.34
N PHE D 337 23.17 29.15 -4.10
CA PHE D 337 23.31 29.30 -5.55
C PHE D 337 22.02 29.79 -6.18
N VAL D 338 20.88 29.20 -5.80
CA VAL D 338 19.62 29.64 -6.38
C VAL D 338 19.30 31.06 -5.95
N SER D 339 19.68 31.45 -4.73
CA SER D 339 19.48 32.84 -4.29
C SER D 339 20.29 33.81 -5.14
N VAL D 340 21.54 33.45 -5.43
CA VAL D 340 22.37 34.31 -6.28
C VAL D 340 21.79 34.38 -7.69
N CYS D 341 21.26 33.25 -8.19
CA CYS D 341 20.59 33.28 -9.49
C CYS D 341 19.36 34.18 -9.46
N PHE D 342 18.60 34.15 -8.36
CA PHE D 342 17.50 35.09 -8.17
C PHE D 342 18.00 36.51 -8.26
N ILE D 343 19.10 36.81 -7.57
CA ILE D 343 19.66 38.15 -7.59
C ILE D 343 20.00 38.56 -9.01
N PHE D 344 20.61 37.65 -9.77
CA PHE D 344 21.02 37.97 -11.13
C PHE D 344 19.82 38.24 -12.03
N VAL D 345 18.82 37.35 -12.03
CA VAL D 345 17.68 37.52 -12.93
C VAL D 345 16.88 38.76 -12.54
N PHE D 346 16.63 38.96 -11.25
CA PHE D 346 15.92 40.13 -10.78
C PHE D 346 16.70 41.41 -11.09
N SER D 347 18.03 41.35 -11.00
CA SER D 347 18.86 42.50 -11.34
C SER D 347 18.78 42.82 -12.83
N ALA D 348 18.74 41.80 -13.69
CA ALA D 348 18.59 42.06 -15.11
C ALA D 348 17.25 42.72 -15.41
N LEU D 349 16.18 42.23 -14.78
CA LEU D 349 14.87 42.85 -14.97
C LEU D 349 14.87 44.29 -14.48
N VAL D 350 15.46 44.55 -13.31
CA VAL D 350 15.53 45.91 -12.79
C VAL D 350 16.46 46.76 -13.65
N GLU D 351 17.49 46.16 -14.26
CA GLU D 351 18.35 46.90 -15.17
C GLU D 351 17.55 47.41 -16.36
N TYR D 352 16.69 46.58 -16.94
CA TYR D 352 15.87 47.12 -18.01
C TYR D 352 14.83 48.10 -17.48
N GLY D 353 14.33 47.89 -16.25
CA GLY D 353 13.37 48.82 -15.70
C GLY D 353 13.94 50.22 -15.54
N THR D 354 15.17 50.31 -15.05
CA THR D 354 15.83 51.60 -14.92
C THR D 354 16.34 52.13 -16.25
N LEU D 355 16.67 51.24 -17.19
CA LEU D 355 17.07 51.69 -18.52
C LEU D 355 15.91 52.36 -19.24
N HIS D 356 14.73 51.76 -19.20
CA HIS D 356 13.56 52.36 -19.84
C HIS D 356 13.20 53.67 -19.17
N TYR D 357 13.25 53.71 -17.84
CA TYR D 357 12.94 54.92 -17.10
C TYR D 357 14.17 55.81 -16.96
N MET D 448 24.92 51.90 -20.42
CA MET D 448 24.42 51.14 -19.29
C MET D 448 24.31 49.66 -19.64
N ASP D 449 23.82 49.40 -20.85
CA ASP D 449 23.69 48.02 -21.31
C ASP D 449 25.06 47.34 -21.45
N SER D 450 26.03 48.06 -22.02
CA SER D 450 27.34 47.47 -22.23
C SER D 450 28.02 47.13 -20.91
N TYR D 451 27.82 47.97 -19.89
CA TYR D 451 28.38 47.67 -18.58
C TYR D 451 27.79 46.38 -18.02
N ALA D 452 26.49 46.18 -18.17
CA ALA D 452 25.86 44.94 -17.71
C ALA D 452 26.36 43.75 -18.51
N ARG D 453 26.57 43.91 -19.82
CA ARG D 453 27.01 42.81 -20.68
C ARG D 453 28.33 42.23 -20.20
N ILE D 454 29.15 43.02 -19.51
CA ILE D 454 30.41 42.57 -18.96
C ILE D 454 30.27 42.15 -17.50
N PHE D 455 29.57 42.97 -16.71
CA PHE D 455 29.51 42.73 -15.27
C PHE D 455 28.78 41.44 -14.93
N PHE D 456 27.65 41.17 -15.59
CA PHE D 456 26.88 39.98 -15.23
C PHE D 456 27.66 38.69 -15.45
N PRO D 457 28.23 38.41 -16.63
CA PRO D 457 29.01 37.16 -16.77
C PRO D 457 30.22 37.10 -15.84
N THR D 458 30.90 38.23 -15.66
CA THR D 458 32.09 38.24 -14.81
C THR D 458 31.72 38.02 -13.34
N ALA D 459 30.66 38.68 -12.88
CA ALA D 459 30.22 38.47 -11.51
C ALA D 459 29.77 37.03 -11.30
N PHE D 460 29.05 36.46 -12.28
CA PHE D 460 28.62 35.08 -12.14
C PHE D 460 29.80 34.12 -12.10
N CYS D 461 30.78 34.32 -12.98
CA CYS D 461 31.94 33.43 -13.00
C CYS D 461 32.76 33.54 -11.72
N LEU D 462 32.97 34.78 -11.23
CA LEU D 462 33.72 34.96 -9.99
C LEU D 462 32.99 34.32 -8.81
N PHE D 463 31.67 34.51 -8.75
CA PHE D 463 30.90 33.87 -7.69
C PHE D 463 30.96 32.35 -7.82
N ASN D 464 30.94 31.84 -9.06
CA ASN D 464 31.07 30.40 -9.26
C ASN D 464 32.40 29.89 -8.73
N LEU D 465 33.49 30.60 -9.03
CA LEU D 465 34.79 30.17 -8.53
C LEU D 465 34.80 30.16 -6.99
N VAL D 466 34.32 31.24 -6.39
CA VAL D 466 34.33 31.35 -4.93
C VAL D 466 33.47 30.25 -4.30
N TYR D 467 32.30 29.99 -4.90
CA TYR D 467 31.36 29.03 -4.35
C TYR D 467 31.85 27.60 -4.51
N TRP D 468 32.36 27.27 -5.71
CA TRP D 468 32.78 25.89 -5.99
C TRP D 468 34.05 25.54 -5.23
N VAL D 469 34.97 26.49 -5.05
CA VAL D 469 36.20 26.16 -4.33
C VAL D 469 35.90 25.81 -2.88
N SER D 470 34.87 26.41 -2.30
CA SER D 470 34.50 26.11 -0.92
C SER D 470 33.89 24.72 -0.79
N PRO E 30 29.11 -22.98 39.02
CA PRO E 30 27.85 -23.51 38.50
C PRO E 30 26.73 -23.48 39.55
N SER E 31 27.11 -23.25 40.81
CA SER E 31 26.11 -23.19 41.87
C SER E 31 25.11 -22.06 41.63
N ASN E 32 25.61 -20.88 41.24
CA ASN E 32 24.74 -19.74 41.00
C ASN E 32 23.78 -20.00 39.85
N MET E 33 24.26 -20.64 38.77
CA MET E 33 23.37 -20.93 37.64
C MET E 33 22.23 -21.84 38.07
N SER E 34 22.54 -22.92 38.79
CA SER E 34 21.49 -23.84 39.23
C SER E 34 20.53 -23.16 40.20
N LEU E 35 21.08 -22.36 41.13
CA LEU E 35 20.23 -21.66 42.10
C LEU E 35 19.29 -20.68 41.41
N VAL E 36 19.79 -19.94 40.41
CA VAL E 36 18.94 -19.00 39.68
C VAL E 36 17.89 -19.74 38.88
N LYS E 37 18.26 -20.88 38.27
CA LYS E 37 17.27 -21.66 37.53
C LYS E 37 16.18 -22.15 38.45
N GLU E 38 16.55 -22.65 39.63
CA GLU E 38 15.56 -23.09 40.60
C GLU E 38 14.66 -21.94 41.04
N THR E 39 15.25 -20.77 41.29
CA THR E 39 14.47 -19.63 41.75
C THR E 39 13.46 -19.18 40.69
N VAL E 40 13.91 -19.05 39.44
CA VAL E 40 13.01 -18.62 38.37
C VAL E 40 11.93 -19.66 38.12
N ASP E 41 12.30 -20.95 38.15
CA ASP E 41 11.29 -21.99 37.95
C ASP E 41 10.26 -22.00 39.07
N ARG E 42 10.70 -21.78 40.31
CA ARG E 42 9.78 -21.68 41.42
C ARG E 42 8.86 -20.47 41.27
N LEU E 43 9.41 -19.34 40.83
CA LEU E 43 8.60 -18.15 40.65
C LEU E 43 7.53 -18.35 39.59
N LEU E 44 7.92 -18.92 38.44
CA LEU E 44 6.97 -19.07 37.34
C LEU E 44 5.97 -20.19 37.61
N LYS E 45 6.32 -21.17 38.43
CA LYS E 45 5.41 -22.27 38.72
C LYS E 45 4.27 -21.77 39.61
N GLY E 46 3.05 -22.17 39.27
CA GLY E 46 1.88 -21.73 40.00
C GLY E 46 1.61 -20.25 39.89
N TYR E 47 1.89 -19.66 38.73
CA TYR E 47 1.68 -18.24 38.48
C TYR E 47 0.50 -18.07 37.53
N ASP E 48 -0.44 -17.20 37.89
CA ASP E 48 -1.63 -16.95 37.10
C ASP E 48 -1.50 -15.60 36.42
N ILE E 49 -1.32 -15.60 35.10
CA ILE E 49 -1.17 -14.36 34.35
C ILE E 49 -2.49 -13.59 34.34
N ARG E 50 -3.61 -14.29 34.48
CA ARG E 50 -4.91 -13.63 34.38
C ARG E 50 -5.13 -12.62 35.51
N LEU E 51 -4.69 -12.94 36.72
CA LEU E 51 -4.89 -12.06 37.85
C LEU E 51 -3.75 -11.06 37.97
N ARG E 52 -4.11 -9.80 38.20
CA ARG E 52 -3.13 -8.74 38.42
C ARG E 52 -2.55 -8.88 39.81
N PRO E 53 -1.43 -8.23 40.10
CA PRO E 53 -0.89 -8.26 41.47
C PRO E 53 -1.89 -7.69 42.45
N ASP E 54 -1.95 -8.31 43.63
CA ASP E 54 -2.91 -7.95 44.68
C ASP E 54 -4.33 -7.96 44.15
N PHE E 55 -4.67 -8.99 43.37
CA PHE E 55 -6.02 -9.11 42.84
C PHE E 55 -7.02 -9.24 43.98
N GLY E 56 -8.17 -8.59 43.82
CA GLY E 56 -9.12 -8.48 44.92
C GLY E 56 -8.59 -7.69 46.09
N GLY E 57 -7.79 -6.66 45.82
CA GLY E 57 -7.19 -5.86 46.86
C GLY E 57 -6.90 -4.45 46.39
N PRO E 58 -5.95 -3.79 47.05
CA PRO E 58 -5.62 -2.41 46.66
C PRO E 58 -5.04 -2.36 45.27
N PRO E 59 -5.20 -1.24 44.57
CA PRO E 59 -4.65 -1.12 43.21
C PRO E 59 -3.12 -1.18 43.23
N VAL E 60 -2.57 -1.72 42.15
CA VAL E 60 -1.12 -1.83 42.00
C VAL E 60 -0.60 -0.54 41.41
N ALA E 61 0.42 0.04 42.05
CA ALA E 61 1.01 1.28 41.58
C ALA E 61 2.02 0.96 40.48
N VAL E 62 1.72 1.39 39.27
CA VAL E 62 2.57 1.14 38.11
C VAL E 62 3.25 2.46 37.76
N GLY E 63 4.51 2.60 38.17
CA GLY E 63 5.27 3.77 37.80
C GLY E 63 5.77 3.68 36.38
N MET E 64 5.86 4.83 35.71
CA MET E 64 6.21 4.87 34.30
C MET E 64 7.36 5.84 34.07
N ASN E 65 8.21 5.49 33.10
CA ASN E 65 9.41 6.23 32.77
C ASN E 65 9.53 6.20 31.25
N ILE E 66 9.92 7.33 30.66
CA ILE E 66 10.04 7.42 29.21
C ILE E 66 11.37 8.04 28.86
N ASP E 67 12.02 7.51 27.83
CA ASP E 67 13.26 8.05 27.28
C ASP E 67 13.04 8.16 25.78
N ILE E 68 12.60 9.34 25.33
CA ILE E 68 12.33 9.55 23.92
C ILE E 68 13.65 9.49 23.15
N ALA E 69 13.68 8.67 22.11
CA ALA E 69 14.87 8.52 21.27
C ALA E 69 14.76 9.30 19.97
N SER E 70 13.55 9.56 19.49
CA SER E 70 13.36 10.25 18.22
C SER E 70 11.90 10.66 18.08
N ILE E 71 11.70 11.80 17.41
CA ILE E 71 10.39 12.22 16.92
C ILE E 71 10.54 12.32 15.41
N ASP E 72 10.19 11.24 14.71
CA ASP E 72 10.59 11.09 13.31
C ASP E 72 10.01 12.19 12.43
N MET E 73 8.71 12.47 12.58
CA MET E 73 8.08 13.44 11.70
C MET E 73 6.76 13.91 12.30
N VAL E 74 6.53 15.21 12.26
CA VAL E 74 5.29 15.83 12.70
C VAL E 74 4.56 16.27 11.43
N SER E 75 3.62 15.45 10.97
CA SER E 75 2.92 15.68 9.72
C SER E 75 1.59 16.36 9.98
N GLU E 76 1.34 17.46 9.27
CA GLU E 76 0.07 18.17 9.36
C GLU E 76 -0.99 17.57 8.43
N VAL E 77 -0.57 16.90 7.36
CA VAL E 77 -1.53 16.28 6.44
C VAL E 77 -2.32 15.20 7.15
N ASN E 78 -1.63 14.33 7.88
CA ASN E 78 -2.27 13.29 8.66
C ASN E 78 -2.58 13.72 10.08
N MET E 79 -2.16 14.92 10.48
CA MET E 79 -2.40 15.46 11.82
C MET E 79 -1.86 14.51 12.89
N ASP E 80 -0.59 14.12 12.73
CA ASP E 80 -0.03 13.12 13.65
C ASP E 80 1.48 13.30 13.70
N TYR E 81 2.08 12.74 14.74
CA TYR E 81 3.53 12.75 14.89
C TYR E 81 4.02 11.36 15.24
N THR E 82 5.17 10.99 14.67
CA THR E 82 5.78 9.69 14.92
C THR E 82 6.86 9.84 15.98
N LEU E 83 6.72 9.11 17.08
CA LEU E 83 7.60 9.22 18.23
C LEU E 83 8.15 7.84 18.59
N THR E 84 9.46 7.76 18.75
CA THR E 84 10.14 6.54 19.18
C THR E 84 10.64 6.72 20.60
N MET E 85 10.43 5.73 21.44
CA MET E 85 10.74 5.89 22.86
C MET E 85 11.11 4.54 23.47
N TYR E 86 11.77 4.61 24.63
CA TYR E 86 12.00 3.45 25.49
C TYR E 86 11.00 3.51 26.62
N PHE E 87 9.79 3.06 26.33
CA PHE E 87 8.68 3.08 27.29
C PHE E 87 8.95 2.05 28.36
N GLN E 88 9.27 2.50 29.57
CA GLN E 88 9.59 1.63 30.68
C GLN E 88 8.53 1.77 31.77
N GLN E 89 8.21 0.68 32.44
CA GLN E 89 7.26 0.72 33.54
C GLN E 89 7.67 -0.30 34.60
N ALA E 90 7.50 0.07 35.85
CA ALA E 90 7.86 -0.77 36.99
C ALA E 90 6.68 -0.88 37.93
N TRP E 91 6.46 -2.08 38.46
CA TRP E 91 5.40 -2.30 39.43
C TRP E 91 5.80 -3.41 40.37
N ARG E 92 5.16 -3.45 41.53
CA ARG E 92 5.47 -4.43 42.56
C ARG E 92 4.54 -5.63 42.41
N ASP E 93 5.14 -6.82 42.31
CA ASP E 93 4.40 -8.07 42.24
C ASP E 93 5.00 -9.01 43.27
N LYS E 94 4.28 -9.24 44.37
CA LYS E 94 4.82 -10.05 45.46
C LYS E 94 5.02 -11.50 45.04
N ARG E 95 4.30 -11.96 44.03
CA ARG E 95 4.49 -13.32 43.54
C ARG E 95 5.87 -13.50 42.92
N LEU E 96 6.46 -12.42 42.42
CA LEU E 96 7.78 -12.45 41.78
C LEU E 96 8.88 -11.96 42.70
N SER E 97 8.76 -12.22 44.00
CA SER E 97 9.74 -11.77 44.98
C SER E 97 10.66 -12.92 45.36
N TYR E 98 11.97 -12.70 45.22
CA TYR E 98 12.96 -13.69 45.57
C TYR E 98 14.05 -13.05 46.43
N ASN E 99 14.63 -13.84 47.32
CA ASN E 99 15.65 -13.31 48.22
C ASN E 99 16.84 -14.24 48.42
N VAL E 100 16.88 -15.38 47.73
CA VAL E 100 18.01 -16.30 47.92
C VAL E 100 19.28 -15.72 47.31
N ILE E 101 19.17 -15.03 46.17
CA ILE E 101 20.34 -14.51 45.47
C ILE E 101 20.38 -13.00 45.58
N PRO E 102 21.55 -12.41 45.84
CA PRO E 102 21.66 -10.94 45.94
C PRO E 102 22.01 -10.27 44.61
N LEU E 103 21.10 -10.34 43.65
CA LEU E 103 21.28 -9.64 42.38
C LEU E 103 19.93 -9.56 41.67
N ASN E 104 19.88 -8.73 40.64
CA ASN E 104 18.67 -8.47 39.88
C ASN E 104 18.68 -9.32 38.63
N LEU E 105 17.64 -10.13 38.44
CA LEU E 105 17.60 -11.09 37.34
C LEU E 105 16.95 -10.45 36.12
N THR E 106 17.74 -10.16 35.09
CA THR E 106 17.20 -9.71 33.82
C THR E 106 17.08 -10.93 32.91
N LEU E 107 15.87 -11.18 32.44
CA LEU E 107 15.54 -12.41 31.75
C LEU E 107 15.33 -12.15 30.26
N ASP E 108 15.08 -13.23 29.52
CA ASP E 108 14.74 -13.11 28.11
C ASP E 108 13.45 -12.33 27.96
N ASN E 109 13.31 -11.65 26.82
CA ASN E 109 12.11 -10.87 26.56
C ASN E 109 10.88 -11.76 26.50
N ARG E 110 11.03 -13.01 26.07
CA ARG E 110 9.91 -13.91 25.92
C ARG E 110 9.26 -14.26 27.25
N VAL E 111 9.95 -14.08 28.37
CA VAL E 111 9.32 -14.34 29.67
C VAL E 111 8.22 -13.33 29.93
N ALA E 112 8.22 -12.21 29.21
CA ALA E 112 7.12 -11.25 29.34
C ALA E 112 5.80 -11.87 28.92
N ASP E 113 5.84 -12.90 28.06
CA ASP E 113 4.61 -13.59 27.70
C ASP E 113 4.09 -14.50 28.79
N GLN E 114 4.87 -14.73 29.86
CA GLN E 114 4.44 -15.56 30.96
C GLN E 114 4.14 -14.80 32.23
N LEU E 115 4.34 -13.48 32.24
CA LEU E 115 4.14 -12.65 33.41
C LEU E 115 3.06 -11.62 33.15
N TRP E 116 2.29 -11.29 34.18
CA TRP E 116 1.31 -10.23 34.06
C TRP E 116 2.00 -8.89 33.82
N VAL E 117 1.50 -8.14 32.86
CA VAL E 117 1.99 -6.79 32.59
C VAL E 117 0.79 -5.87 32.46
N PRO E 118 0.94 -4.59 32.77
CA PRO E 118 -0.18 -3.65 32.63
C PRO E 118 -0.65 -3.59 31.18
N ASP E 119 -1.97 -3.48 31.02
CA ASP E 119 -2.58 -3.37 29.70
C ASP E 119 -2.57 -1.93 29.20
N THR E 120 -1.38 -1.32 29.24
CA THR E 120 -1.22 0.07 28.88
C THR E 120 -1.46 0.26 27.38
N TYR E 121 -2.13 1.35 27.02
CA TYR E 121 -2.33 1.69 25.62
C TYR E 121 -2.35 3.19 25.48
N PHE E 122 -2.05 3.67 24.28
CA PHE E 122 -2.03 5.08 23.97
C PHE E 122 -3.30 5.44 23.20
N LEU E 123 -4.15 6.27 23.79
CA LEU E 123 -5.42 6.61 23.16
C LEU E 123 -5.24 7.30 21.82
N ASN E 124 -4.08 7.93 21.59
CA ASN E 124 -3.83 8.69 20.37
C ASN E 124 -3.29 7.85 19.24
N ASP E 125 -2.63 6.73 19.53
CA ASP E 125 -1.89 6.02 18.50
C ASP E 125 -2.82 5.50 17.41
N LYS E 126 -2.37 5.66 16.17
CA LYS E 126 -3.10 5.16 15.01
C LYS E 126 -2.43 3.94 14.40
N LYS E 127 -1.10 3.95 14.31
CA LYS E 127 -0.34 2.80 13.88
C LYS E 127 0.94 2.77 14.71
N SER E 128 1.15 1.67 15.44
CA SER E 128 2.29 1.58 16.34
C SER E 128 2.76 0.14 16.42
N PHE E 129 4.01 -0.03 16.82
CA PHE E 129 4.62 -1.34 16.90
C PHE E 129 5.81 -1.30 17.84
N VAL E 130 6.23 -2.48 18.28
CA VAL E 130 7.48 -2.65 19.02
C VAL E 130 8.48 -3.29 18.08
N HIS E 131 9.69 -2.76 18.05
CA HIS E 131 10.71 -3.24 17.13
C HIS E 131 11.10 -4.67 17.47
N GLY E 132 11.37 -5.47 16.44
CA GLY E 132 11.62 -6.88 16.64
C GLY E 132 12.87 -7.42 15.96
N VAL E 133 13.94 -6.64 15.94
CA VAL E 133 15.21 -7.06 15.36
C VAL E 133 16.32 -6.68 16.32
N THR E 134 17.24 -7.61 16.59
CA THR E 134 17.27 -8.99 16.09
C THR E 134 16.24 -9.85 16.79
N VAL E 135 15.87 -9.45 18.00
CA VAL E 135 14.79 -10.07 18.76
C VAL E 135 13.82 -8.97 19.13
N LYS E 136 12.66 -9.37 19.66
CA LYS E 136 11.66 -8.40 20.09
C LYS E 136 12.27 -7.46 21.11
N ASN E 137 12.22 -6.15 20.80
CA ASN E 137 12.85 -5.17 21.67
C ASN E 137 12.04 -5.01 22.95
N ARG E 138 12.39 -5.82 23.95
CA ARG E 138 11.63 -5.90 25.18
C ARG E 138 12.59 -6.33 26.28
N MET E 139 12.31 -5.86 27.49
CA MET E 139 13.16 -6.12 28.63
C MET E 139 12.32 -6.46 29.85
N ILE E 140 12.74 -7.49 30.58
CA ILE E 140 12.13 -7.89 31.84
C ILE E 140 13.25 -8.06 32.86
N ARG E 141 13.08 -7.45 34.03
CA ARG E 141 14.09 -7.54 35.08
C ARG E 141 13.36 -7.64 36.41
N LEU E 142 13.50 -8.77 37.07
CA LEU E 142 12.92 -9.01 38.38
C LEU E 142 13.93 -8.61 39.45
N HIS E 143 13.54 -7.69 40.31
CA HIS E 143 14.32 -7.26 41.45
C HIS E 143 13.97 -8.09 42.67
N PRO E 144 14.86 -8.18 43.65
CA PRO E 144 14.61 -9.06 44.80
C PRO E 144 13.34 -8.72 45.57
N ASP E 145 13.01 -7.44 45.72
CA ASP E 145 11.82 -7.07 46.47
C ASP E 145 10.56 -7.53 45.75
N GLY E 146 10.55 -7.49 44.43
CA GLY E 146 9.39 -7.89 43.65
C GLY E 146 9.15 -6.97 42.49
N THR E 147 9.86 -5.84 42.46
CA THR E 147 9.70 -4.87 41.38
C THR E 147 10.03 -5.51 40.05
N VAL E 148 9.19 -5.26 39.06
CA VAL E 148 9.34 -5.85 37.73
C VAL E 148 9.59 -4.69 36.77
N LEU E 149 10.86 -4.43 36.46
CA LEU E 149 11.21 -3.44 35.46
C LEU E 149 10.91 -4.03 34.08
N TYR E 150 10.04 -3.36 33.31
CA TYR E 150 9.57 -3.88 32.04
C TYR E 150 9.67 -2.77 31.00
N GLY E 151 10.50 -2.98 29.98
CA GLY E 151 10.78 -1.96 29.00
C GLY E 151 10.44 -2.41 27.60
N LEU E 152 10.01 -1.46 26.77
CA LEU E 152 9.68 -1.73 25.38
C LEU E 152 10.19 -0.59 24.52
N ARG E 153 10.82 -0.92 23.39
CA ARG E 153 11.20 0.07 22.41
C ARG E 153 10.03 0.23 21.44
N ILE E 154 9.38 1.39 21.49
CA ILE E 154 8.07 1.57 20.89
C ILE E 154 8.13 2.73 19.89
N THR E 155 7.54 2.52 18.72
CA THR E 155 7.30 3.59 17.75
C THR E 155 5.79 3.79 17.64
N THR E 156 5.33 5.00 17.93
CA THR E 156 3.92 5.33 17.92
C THR E 156 3.66 6.48 16.97
N THR E 157 2.72 6.28 16.05
CA THR E 157 2.20 7.38 15.25
C THR E 157 0.98 7.93 15.98
N ALA E 158 1.21 8.92 16.84
CA ALA E 158 0.17 9.43 17.71
C ALA E 158 -0.56 10.57 17.03
N ALA E 159 -1.89 10.54 17.13
CA ALA E 159 -2.72 11.59 16.55
C ALA E 159 -2.55 12.90 17.30
N CYS E 160 -2.41 13.99 16.57
CA CYS E 160 -2.28 15.32 17.15
C CYS E 160 -3.01 16.31 16.24
N MET E 161 -4.25 16.62 16.59
CA MET E 161 -5.00 17.62 15.86
C MET E 161 -4.37 18.99 16.08
N MET E 162 -4.10 19.70 14.99
CA MET E 162 -3.36 20.96 15.03
C MET E 162 -4.27 22.11 14.63
N ASP E 163 -4.28 23.15 15.46
CA ASP E 163 -4.97 24.40 15.13
C ASP E 163 -4.01 25.24 14.30
N LEU E 164 -4.12 25.13 12.99
CA LEU E 164 -3.20 25.78 12.06
C LEU E 164 -3.62 27.19 11.71
N ARG E 165 -4.41 27.85 12.56
CA ARG E 165 -4.89 29.19 12.23
C ARG E 165 -3.74 30.19 12.15
N ARG E 166 -2.74 30.04 13.00
CA ARG E 166 -1.57 30.91 12.99
C ARG E 166 -0.41 30.33 12.20
N TYR E 167 -0.60 29.20 11.54
CA TYR E 167 0.46 28.56 10.77
C TYR E 167 0.96 29.51 9.70
N PRO E 168 2.28 29.63 9.50
CA PRO E 168 3.36 28.86 10.12
C PRO E 168 3.84 29.42 11.45
N LEU E 169 3.26 30.50 11.96
CA LEU E 169 3.63 31.02 13.28
C LEU E 169 2.82 30.35 14.38
N ASP E 170 2.81 29.02 14.38
CA ASP E 170 1.94 28.23 15.25
C ASP E 170 2.77 27.48 16.28
N GLU E 171 2.29 27.48 17.52
CA GLU E 171 2.90 26.76 18.63
C GLU E 171 2.02 25.54 18.93
N GLN E 172 2.26 24.46 18.20
CA GLN E 172 1.43 23.28 18.34
C GLN E 172 1.70 22.54 19.64
N ASN E 173 0.66 21.90 20.16
CA ASN E 173 0.74 21.08 21.38
C ASN E 173 0.28 19.68 21.02
N CYS E 174 1.18 18.71 21.14
CA CYS E 174 0.89 17.32 20.81
C CYS E 174 1.09 16.46 22.04
N THR E 175 0.16 15.52 22.24
CA THR E 175 0.13 14.77 23.49
C THR E 175 0.18 13.27 23.21
N LEU E 176 0.68 12.54 24.21
CA LEU E 176 0.63 11.08 24.23
C LEU E 176 -0.18 10.70 25.47
N GLU E 177 -1.29 10.01 25.24
CA GLU E 177 -2.25 9.68 26.29
C GLU E 177 -2.08 8.22 26.69
N ILE E 178 -1.20 7.99 27.65
CA ILE E 178 -1.00 6.67 28.24
C ILE E 178 -2.17 6.37 29.17
N GLU E 179 -2.77 5.19 29.04
CA GLU E 179 -3.91 4.87 29.87
C GLU E 179 -4.06 3.36 29.98
N SER E 180 -4.59 2.91 31.10
CA SER E 180 -4.93 1.50 31.27
C SER E 180 -6.29 1.23 30.65
N TYR E 181 -6.37 0.15 29.87
CA TYR E 181 -7.62 -0.11 29.15
C TYR E 181 -8.64 -0.83 30.03
N GLY E 182 -8.29 -2.02 30.52
CA GLY E 182 -9.26 -2.83 31.21
C GLY E 182 -9.32 -2.70 32.72
N TYR E 183 -8.34 -2.05 33.33
CA TYR E 183 -8.26 -1.94 34.78
C TYR E 183 -8.62 -0.53 35.21
N THR E 184 -9.63 -0.43 36.07
CA THR E 184 -10.07 0.85 36.59
C THR E 184 -9.11 1.33 37.68
N THR E 185 -9.39 2.52 38.22
CA THR E 185 -8.56 3.05 39.31
C THR E 185 -8.64 2.18 40.55
N ASP E 186 -9.69 1.38 40.70
CA ASP E 186 -9.77 0.46 41.83
C ASP E 186 -8.82 -0.71 41.67
N ASP E 187 -8.30 -0.96 40.46
CA ASP E 187 -7.42 -2.08 40.20
C ASP E 187 -6.00 -1.69 39.82
N ILE E 188 -5.79 -0.52 39.23
CA ILE E 188 -4.47 -0.10 38.78
C ILE E 188 -4.30 1.39 39.09
N GLU E 189 -3.04 1.81 39.18
CA GLU E 189 -2.73 3.19 39.49
C GLU E 189 -1.42 3.57 38.79
N PHE E 190 -1.43 4.71 38.11
CA PHE E 190 -0.27 5.19 37.38
C PHE E 190 0.42 6.31 38.15
N TYR E 191 1.72 6.48 37.86
CA TYR E 191 2.48 7.62 38.34
C TYR E 191 3.79 7.69 37.57
N TRP E 192 4.34 8.90 37.48
CA TRP E 192 5.67 9.09 36.89
C TRP E 192 6.71 8.85 37.98
N ARG E 193 7.46 7.76 37.88
CA ARG E 193 8.54 7.54 38.83
C ARG E 193 9.59 8.61 38.65
N GLY E 194 9.72 9.49 39.63
CA GLY E 194 10.44 10.74 39.43
C GLY E 194 9.45 11.79 38.96
N ASP E 195 9.33 12.89 39.69
CA ASP E 195 8.27 13.85 39.41
C ASP E 195 8.40 14.44 38.01
N ASP E 196 9.61 14.81 37.61
CA ASP E 196 9.87 15.33 36.27
C ASP E 196 11.04 14.66 35.58
N ASN E 197 11.81 13.83 36.28
CA ASN E 197 12.89 13.07 35.68
C ASN E 197 12.40 11.79 35.02
N ALA E 198 11.10 11.50 35.08
CA ALA E 198 10.58 10.28 34.47
C ALA E 198 10.67 10.32 32.95
N VAL E 199 10.68 11.51 32.36
CA VAL E 199 10.81 11.65 30.91
C VAL E 199 12.11 12.39 30.63
N THR E 200 12.99 11.75 29.86
CA THR E 200 14.28 12.31 29.49
C THR E 200 14.50 12.12 28.00
N GLY E 201 15.59 12.71 27.50
CA GLY E 201 15.90 12.66 26.10
C GLY E 201 15.14 13.66 25.25
N VAL E 202 14.30 14.50 25.84
CA VAL E 202 13.56 15.48 25.07
C VAL E 202 14.48 16.57 24.53
N THR E 203 15.45 17.00 25.36
CA THR E 203 16.33 18.09 24.95
C THR E 203 17.15 17.73 23.73
N LYS E 204 17.66 16.50 23.67
CA LYS E 204 18.50 16.08 22.55
C LYS E 204 17.72 15.93 21.25
N ILE E 205 16.38 15.94 21.30
CA ILE E 205 15.56 15.79 20.11
C ILE E 205 15.78 17.00 19.21
N GLU E 206 16.45 16.81 18.09
CA GLU E 206 16.68 17.87 17.11
C GLU E 206 15.69 17.68 15.97
N LEU E 207 14.47 18.14 16.18
CA LEU E 207 13.42 18.02 15.17
C LEU E 207 13.70 18.99 14.04
N PRO E 208 13.79 18.53 12.79
CA PRO E 208 14.14 19.45 11.69
C PRO E 208 13.15 20.58 11.49
N GLN E 209 11.86 20.36 11.71
CA GLN E 209 10.86 21.39 11.44
C GLN E 209 10.49 22.20 12.66
N PHE E 210 10.43 21.58 13.83
CA PHE E 210 9.94 22.21 15.05
C PHE E 210 11.07 22.42 16.03
N SER E 211 10.75 23.16 17.10
CA SER E 211 11.62 23.33 18.26
C SER E 211 10.80 23.05 19.49
N ILE E 212 11.18 22.02 20.25
CA ILE E 212 10.42 21.62 21.43
C ILE E 212 10.68 22.63 22.54
N VAL E 213 9.75 23.57 22.72
CA VAL E 213 9.91 24.60 23.73
C VAL E 213 9.79 24.01 25.14
N ASP E 214 8.79 23.17 25.35
CA ASP E 214 8.47 22.71 26.70
C ASP E 214 7.75 21.38 26.61
N TYR E 215 7.73 20.67 27.73
CA TYR E 215 6.95 19.44 27.82
C TYR E 215 6.50 19.26 29.26
N LYS E 216 5.30 18.71 29.41
CA LYS E 216 4.68 18.50 30.72
C LYS E 216 4.22 17.07 30.88
N LEU E 217 4.21 16.62 32.13
CA LEU E 217 3.72 15.31 32.53
C LEU E 217 2.52 15.53 33.44
N ILE E 218 1.39 14.93 33.09
CA ILE E 218 0.14 15.14 33.80
C ILE E 218 -0.42 13.78 34.21
N THR E 219 -1.03 13.73 35.40
CA THR E 219 -1.72 12.52 35.84
C THR E 219 -3.17 12.87 36.17
N LYS E 220 -4.09 12.14 35.56
CA LYS E 220 -5.52 12.41 35.70
C LYS E 220 -6.26 11.08 35.88
N LYS E 221 -7.59 11.18 35.95
CA LYS E 221 -8.46 10.01 36.04
C LYS E 221 -9.64 10.27 35.11
N VAL E 222 -9.62 9.64 33.95
CA VAL E 222 -10.68 9.85 32.97
C VAL E 222 -11.83 8.88 33.24
N VAL E 223 -13.05 9.35 33.07
CA VAL E 223 -14.24 8.58 33.42
C VAL E 223 -14.98 8.22 32.15
N PHE E 224 -15.18 6.93 31.93
CA PHE E 224 -16.01 6.41 30.86
C PHE E 224 -17.24 5.75 31.47
N SER E 225 -18.12 5.26 30.60
CA SER E 225 -19.31 4.56 31.09
C SER E 225 -18.95 3.26 31.79
N THR E 226 -17.83 2.64 31.41
CA THR E 226 -17.39 1.40 32.04
C THR E 226 -16.76 1.65 33.41
N GLY E 227 -16.17 2.83 33.63
CA GLY E 227 -15.59 3.14 34.91
C GLY E 227 -14.56 4.26 34.77
N SER E 228 -13.87 4.50 35.88
CA SER E 228 -12.82 5.51 35.95
C SER E 228 -11.47 4.85 35.81
N TYR E 229 -10.62 5.41 34.95
CA TYR E 229 -9.33 4.83 34.63
C TYR E 229 -8.23 5.86 34.83
N PRO E 230 -7.03 5.41 35.20
CA PRO E 230 -5.92 6.36 35.36
C PRO E 230 -5.34 6.76 34.02
N ARG E 231 -4.89 8.01 33.94
CA ARG E 231 -4.38 8.57 32.70
C ARG E 231 -3.07 9.29 32.97
N LEU E 232 -2.08 9.07 32.13
CA LEU E 232 -0.85 9.85 32.10
C LEU E 232 -0.79 10.55 30.76
N SER E 233 -0.49 11.85 30.77
CA SER E 233 -0.40 12.64 29.56
C SER E 233 1.00 13.20 29.45
N LEU E 234 1.64 12.96 28.31
CA LEU E 234 2.96 13.52 28.02
C LEU E 234 2.77 14.51 26.89
N SER E 235 2.78 15.80 27.23
CA SER E 235 2.46 16.85 26.27
C SER E 235 3.73 17.60 25.88
N PHE E 236 3.95 17.77 24.58
CA PHE E 236 5.02 18.60 24.04
C PHE E 236 4.41 19.85 23.42
N LYS E 237 4.94 21.01 23.77
CA LYS E 237 4.52 22.27 23.17
C LYS E 237 5.55 22.64 22.11
N LEU E 238 5.37 22.07 20.92
CA LEU E 238 6.29 22.33 19.82
C LEU E 238 6.09 23.74 19.27
N LYS E 239 7.15 24.30 18.71
CA LYS E 239 7.11 25.61 18.07
C LYS E 239 7.69 25.49 16.67
N ARG E 240 6.99 26.06 15.70
CA ARG E 240 7.42 25.98 14.31
C ARG E 240 8.65 26.83 14.07
N ASN E 241 9.57 26.33 13.26
CA ASN E 241 10.76 27.08 12.86
C ASN E 241 10.40 27.93 11.65
N ILE E 242 10.32 29.24 11.87
CA ILE E 242 9.83 30.14 10.83
C ILE E 242 10.81 30.29 9.68
N GLY E 243 12.10 30.01 9.90
CA GLY E 243 13.10 30.31 8.88
C GLY E 243 12.90 29.54 7.59
N TYR E 244 12.52 28.27 7.71
CA TYR E 244 12.31 27.44 6.52
C TYR E 244 11.19 27.99 5.65
N PHE E 245 10.10 28.44 6.26
CA PHE E 245 9.01 29.04 5.49
C PHE E 245 9.35 30.44 5.03
N ILE E 246 10.20 31.16 5.76
CA ILE E 246 10.68 32.47 5.31
C ILE E 246 11.45 32.30 4.01
N LEU E 247 12.35 31.33 3.96
CA LEU E 247 13.11 31.09 2.74
C LEU E 247 12.23 30.50 1.65
N GLN E 248 11.33 29.59 2.01
CA GLN E 248 10.58 28.81 1.03
C GLN E 248 9.30 29.52 0.57
N THR E 249 8.50 30.02 1.51
CA THR E 249 7.20 30.59 1.19
C THR E 249 7.21 32.11 1.16
N TYR E 250 7.65 32.74 2.24
CA TYR E 250 7.48 34.19 2.38
C TYR E 250 8.36 34.96 1.40
N MET E 251 9.63 34.56 1.27
CA MET E 251 10.53 35.30 0.38
C MET E 251 10.08 35.30 -1.07
N PRO E 252 9.64 34.18 -1.67
CA PRO E 252 9.12 34.26 -3.04
C PRO E 252 7.95 35.20 -3.17
N SER E 253 7.03 35.21 -2.19
CA SER E 253 5.89 36.12 -2.26
C SER E 253 6.34 37.57 -2.17
N ILE E 254 7.31 37.86 -1.29
CA ILE E 254 7.80 39.22 -1.14
C ILE E 254 8.46 39.69 -2.43
N LEU E 255 9.30 38.83 -3.03
CA LEU E 255 9.96 39.21 -4.27
C LEU E 255 8.94 39.38 -5.39
N ILE E 256 7.91 38.53 -5.42
CA ILE E 256 6.86 38.67 -6.42
C ILE E 256 6.18 40.04 -6.29
N THR E 257 5.87 40.43 -5.05
CA THR E 257 5.22 41.72 -4.85
C THR E 257 6.16 42.88 -5.16
N ILE E 258 7.45 42.73 -4.87
CA ILE E 258 8.40 43.79 -5.20
C ILE E 258 8.51 43.97 -6.70
N LEU E 259 8.63 42.88 -7.45
CA LEU E 259 8.73 42.99 -8.91
C LEU E 259 7.42 43.36 -9.56
N SER E 260 6.29 43.24 -8.84
CA SER E 260 5.05 43.78 -9.37
C SER E 260 5.09 45.29 -9.47
N TRP E 261 5.83 45.96 -8.59
CA TRP E 261 5.86 47.41 -8.57
C TRP E 261 6.69 48.03 -9.68
N VAL E 262 7.59 47.26 -10.31
CA VAL E 262 8.38 47.81 -11.40
C VAL E 262 7.50 48.18 -12.58
N SER E 263 6.27 47.67 -12.62
CA SER E 263 5.31 48.13 -13.62
C SER E 263 5.06 49.62 -13.51
N PHE E 264 5.20 50.19 -12.31
CA PHE E 264 4.90 51.60 -12.12
C PHE E 264 5.97 52.49 -12.77
N TRP E 265 7.21 52.02 -12.85
CA TRP E 265 8.25 52.81 -13.51
C TRP E 265 8.24 52.65 -15.03
N ILE E 266 7.53 51.65 -15.55
CA ILE E 266 7.44 51.47 -17.00
C ILE E 266 6.56 52.57 -17.59
N ASN E 267 6.84 52.91 -18.85
CA ASN E 267 6.08 53.94 -19.53
C ASN E 267 4.61 53.54 -19.65
N TYR E 268 3.73 54.55 -19.55
CA TYR E 268 2.30 54.28 -19.59
C TYR E 268 1.87 53.69 -20.91
N ASP E 269 2.54 54.05 -22.00
CA ASP E 269 2.19 53.56 -23.34
C ASP E 269 2.94 52.27 -23.65
N ALA E 270 2.86 51.31 -22.73
CA ALA E 270 3.52 50.02 -22.86
C ALA E 270 2.57 48.92 -22.40
N SER E 271 1.34 48.95 -22.93
CA SER E 271 0.32 48.00 -22.50
C SER E 271 0.79 46.56 -22.64
N ALA E 272 1.41 46.24 -23.77
CA ALA E 272 1.90 44.88 -23.98
C ALA E 272 2.94 44.48 -22.94
N ALA E 273 3.63 45.45 -22.36
CA ALA E 273 4.66 45.17 -21.36
C ALA E 273 4.07 45.12 -19.94
N ARG E 274 3.47 46.22 -19.50
CA ARG E 274 2.94 46.28 -18.14
C ARG E 274 1.82 45.28 -17.92
N VAL E 275 0.94 45.10 -18.89
CA VAL E 275 -0.13 44.11 -18.75
C VAL E 275 0.46 42.71 -18.58
N ALA E 276 1.45 42.37 -19.42
CA ALA E 276 2.05 41.04 -19.33
C ALA E 276 2.76 40.85 -17.99
N LEU E 277 3.46 41.88 -17.52
CA LEU E 277 4.15 41.78 -16.25
C LEU E 277 3.18 41.58 -15.09
N GLY E 278 2.11 42.39 -15.06
CA GLY E 278 1.13 42.24 -14.00
C GLY E 278 0.41 40.91 -14.06
N ILE E 279 0.09 40.45 -15.27
CA ILE E 279 -0.58 39.16 -15.42
C ILE E 279 0.31 38.04 -14.91
N THR E 280 1.58 38.06 -15.31
CA THR E 280 2.49 37.01 -14.85
C THR E 280 2.64 37.05 -13.34
N THR E 281 2.72 38.26 -12.77
CA THR E 281 2.89 38.38 -11.33
C THR E 281 1.67 37.86 -10.57
N VAL E 282 0.46 38.20 -11.03
CA VAL E 282 -0.74 37.77 -10.31
C VAL E 282 -0.97 36.27 -10.49
N LEU E 283 -0.73 35.74 -11.69
CA LEU E 283 -0.88 34.30 -11.89
C LEU E 283 0.15 33.53 -11.09
N THR E 284 1.38 34.06 -10.96
CA THR E 284 2.34 33.40 -10.10
C THR E 284 1.94 33.46 -8.64
N MET E 285 1.32 34.56 -8.21
CA MET E 285 0.80 34.60 -6.84
C MET E 285 -0.23 33.50 -6.62
N THR E 286 -1.13 33.32 -7.58
CA THR E 286 -2.13 32.25 -7.48
C THR E 286 -1.47 30.88 -7.44
N THR E 287 -0.46 30.66 -8.29
CA THR E 287 0.23 29.37 -8.32
C THR E 287 0.92 29.08 -7.00
N ILE E 288 1.60 30.09 -6.43
CA ILE E 288 2.30 29.89 -5.17
C ILE E 288 1.30 29.56 -4.06
N ASN E 289 0.18 30.27 -4.03
CA ASN E 289 -0.85 29.99 -3.02
C ASN E 289 -1.35 28.56 -3.15
N THR E 290 -1.66 28.13 -4.37
CA THR E 290 -2.19 26.78 -4.56
C THR E 290 -1.14 25.72 -4.22
N HIS E 291 0.12 25.95 -4.61
CA HIS E 291 1.16 24.99 -4.29
C HIS E 291 1.36 24.86 -2.79
N LEU E 292 1.35 25.98 -2.06
CA LEU E 292 1.47 25.91 -0.61
C LEU E 292 0.29 25.17 0.01
N ARG E 293 -0.93 25.46 -0.47
CA ARG E 293 -2.11 24.85 0.14
C ARG E 293 -2.23 23.37 -0.18
N GLU E 294 -1.69 22.92 -1.31
CA GLU E 294 -1.75 21.50 -1.65
C GLU E 294 -0.97 20.66 -0.64
N THR E 295 0.17 21.16 -0.18
CA THR E 295 0.98 20.42 0.79
C THR E 295 0.22 20.24 2.10
N LEU E 296 -0.48 21.28 2.55
CA LEU E 296 -1.27 21.22 3.77
C LEU E 296 -2.56 20.42 3.53
N PRO E 297 -3.18 19.92 4.59
CA PRO E 297 -4.45 19.19 4.42
C PRO E 297 -5.57 20.13 3.98
N LYS E 298 -6.71 19.52 3.64
CA LYS E 298 -7.90 20.27 3.22
C LYS E 298 -8.50 20.93 4.47
N ILE E 299 -7.85 22.00 4.91
CA ILE E 299 -8.21 22.68 6.14
C ILE E 299 -9.16 23.82 5.81
N PRO E 300 -10.34 23.89 6.42
CA PRO E 300 -11.38 24.85 6.00
C PRO E 300 -11.34 26.17 6.78
N TYR E 301 -10.20 26.85 6.74
CA TYR E 301 -10.10 28.20 7.27
C TYR E 301 -8.81 28.82 6.79
N VAL E 302 -8.70 30.14 6.95
CA VAL E 302 -7.53 30.88 6.49
C VAL E 302 -6.45 30.83 7.56
N LYS E 303 -5.24 30.47 7.15
CA LYS E 303 -4.08 30.46 8.03
C LYS E 303 -3.29 31.75 7.85
N ALA E 304 -2.28 31.93 8.69
CA ALA E 304 -1.45 33.14 8.62
C ALA E 304 -0.73 33.24 7.29
N ILE E 305 -0.18 32.12 6.81
CA ILE E 305 0.42 32.10 5.48
C ILE E 305 -0.65 32.40 4.43
N ASP E 306 -1.86 31.85 4.63
CA ASP E 306 -2.94 32.11 3.69
C ASP E 306 -3.27 33.59 3.65
N MET E 307 -3.36 34.23 4.82
CA MET E 307 -3.72 35.65 4.88
C MET E 307 -2.62 36.55 4.35
N TYR E 308 -1.36 36.14 4.46
CA TYR E 308 -0.27 36.93 3.90
C TYR E 308 -0.22 36.80 2.39
N LEU E 309 -0.41 35.57 1.90
CA LEU E 309 -0.50 35.36 0.45
C LEU E 309 -1.66 36.13 -0.13
N MET E 310 -2.81 36.13 0.55
CA MET E 310 -3.96 36.87 0.06
C MET E 310 -3.72 38.37 0.07
N GLY E 311 -3.06 38.89 1.11
CA GLY E 311 -2.72 40.31 1.11
C GLY E 311 -1.81 40.68 -0.04
N CYS E 312 -0.78 39.87 -0.28
CA CYS E 312 0.13 40.17 -1.39
C CYS E 312 -0.56 40.03 -2.74
N PHE E 313 -1.50 39.09 -2.86
CA PHE E 313 -2.31 38.98 -4.07
C PHE E 313 -3.14 40.25 -4.27
N VAL E 314 -3.72 40.77 -3.18
CA VAL E 314 -4.47 42.01 -3.29
C VAL E 314 -3.55 43.14 -3.77
N PHE E 315 -2.31 43.14 -3.31
CA PHE E 315 -1.38 44.19 -3.73
C PHE E 315 -1.02 44.08 -5.21
N VAL E 316 -0.69 42.88 -5.68
CA VAL E 316 -0.31 42.74 -7.09
C VAL E 316 -1.51 42.97 -8.00
N PHE E 317 -2.69 42.50 -7.60
CA PHE E 317 -3.90 42.76 -8.36
C PHE E 317 -4.20 44.24 -8.41
N MET E 318 -3.94 44.95 -7.31
CA MET E 318 -4.11 46.40 -7.30
C MET E 318 -3.14 47.07 -8.26
N ALA E 319 -1.91 46.56 -8.37
CA ALA E 319 -0.97 47.12 -9.35
C ALA E 319 -1.47 46.91 -10.78
N LEU E 320 -2.00 45.72 -11.07
CA LEU E 320 -2.56 45.45 -12.39
C LEU E 320 -3.74 46.38 -12.67
N LEU E 321 -4.61 46.56 -11.68
CA LEU E 321 -5.73 47.49 -11.84
C LEU E 321 -5.27 48.95 -11.85
N GLU E 322 -4.09 49.24 -11.31
CA GLU E 322 -3.52 50.58 -11.45
C GLU E 322 -3.15 50.86 -12.89
N TYR E 323 -2.54 49.88 -13.57
CA TYR E 323 -2.28 50.10 -14.99
C TYR E 323 -3.60 50.20 -15.75
N ALA E 324 -4.56 49.35 -15.40
CA ALA E 324 -5.87 49.44 -16.04
C ALA E 324 -6.46 50.84 -15.90
N LEU E 325 -6.39 51.40 -14.69
CA LEU E 325 -6.93 52.73 -14.42
C LEU E 325 -6.20 53.79 -15.23
N VAL E 326 -4.87 53.68 -15.34
CA VAL E 326 -4.12 54.65 -16.13
C VAL E 326 -4.51 54.56 -17.60
N ASN E 327 -4.63 53.34 -18.13
CA ASN E 327 -5.02 53.17 -19.53
C ASN E 327 -6.42 53.71 -19.79
N TYR E 328 -7.34 53.50 -18.87
CA TYR E 328 -8.69 54.00 -19.08
C TYR E 328 -8.79 55.50 -18.88
N ILE E 329 -7.86 56.10 -18.13
CA ILE E 329 -7.91 57.55 -17.98
C ILE E 329 -7.29 58.22 -19.20
N PHE E 330 -6.26 57.62 -19.78
CA PHE E 330 -5.62 58.22 -20.95
C PHE E 330 -6.43 58.00 -22.22
N PHE E 331 -6.67 56.73 -22.58
CA PHE E 331 -7.36 56.42 -23.83
C PHE E 331 -8.87 56.61 -23.69
N GLY E 332 -9.49 55.89 -22.76
CA GLY E 332 -10.93 55.98 -22.56
C GLY E 332 -11.37 57.25 -21.87
N ASP E 483 -1.67 63.91 -15.67
CA ASP E 483 -2.62 63.25 -14.79
C ASP E 483 -2.21 61.79 -14.56
N VAL E 484 -2.02 61.07 -15.66
CA VAL E 484 -1.62 59.65 -15.55
C VAL E 484 -0.25 59.53 -14.90
N ASN E 485 0.66 60.44 -15.24
CA ASN E 485 2.00 60.38 -14.65
C ASN E 485 1.95 60.60 -13.15
N ALA E 486 1.07 61.50 -12.70
CA ALA E 486 0.88 61.69 -11.27
C ALA E 486 0.35 60.44 -10.61
N ILE E 487 -0.57 59.73 -11.28
CA ILE E 487 -1.07 58.47 -10.72
C ILE E 487 0.05 57.46 -10.61
N ASP E 488 0.90 57.37 -11.63
CA ASP E 488 2.00 56.41 -11.59
C ASP E 488 2.96 56.72 -10.44
N ARG E 489 3.28 58.01 -10.26
CA ARG E 489 4.19 58.41 -9.18
C ARG E 489 3.56 58.15 -7.81
N TRP E 490 2.29 58.52 -7.64
CA TRP E 490 1.64 58.31 -6.36
C TRP E 490 1.54 56.82 -6.05
N SER E 491 1.35 55.98 -7.06
CA SER E 491 1.43 54.55 -6.83
C SER E 491 2.84 54.09 -6.49
N ARG E 492 3.86 54.68 -7.14
CA ARG E 492 5.25 54.32 -6.86
C ARG E 492 5.61 54.61 -5.42
N ILE E 493 4.99 55.61 -4.82
CA ILE E 493 5.25 55.92 -3.42
C ILE E 493 4.32 55.15 -2.49
N PHE E 494 3.03 55.09 -2.82
CA PHE E 494 2.03 54.54 -1.91
C PHE E 494 2.19 53.04 -1.75
N PHE E 495 2.34 52.30 -2.86
CA PHE E 495 2.38 50.85 -2.76
C PHE E 495 3.46 50.35 -1.81
N PRO E 496 4.72 50.80 -1.90
CA PRO E 496 5.71 50.34 -0.91
C PRO E 496 5.36 50.71 0.53
N VAL E 497 4.83 51.91 0.76
CA VAL E 497 4.54 52.34 2.12
C VAL E 497 3.42 51.51 2.73
N VAL E 498 2.32 51.35 1.99
CA VAL E 498 1.20 50.58 2.51
C VAL E 498 1.57 49.11 2.62
N PHE E 499 2.45 48.60 1.74
CA PHE E 499 2.89 47.23 1.88
C PHE E 499 3.79 47.06 3.10
N SER E 500 4.61 48.05 3.39
CA SER E 500 5.44 48.02 4.59
C SER E 500 4.58 48.05 5.84
N PHE E 501 3.54 48.87 5.85
CA PHE E 501 2.64 48.89 6.99
C PHE E 501 1.86 47.58 7.12
N PHE E 502 1.50 46.98 5.99
CA PHE E 502 0.88 45.66 6.03
C PHE E 502 1.82 44.63 6.64
N ASN E 503 3.10 44.68 6.26
CA ASN E 503 4.09 43.79 6.85
C ASN E 503 4.23 44.04 8.35
N ILE E 504 4.31 45.30 8.75
CA ILE E 504 4.51 45.62 10.16
C ILE E 504 3.34 45.12 10.99
N VAL E 505 2.11 45.40 10.55
CA VAL E 505 0.96 44.97 11.33
C VAL E 505 0.84 43.45 11.33
N TYR E 506 1.12 42.81 10.19
CA TYR E 506 1.02 41.35 10.15
C TYR E 506 2.03 40.69 11.08
N TRP E 507 3.29 41.13 11.03
CA TRP E 507 4.30 40.49 11.86
C TRP E 507 4.08 40.81 13.33
N LEU E 508 3.72 42.05 13.67
CA LEU E 508 3.49 42.39 15.07
C LEU E 508 2.28 41.64 15.63
N TYR E 509 1.23 41.48 14.82
CA TYR E 509 0.08 40.69 15.27
C TYR E 509 0.45 39.22 15.43
N TYR E 510 1.27 38.68 14.53
CA TYR E 510 1.53 37.25 14.51
C TYR E 510 2.79 36.85 15.28
N VAL E 511 3.94 37.40 14.90
CA VAL E 511 5.19 36.98 15.53
C VAL E 511 5.22 37.41 17.00
N ASN E 512 4.54 38.50 17.34
CA ASN E 512 4.45 38.96 18.72
C ASN E 512 3.05 38.73 19.26
N GLU F 1 -46.80 -19.02 31.01
CA GLU F 1 -47.21 -17.72 30.48
C GLU F 1 -46.76 -16.59 31.40
N ILE F 2 -46.42 -15.45 30.80
CA ILE F 2 -45.98 -14.28 31.54
C ILE F 2 -47.19 -13.49 32.01
N GLN F 3 -47.17 -13.07 33.27
CA GLN F 3 -48.26 -12.29 33.84
C GLN F 3 -47.68 -11.21 34.73
N LEU F 4 -48.17 -9.98 34.58
CA LEU F 4 -47.72 -8.84 35.37
C LEU F 4 -48.91 -8.35 36.20
N GLN F 5 -49.00 -8.86 37.44
CA GLN F 5 -50.05 -8.43 38.35
C GLN F 5 -49.67 -7.09 38.99
N GLN F 6 -50.67 -6.43 39.57
CA GLN F 6 -50.49 -5.14 40.21
C GLN F 6 -51.32 -5.09 41.48
N SER F 7 -51.18 -4.00 42.23
CA SER F 7 -51.85 -3.86 43.51
C SER F 7 -53.37 -3.87 43.35
N GLY F 8 -53.90 -2.88 42.63
CA GLY F 8 -55.33 -2.77 42.45
C GLY F 8 -55.81 -1.34 42.59
N PRO F 9 -57.12 -1.12 42.50
CA PRO F 9 -57.66 0.23 42.58
C PRO F 9 -57.35 0.87 43.93
N GLU F 10 -57.08 2.17 43.90
CA GLU F 10 -56.74 2.90 45.12
C GLU F 10 -57.42 4.27 45.11
N LEU F 11 -57.96 4.64 46.26
CA LEU F 11 -58.55 5.94 46.50
C LEU F 11 -57.75 6.62 47.61
N VAL F 12 -57.40 7.89 47.40
CA VAL F 12 -56.47 8.56 48.31
C VAL F 12 -56.75 10.06 48.28
N LYS F 13 -56.53 10.71 49.42
CA LYS F 13 -56.68 12.15 49.52
C LYS F 13 -55.46 12.86 48.93
N PRO F 14 -55.62 14.12 48.53
CA PRO F 14 -54.46 14.87 48.02
C PRO F 14 -53.39 15.06 49.09
N GLY F 15 -52.16 15.16 48.63
CA GLY F 15 -51.01 15.40 49.51
C GLY F 15 -50.25 14.18 49.98
N THR F 16 -50.95 13.21 50.57
CA THR F 16 -50.29 12.01 51.08
C THR F 16 -49.78 11.14 49.94
N SER F 17 -48.80 10.30 50.25
CA SER F 17 -48.13 9.47 49.26
C SER F 17 -48.86 8.13 49.10
N VAL F 18 -48.43 7.38 48.08
CA VAL F 18 -48.99 6.07 47.79
C VAL F 18 -47.92 5.24 47.08
N LYS F 19 -48.00 3.92 47.24
CA LYS F 19 -47.08 3.00 46.57
C LYS F 19 -47.87 1.90 45.88
N VAL F 20 -47.47 1.58 44.65
CA VAL F 20 -48.13 0.56 43.85
C VAL F 20 -47.10 -0.48 43.43
N SER F 21 -47.49 -1.75 43.53
CA SER F 21 -46.60 -2.87 43.24
C SER F 21 -46.88 -3.43 41.85
N CYS F 22 -45.87 -4.10 41.29
CA CYS F 22 -45.98 -4.77 39.99
C CYS F 22 -45.24 -6.10 40.14
N LYS F 23 -46.01 -7.18 40.28
CA LYS F 23 -45.46 -8.52 40.47
C LYS F 23 -45.25 -9.19 39.13
N ALA F 24 -44.01 -9.60 38.87
CA ALA F 24 -43.68 -10.35 37.65
C ALA F 24 -43.88 -11.84 37.91
N SER F 25 -44.01 -12.59 36.81
CA SER F 25 -44.25 -14.02 36.90
C SER F 25 -43.68 -14.72 35.67
N GLY F 26 -43.04 -15.86 35.90
CA GLY F 26 -42.55 -16.70 34.82
C GLY F 26 -41.17 -16.34 34.30
N TYR F 27 -41.06 -15.23 33.58
CA TYR F 27 -39.81 -14.86 32.96
C TYR F 27 -38.80 -14.37 34.00
N SER F 28 -37.52 -14.37 33.61
CA SER F 28 -36.46 -13.92 34.50
C SER F 28 -36.62 -12.44 34.79
N PHE F 29 -36.78 -12.11 36.06
CA PHE F 29 -37.17 -10.75 36.44
C PHE F 29 -36.06 -9.75 36.19
N THR F 30 -34.81 -10.13 36.44
CA THR F 30 -33.69 -9.19 36.33
C THR F 30 -33.20 -8.99 34.91
N ASP F 31 -33.66 -9.80 33.95
CA ASP F 31 -33.10 -9.74 32.60
C ASP F 31 -33.57 -8.51 31.84
N TYR F 32 -34.80 -8.05 32.10
CA TYR F 32 -35.41 -7.00 31.31
C TYR F 32 -35.84 -5.84 32.19
N ASN F 33 -35.71 -4.62 31.66
CA ASN F 33 -36.10 -3.43 32.41
C ASN F 33 -37.60 -3.39 32.61
N MET F 34 -38.01 -2.67 33.66
CA MET F 34 -39.41 -2.50 34.00
C MET F 34 -39.80 -1.04 33.85
N TYR F 35 -40.74 -0.76 32.95
CA TYR F 35 -41.24 0.58 32.68
C TYR F 35 -42.59 0.80 33.36
N TRP F 36 -42.86 2.06 33.68
CA TRP F 36 -44.14 2.46 34.26
C TRP F 36 -44.76 3.55 33.39
N VAL F 37 -46.03 3.35 33.04
CA VAL F 37 -46.74 4.23 32.13
C VAL F 37 -48.01 4.72 32.82
N LYS F 38 -48.29 6.02 32.71
CA LYS F 38 -49.48 6.62 33.26
C LYS F 38 -50.44 6.96 32.13
N GLN F 39 -51.74 6.71 32.36
CA GLN F 39 -52.76 6.99 31.36
C GLN F 39 -53.95 7.65 32.07
N SER F 40 -54.18 8.92 31.76
CA SER F 40 -55.38 9.59 32.23
C SER F 40 -56.59 9.09 31.43
N HIS F 41 -57.78 9.42 31.93
CA HIS F 41 -59.00 9.01 31.26
C HIS F 41 -59.11 9.71 29.91
N GLY F 42 -59.12 8.92 28.84
CA GLY F 42 -59.20 9.48 27.50
C GLY F 42 -58.01 10.33 27.12
N LYS F 43 -56.81 9.89 27.46
CA LYS F 43 -55.60 10.63 27.16
C LYS F 43 -54.51 9.67 26.71
N SER F 44 -53.50 10.22 26.04
CA SER F 44 -52.39 9.41 25.54
C SER F 44 -51.57 8.84 26.69
N LEU F 45 -51.03 7.65 26.48
CA LEU F 45 -50.16 7.03 27.47
C LEU F 45 -48.91 7.87 27.69
N GLU F 46 -48.53 8.04 28.95
CA GLU F 46 -47.37 8.84 29.32
C GLU F 46 -46.37 7.97 30.08
N TRP F 47 -45.13 7.98 29.62
CA TRP F 47 -44.07 7.21 30.25
C TRP F 47 -43.54 7.96 31.48
N ILE F 48 -43.51 7.27 32.61
CA ILE F 48 -43.06 7.86 33.88
C ILE F 48 -41.57 7.62 34.03
N GLY F 49 -41.17 6.37 34.01
CA GLY F 49 -39.77 6.02 34.12
C GLY F 49 -39.62 4.52 34.14
N TYR F 50 -38.36 4.09 34.11
CA TYR F 50 -38.07 2.67 34.12
C TYR F 50 -36.93 2.38 35.07
N ILE F 51 -36.90 1.14 35.55
CA ILE F 51 -35.87 0.67 36.46
C ILE F 51 -35.26 -0.61 35.90
N ASP F 52 -33.94 -0.66 35.88
CA ASP F 52 -33.14 -1.85 35.65
C ASP F 52 -33.10 -2.63 36.96
N PRO F 53 -33.84 -3.74 37.02
CA PRO F 53 -33.99 -4.46 38.31
C PRO F 53 -32.69 -5.05 38.84
N TYR F 54 -31.76 -5.45 37.96
CA TYR F 54 -30.57 -6.14 38.44
C TYR F 54 -29.73 -5.25 39.35
N ASN F 55 -29.53 -4.00 38.96
CA ASN F 55 -28.82 -3.04 39.80
C ASN F 55 -29.72 -1.91 40.26
N ALA F 56 -31.03 -2.00 40.03
CA ALA F 56 -31.99 -0.99 40.47
C ALA F 56 -31.67 0.39 39.91
N ASP F 57 -31.25 0.43 38.64
CA ASP F 57 -30.85 1.70 38.03
C ASP F 57 -32.07 2.38 37.42
N THR F 58 -32.37 3.59 37.86
CA THR F 58 -33.63 4.25 37.53
C THR F 58 -33.41 5.41 36.58
N THR F 59 -34.32 5.56 35.62
CA THR F 59 -34.39 6.73 34.76
C THR F 59 -35.83 7.23 34.77
N TYR F 60 -36.01 8.53 35.01
CA TYR F 60 -37.32 9.11 35.20
C TYR F 60 -37.62 10.14 34.11
N ASN F 61 -38.90 10.30 33.80
CA ASN F 61 -39.33 11.38 32.93
C ASN F 61 -39.08 12.72 33.59
N ARG F 62 -38.80 13.73 32.78
CA ARG F 62 -38.50 15.06 33.32
C ARG F 62 -39.69 15.63 34.08
N GLU F 63 -40.90 15.39 33.58
CA GLU F 63 -42.09 15.87 34.28
C GLU F 63 -42.28 15.18 35.62
N PHE F 64 -42.03 13.87 35.66
CA PHE F 64 -42.24 13.08 36.86
C PHE F 64 -41.02 13.01 37.76
N LYS F 65 -39.95 13.75 37.44
CA LYS F 65 -38.77 13.77 38.29
C LYS F 65 -39.12 14.36 39.65
N GLY F 66 -39.01 13.52 40.69
CA GLY F 66 -39.40 13.91 42.03
C GLY F 66 -40.84 13.60 42.38
N LYS F 67 -41.69 13.35 41.38
CA LYS F 67 -43.06 12.94 41.64
C LYS F 67 -43.16 11.44 41.87
N ALA F 68 -42.35 10.65 41.16
CA ALA F 68 -42.37 9.20 41.28
C ALA F 68 -40.96 8.70 41.54
N THR F 69 -40.87 7.71 42.44
CA THR F 69 -39.62 7.04 42.75
C THR F 69 -39.80 5.55 42.50
N LEU F 70 -38.89 4.95 41.75
CA LEU F 70 -38.98 3.54 41.39
C LEU F 70 -37.99 2.73 42.22
N THR F 71 -38.50 1.66 42.83
CA THR F 71 -37.69 0.71 43.57
C THR F 71 -38.01 -0.70 43.07
N VAL F 72 -37.27 -1.69 43.58
CA VAL F 72 -37.38 -3.04 43.06
C VAL F 72 -36.94 -4.00 44.16
N ASP F 73 -37.49 -5.21 44.12
CA ASP F 73 -37.13 -6.27 45.06
C ASP F 73 -36.57 -7.45 44.27
N LYS F 74 -35.38 -7.93 44.66
CA LYS F 74 -34.81 -9.09 44.00
C LYS F 74 -35.47 -10.38 44.49
N SER F 75 -35.65 -10.52 45.80
CA SER F 75 -36.21 -11.76 46.35
C SER F 75 -37.63 -11.99 45.85
N SER F 76 -38.50 -10.99 45.99
CA SER F 76 -39.83 -11.03 45.42
C SER F 76 -39.80 -10.24 44.12
N SER F 77 -40.14 -10.89 43.01
CA SER F 77 -40.00 -10.28 41.68
C SER F 77 -41.06 -9.20 41.53
N THR F 78 -40.80 -8.06 42.17
CA THR F 78 -41.74 -6.96 42.22
C THR F 78 -41.02 -5.64 41.99
N ALA F 79 -41.66 -4.76 41.24
CA ALA F 79 -41.19 -3.39 41.05
C ALA F 79 -42.21 -2.44 41.65
N PHE F 80 -41.75 -1.48 42.44
CA PHE F 80 -42.63 -0.60 43.19
C PHE F 80 -42.49 0.83 42.68
N MET F 81 -43.62 1.50 42.51
CA MET F 81 -43.65 2.92 42.14
C MET F 81 -44.28 3.69 43.29
N HIS F 82 -43.56 4.68 43.80
CA HIS F 82 -44.00 5.50 44.91
C HIS F 82 -44.26 6.91 44.42
N LEU F 83 -45.50 7.38 44.59
CA LEU F 83 -45.90 8.72 44.23
C LEU F 83 -46.10 9.56 45.48
N ASN F 84 -45.59 10.78 45.46
CA ASN F 84 -45.65 11.69 46.59
C ASN F 84 -46.29 13.00 46.16
N SER F 85 -46.96 13.66 47.11
CA SER F 85 -47.64 14.93 46.88
C SER F 85 -48.69 14.80 45.78
N LEU F 86 -49.64 13.90 46.01
CA LEU F 86 -50.68 13.64 45.03
C LEU F 86 -51.62 14.83 44.88
N THR F 87 -52.09 15.03 43.65
CA THR F 87 -53.01 16.11 43.33
C THR F 87 -54.16 15.54 42.49
N SER F 88 -55.11 16.40 42.15
CA SER F 88 -56.24 15.96 41.35
C SER F 88 -55.81 15.51 39.95
N GLU F 89 -54.81 16.19 39.40
CA GLU F 89 -54.32 15.84 38.07
C GLU F 89 -53.67 14.46 38.03
N ASP F 90 -53.26 13.92 39.19
CA ASP F 90 -52.59 12.64 39.25
C ASP F 90 -53.55 11.45 39.20
N SER F 91 -54.86 11.69 39.26
CA SER F 91 -55.83 10.59 39.19
C SER F 91 -55.81 9.98 37.79
N ALA F 92 -55.42 8.71 37.69
CA ALA F 92 -55.26 8.06 36.40
C ALA F 92 -55.04 6.57 36.63
N VAL F 93 -54.89 5.82 35.56
CA VAL F 93 -54.60 4.38 35.63
C VAL F 93 -53.15 4.17 35.25
N TYR F 94 -52.43 3.41 36.08
CA TYR F 94 -51.01 3.18 35.89
C TYR F 94 -50.78 1.72 35.48
N TYR F 95 -49.98 1.52 34.44
CA TYR F 95 -49.61 0.21 33.96
C TYR F 95 -48.10 0.01 34.12
N CYS F 96 -47.68 -1.23 34.32
CA CYS F 96 -46.28 -1.59 34.32
C CYS F 96 -46.02 -2.56 33.18
N ALA F 97 -44.94 -2.33 32.44
CA ALA F 97 -44.62 -3.12 31.26
C ALA F 97 -43.16 -3.55 31.32
N ARG F 98 -42.85 -4.60 30.59
CA ARG F 98 -41.48 -5.08 30.44
C ARG F 98 -41.03 -4.83 29.01
N LYS F 99 -39.82 -4.29 28.87
CA LYS F 99 -39.24 -4.05 27.55
C LYS F 99 -38.46 -5.30 27.15
N ARG F 100 -39.08 -6.14 26.34
CA ARG F 100 -38.42 -7.36 25.88
C ARG F 100 -37.19 -7.04 25.04
N ASN F 101 -37.31 -6.08 24.14
CA ASN F 101 -36.21 -5.65 23.29
C ASN F 101 -36.18 -4.13 23.30
N ASN F 102 -35.39 -3.54 22.42
CA ASN F 102 -35.44 -2.10 22.19
C ASN F 102 -36.48 -1.74 21.13
N PHE F 103 -37.44 -2.63 20.88
CA PHE F 103 -38.49 -2.42 19.89
C PHE F 103 -39.87 -2.24 20.51
N TYR F 104 -40.28 -3.13 21.41
CA TYR F 104 -41.64 -3.17 21.88
C TYR F 104 -41.69 -3.49 23.36
N PHE F 105 -42.81 -3.13 23.98
CA PHE F 105 -43.14 -3.58 25.33
C PHE F 105 -43.96 -4.85 25.20
N ASP F 106 -43.40 -5.98 25.67
CA ASP F 106 -44.01 -7.27 25.40
C ASP F 106 -45.29 -7.47 26.20
N TYR F 107 -45.18 -7.47 27.53
CA TYR F 107 -46.31 -7.70 28.42
C TYR F 107 -46.56 -6.49 29.28
N TRP F 108 -47.83 -6.08 29.38
CA TRP F 108 -48.24 -4.95 30.19
C TRP F 108 -48.90 -5.42 31.47
N GLY F 109 -49.03 -4.49 32.42
CA GLY F 109 -49.71 -4.77 33.66
C GLY F 109 -51.22 -4.77 33.51
N GLN F 110 -51.90 -5.26 34.55
CA GLN F 110 -53.36 -5.30 34.53
C GLN F 110 -53.96 -3.90 34.52
N GLY F 111 -53.36 -2.98 35.28
CA GLY F 111 -53.89 -1.62 35.38
C GLY F 111 -54.26 -1.32 36.82
N THR F 112 -53.76 -0.20 37.31
CA THR F 112 -53.98 0.26 38.68
C THR F 112 -54.68 1.61 38.62
N PRO F 113 -56.00 1.65 38.76
CA PRO F 113 -56.69 2.94 38.89
C PRO F 113 -56.31 3.62 40.20
N LEU F 114 -56.10 4.93 40.13
CA LEU F 114 -55.78 5.74 41.28
C LEU F 114 -56.63 7.00 41.23
N THR F 115 -57.38 7.23 42.31
CA THR F 115 -58.32 8.34 42.42
C THR F 115 -57.86 9.26 43.54
N VAL F 116 -57.81 10.56 43.25
CA VAL F 116 -57.41 11.57 44.24
C VAL F 116 -58.57 12.53 44.39
N SER F 117 -59.09 12.64 45.61
CA SER F 117 -60.22 13.51 45.91
C SER F 117 -60.42 13.66 47.40
N GLU G 1 33.25 -50.72 -7.36
CA GLU G 1 32.86 -49.42 -7.90
C GLU G 1 31.76 -49.56 -8.95
N ILE G 2 31.47 -48.46 -9.64
CA ILE G 2 30.44 -48.44 -10.67
C ILE G 2 30.99 -49.10 -11.93
N GLN G 3 30.21 -50.00 -12.52
CA GLN G 3 30.60 -50.69 -13.74
C GLN G 3 29.37 -50.83 -14.62
N LEU G 4 29.47 -50.36 -15.86
CA LEU G 4 28.39 -50.43 -16.84
C LEU G 4 28.78 -51.47 -17.89
N GLN G 5 28.19 -52.66 -17.79
CA GLN G 5 28.48 -53.74 -18.72
C GLN G 5 27.43 -53.76 -19.84
N GLN G 6 27.89 -53.74 -21.08
CA GLN G 6 27.00 -53.74 -22.23
C GLN G 6 27.08 -55.08 -22.95
N SER G 7 26.08 -55.32 -23.80
CA SER G 7 26.04 -56.55 -24.58
C SER G 7 27.20 -56.58 -25.57
N GLY G 8 27.63 -57.79 -25.91
CA GLY G 8 28.75 -57.98 -26.80
C GLY G 8 28.44 -57.58 -28.23
N PRO G 9 29.46 -57.47 -29.06
CA PRO G 9 29.24 -57.07 -30.45
C PRO G 9 28.43 -58.10 -31.21
N GLU G 10 27.67 -57.63 -32.20
CA GLU G 10 26.84 -58.50 -33.00
C GLU G 10 26.67 -57.91 -34.39
N LEU G 11 26.32 -58.78 -35.34
CA LEU G 11 26.11 -58.41 -36.72
C LEU G 11 24.69 -58.80 -37.13
N VAL G 12 24.00 -57.89 -37.81
CA VAL G 12 22.61 -58.12 -38.20
C VAL G 12 22.39 -57.63 -39.62
N LYS G 13 21.47 -58.29 -40.33
CA LYS G 13 21.11 -57.88 -41.68
C LYS G 13 20.32 -56.58 -41.63
N PRO G 14 20.36 -55.78 -42.70
CA PRO G 14 19.56 -54.56 -42.73
C PRO G 14 18.08 -54.86 -42.63
N GLY G 15 17.36 -53.97 -41.94
CA GLY G 15 15.94 -54.12 -41.74
C GLY G 15 15.53 -54.96 -40.54
N THR G 16 16.51 -55.52 -39.81
CA THR G 16 16.23 -56.36 -38.65
C THR G 16 16.54 -55.60 -37.38
N SER G 17 15.61 -55.63 -36.43
CA SER G 17 15.79 -54.92 -35.17
C SER G 17 16.82 -55.62 -34.29
N VAL G 18 17.30 -54.89 -33.28
CA VAL G 18 18.30 -55.42 -32.36
C VAL G 18 18.18 -54.67 -31.04
N LYS G 19 18.48 -55.37 -29.94
CA LYS G 19 18.45 -54.76 -28.61
C LYS G 19 19.83 -54.86 -27.97
N VAL G 20 20.22 -53.80 -27.27
CA VAL G 20 21.48 -53.73 -26.57
C VAL G 20 21.20 -53.37 -25.12
N SER G 21 21.85 -54.08 -24.19
CA SER G 21 21.61 -53.92 -22.77
C SER G 21 22.71 -53.09 -22.12
N CYS G 22 22.43 -52.66 -20.89
CA CYS G 22 23.39 -51.89 -20.10
C CYS G 22 23.09 -52.20 -18.63
N LYS G 23 23.97 -52.98 -18.00
CA LYS G 23 23.80 -53.43 -16.63
C LYS G 23 24.69 -52.60 -15.71
N ALA G 24 24.09 -52.02 -14.68
CA ALA G 24 24.78 -51.24 -13.66
C ALA G 24 24.71 -51.96 -12.33
N SER G 25 25.80 -51.92 -11.58
CA SER G 25 25.86 -52.65 -10.31
C SER G 25 26.31 -51.80 -9.14
N GLY G 26 27.21 -50.83 -9.37
CA GLY G 26 27.83 -50.13 -8.25
C GLY G 26 26.86 -49.27 -7.45
N TYR G 27 25.94 -48.60 -8.12
CA TYR G 27 25.09 -47.61 -7.50
C TYR G 27 23.63 -48.02 -7.56
N SER G 28 22.78 -47.22 -6.93
CA SER G 28 21.34 -47.44 -6.97
C SER G 28 20.80 -46.97 -8.32
N PHE G 29 20.16 -47.89 -9.05
CA PHE G 29 19.91 -47.67 -10.48
C PHE G 29 18.98 -46.50 -10.74
N THR G 30 17.92 -46.37 -9.93
CA THR G 30 16.86 -45.41 -10.24
C THR G 30 17.22 -43.97 -9.88
N ASP G 31 18.36 -43.73 -9.24
CA ASP G 31 18.68 -42.37 -8.81
C ASP G 31 19.13 -41.47 -9.96
N TYR G 32 19.77 -42.04 -10.98
CA TYR G 32 20.38 -41.24 -12.03
C TYR G 32 19.88 -41.69 -13.39
N ASN G 33 19.73 -40.71 -14.30
CA ASN G 33 19.28 -41.02 -15.66
C ASN G 33 20.35 -41.79 -16.42
N MET G 34 19.90 -42.57 -17.40
CA MET G 34 20.77 -43.35 -18.26
C MET G 34 20.67 -42.81 -19.69
N TYR G 35 21.79 -42.35 -20.24
CA TYR G 35 21.85 -41.80 -21.58
C TYR G 35 22.48 -42.80 -22.54
N TRP G 36 22.18 -42.66 -23.83
CA TRP G 36 22.74 -43.51 -24.86
C TRP G 36 23.42 -42.67 -25.92
N VAL G 37 24.65 -43.03 -26.26
CA VAL G 37 25.46 -42.27 -27.21
C VAL G 37 25.95 -43.22 -28.30
N LYS G 38 25.78 -42.80 -29.55
CA LYS G 38 26.24 -43.53 -30.72
C LYS G 38 27.49 -42.85 -31.26
N GLN G 39 28.45 -43.65 -31.71
CA GLN G 39 29.70 -43.13 -32.27
C GLN G 39 30.07 -44.02 -33.46
N SER G 40 29.80 -43.53 -34.66
CA SER G 40 30.31 -44.16 -35.85
C SER G 40 31.82 -43.97 -35.93
N HIS G 41 32.49 -44.91 -36.58
CA HIS G 41 33.95 -44.91 -36.62
C HIS G 41 34.47 -43.64 -37.28
N GLY G 42 35.24 -42.85 -36.53
CA GLY G 42 35.82 -41.64 -37.05
C GLY G 42 34.92 -40.42 -36.99
N LYS G 43 33.77 -40.50 -36.33
CA LYS G 43 32.84 -39.39 -36.23
C LYS G 43 32.60 -39.00 -34.78
N SER G 44 31.95 -37.85 -34.61
CA SER G 44 31.71 -37.30 -33.28
C SER G 44 30.64 -38.10 -32.53
N LEU G 45 30.69 -37.98 -31.21
CA LEU G 45 29.67 -38.60 -30.37
C LEU G 45 28.31 -37.96 -30.61
N GLU G 46 27.28 -38.79 -30.73
CA GLU G 46 25.94 -38.34 -31.03
C GLU G 46 24.97 -38.87 -29.98
N TRP G 47 24.12 -38.01 -29.45
CA TRP G 47 23.20 -38.37 -28.38
C TRP G 47 21.91 -38.92 -28.95
N ILE G 48 21.49 -40.10 -28.48
CA ILE G 48 20.28 -40.74 -28.98
C ILE G 48 19.10 -40.36 -28.10
N GLY G 49 19.20 -40.64 -26.82
CA GLY G 49 18.13 -40.30 -25.88
C GLY G 49 18.51 -40.76 -24.50
N TYR G 50 17.64 -40.44 -23.54
CA TYR G 50 17.85 -40.86 -22.17
C TYR G 50 16.55 -41.31 -21.55
N ILE G 51 16.67 -42.18 -20.54
CA ILE G 51 15.54 -42.76 -19.83
C ILE G 51 15.73 -42.51 -18.34
N ASP G 52 14.68 -41.99 -17.70
CA ASP G 52 14.55 -41.88 -16.26
C ASP G 52 13.99 -43.22 -15.77
N PRO G 53 14.85 -44.04 -15.15
CA PRO G 53 14.45 -45.42 -14.83
C PRO G 53 13.31 -45.53 -13.84
N TYR G 54 13.21 -44.60 -12.88
CA TYR G 54 12.22 -44.74 -11.83
C TYR G 54 10.80 -44.75 -12.39
N ASN G 55 10.48 -43.76 -13.23
CA ASN G 55 9.19 -43.71 -13.90
C ASN G 55 9.28 -44.07 -15.37
N ALA G 56 10.45 -44.48 -15.85
CA ALA G 56 10.68 -44.85 -17.24
C ALA G 56 10.42 -43.69 -18.19
N ASP G 57 10.62 -42.45 -17.76
CA ASP G 57 10.35 -41.30 -18.62
C ASP G 57 11.46 -41.12 -19.66
N THR G 58 11.08 -41.03 -20.92
CA THR G 58 12.07 -41.08 -21.99
C THR G 58 12.07 -39.80 -22.81
N THR G 59 13.26 -39.40 -23.25
CA THR G 59 13.42 -38.28 -24.18
C THR G 59 14.38 -38.70 -25.27
N TYR G 60 14.01 -38.45 -26.52
CA TYR G 60 14.77 -38.91 -27.67
C TYR G 60 15.28 -37.74 -28.50
N ASN G 61 16.39 -37.98 -29.19
CA ASN G 61 16.86 -37.04 -30.19
C ASN G 61 15.92 -37.02 -31.39
N ARG G 62 15.87 -35.88 -32.07
CA ARG G 62 15.00 -35.75 -33.24
C ARG G 62 15.40 -36.74 -34.34
N GLU G 63 16.70 -36.90 -34.57
CA GLU G 63 17.17 -37.83 -35.59
C GLU G 63 16.78 -39.26 -35.27
N PHE G 64 16.87 -39.64 -33.99
CA PHE G 64 16.56 -41.00 -33.57
C PHE G 64 15.13 -41.15 -33.07
N LYS G 65 14.29 -40.13 -33.24
CA LYS G 65 12.90 -40.21 -32.82
C LYS G 65 12.17 -41.23 -33.68
N GLY G 66 11.88 -42.40 -33.12
CA GLY G 66 11.28 -43.49 -33.85
C GLY G 66 12.25 -44.56 -34.29
N LYS G 67 13.52 -44.20 -34.49
CA LYS G 67 14.54 -45.19 -34.82
C LYS G 67 14.95 -46.00 -33.59
N ALA G 68 14.93 -45.40 -32.41
CA ALA G 68 15.36 -46.06 -31.19
C ALA G 68 14.27 -45.97 -30.13
N THR G 69 14.13 -47.04 -29.35
CA THR G 69 13.18 -47.08 -28.24
C THR G 69 13.93 -47.48 -26.98
N LEU G 70 13.74 -46.71 -25.91
CA LEU G 70 14.44 -46.92 -24.66
C LEU G 70 13.50 -47.51 -23.62
N THR G 71 13.93 -48.62 -23.01
CA THR G 71 13.18 -49.29 -21.97
C THR G 71 14.11 -49.58 -20.79
N VAL G 72 13.55 -50.10 -19.71
CA VAL G 72 14.31 -50.27 -18.47
C VAL G 72 13.71 -51.44 -17.69
N ASP G 73 14.57 -52.17 -16.99
CA ASP G 73 14.18 -53.23 -16.07
C ASP G 73 14.79 -52.88 -14.72
N LYS G 74 13.98 -52.27 -13.85
CA LYS G 74 14.45 -51.85 -12.53
C LYS G 74 14.85 -53.04 -11.68
N SER G 75 14.08 -54.14 -11.76
CA SER G 75 14.41 -55.32 -10.98
C SER G 75 15.76 -55.89 -11.39
N SER G 76 16.03 -55.96 -12.68
CA SER G 76 17.33 -56.39 -13.16
C SER G 76 18.35 -55.25 -13.19
N SER G 77 17.92 -54.01 -12.97
CA SER G 77 18.79 -52.84 -13.01
C SER G 77 19.51 -52.73 -14.34
N THR G 78 18.74 -52.84 -15.42
CA THR G 78 19.29 -52.84 -16.77
C THR G 78 18.53 -51.84 -17.64
N ALA G 79 19.26 -51.16 -18.52
CA ALA G 79 18.67 -50.25 -19.49
C ALA G 79 18.82 -50.86 -20.88
N PHE G 80 17.72 -50.86 -21.65
CA PHE G 80 17.70 -51.51 -22.96
C PHE G 80 17.42 -50.49 -24.04
N MET G 81 18.19 -50.55 -25.11
CA MET G 81 17.94 -49.76 -26.31
C MET G 81 17.59 -50.69 -27.47
N HIS G 82 16.45 -50.42 -28.10
CA HIS G 82 15.91 -51.25 -29.18
C HIS G 82 15.93 -50.43 -30.46
N LEU G 83 16.73 -50.86 -31.42
CA LEU G 83 16.82 -50.22 -32.73
C LEU G 83 16.04 -51.04 -33.75
N ASN G 84 15.23 -50.35 -34.55
CA ASN G 84 14.37 -50.99 -35.54
C ASN G 84 14.61 -50.36 -36.91
N SER G 85 14.32 -51.13 -37.95
CA SER G 85 14.49 -50.70 -39.34
C SER G 85 15.93 -50.25 -39.58
N LEU G 86 16.88 -51.13 -39.25
CA LEU G 86 18.29 -50.78 -39.35
C LEU G 86 18.70 -50.60 -40.81
N THR G 87 19.56 -49.61 -41.04
CA THR G 87 20.10 -49.31 -42.35
C THR G 87 21.62 -49.42 -42.31
N SER G 88 22.25 -49.07 -43.44
CA SER G 88 23.71 -49.17 -43.53
C SER G 88 24.40 -48.21 -42.57
N GLU G 89 23.86 -46.99 -42.43
CA GLU G 89 24.52 -45.97 -41.60
C GLU G 89 24.44 -46.30 -40.11
N ASP G 90 23.53 -47.20 -39.70
CA ASP G 90 23.36 -47.50 -38.28
C ASP G 90 24.52 -48.27 -37.68
N SER G 91 25.45 -48.78 -38.50
CA SER G 91 26.60 -49.49 -37.97
C SER G 91 27.52 -48.52 -37.23
N ALA G 92 27.66 -48.71 -35.93
CA ALA G 92 28.44 -47.81 -35.08
C ALA G 92 28.66 -48.48 -33.74
N VAL G 93 29.38 -47.80 -32.85
CA VAL G 93 29.64 -48.28 -31.51
C VAL G 93 28.77 -47.50 -30.54
N TYR G 94 28.05 -48.22 -29.68
CA TYR G 94 27.07 -47.61 -28.78
C TYR G 94 27.54 -47.73 -27.34
N TYR G 95 27.48 -46.62 -26.61
CA TYR G 95 27.82 -46.58 -25.20
C TYR G 95 26.61 -46.12 -24.40
N CYS G 96 26.51 -46.61 -23.17
CA CYS G 96 25.53 -46.11 -22.20
C CYS G 96 26.27 -45.32 -21.13
N ALA G 97 25.82 -44.11 -20.89
CA ALA G 97 26.46 -43.20 -19.94
C ALA G 97 25.53 -42.93 -18.76
N ARG G 98 26.13 -42.73 -17.59
CA ARG G 98 25.40 -42.42 -16.37
C ARG G 98 25.65 -40.96 -16.01
N LYS G 99 24.59 -40.17 -16.00
CA LYS G 99 24.68 -38.73 -15.76
C LYS G 99 24.59 -38.49 -14.26
N ARG G 100 25.73 -38.16 -13.63
CA ARG G 100 25.73 -37.89 -12.19
C ARG G 100 24.89 -36.67 -11.85
N ASN G 101 25.01 -35.61 -12.64
CA ASN G 101 24.29 -34.37 -12.39
C ASN G 101 24.27 -33.57 -13.70
N ASN G 102 23.90 -32.30 -13.60
CA ASN G 102 23.78 -31.47 -14.80
C ASN G 102 25.11 -31.25 -15.50
N PHE G 103 26.23 -31.54 -14.83
CA PHE G 103 27.52 -31.16 -15.37
C PHE G 103 28.14 -32.22 -16.28
N TYR G 104 28.25 -33.46 -15.80
CA TYR G 104 29.08 -34.45 -16.47
C TYR G 104 28.41 -35.81 -16.49
N PHE G 105 28.87 -36.65 -17.41
CA PHE G 105 28.56 -38.07 -17.42
C PHE G 105 29.65 -38.79 -16.67
N ASP G 106 29.29 -39.44 -15.55
CA ASP G 106 30.30 -39.97 -14.64
C ASP G 106 30.94 -41.23 -15.21
N TYR G 107 30.15 -42.27 -15.44
CA TYR G 107 30.67 -43.55 -15.91
C TYR G 107 30.02 -43.90 -17.24
N TRP G 108 30.85 -44.28 -18.21
CA TRP G 108 30.38 -44.66 -19.54
C TRP G 108 30.35 -46.18 -19.67
N GLY G 109 29.61 -46.64 -20.67
CA GLY G 109 29.58 -48.06 -20.97
C GLY G 109 30.82 -48.53 -21.70
N GLN G 110 31.05 -49.84 -21.64
CA GLN G 110 32.24 -50.40 -22.28
C GLN G 110 32.17 -50.32 -23.80
N GLY G 111 30.97 -50.42 -24.37
CA GLY G 111 30.83 -50.27 -25.82
C GLY G 111 30.33 -51.53 -26.49
N THR G 112 29.28 -51.37 -27.30
CA THR G 112 28.68 -52.45 -28.07
C THR G 112 28.79 -52.12 -29.55
N PRO G 113 29.81 -52.63 -30.24
CA PRO G 113 29.89 -52.42 -31.68
C PRO G 113 28.70 -53.04 -32.39
N LEU G 114 28.22 -52.37 -33.43
CA LEU G 114 27.10 -52.83 -34.23
C LEU G 114 27.50 -52.79 -35.69
N THR G 115 27.23 -53.88 -36.41
CA THR G 115 27.55 -53.96 -37.83
C THR G 115 26.39 -54.56 -38.61
N VAL G 116 26.21 -54.06 -39.82
CA VAL G 116 25.14 -54.49 -40.72
C VAL G 116 25.76 -54.76 -42.09
N SER G 117 25.32 -55.85 -42.72
CA SER G 117 25.81 -56.23 -44.04
C SER G 117 24.94 -57.31 -44.65
N TYR H 1 19.95 -28.09 -31.76
CA TYR H 1 20.69 -28.25 -30.53
C TYR H 1 21.97 -27.42 -30.56
N ILE H 2 22.73 -27.46 -29.47
CA ILE H 2 23.99 -26.73 -29.38
C ILE H 2 25.07 -27.52 -30.12
N VAL H 3 25.73 -26.88 -31.07
CA VAL H 3 26.77 -27.52 -31.87
C VAL H 3 28.12 -27.13 -31.29
N MET H 4 28.91 -28.13 -30.92
CA MET H 4 30.23 -27.92 -30.34
C MET H 4 31.29 -28.07 -31.43
N THR H 5 32.18 -27.08 -31.53
CA THR H 5 33.20 -27.06 -32.56
C THR H 5 34.57 -27.15 -31.92
N GLN H 6 35.36 -28.13 -32.35
CA GLN H 6 36.73 -28.30 -31.88
C GLN H 6 37.66 -27.71 -32.93
N SER H 7 38.27 -26.57 -32.61
CA SER H 7 39.13 -25.89 -33.58
C SER H 7 40.31 -26.75 -34.04
N PRO H 8 41.13 -27.34 -33.14
CA PRO H 8 42.20 -28.24 -33.61
C PRO H 8 41.64 -29.62 -33.94
N LYS H 9 41.55 -29.93 -35.23
CA LYS H 9 41.09 -31.26 -35.62
C LYS H 9 42.08 -32.33 -35.18
N SER H 10 43.37 -32.08 -35.35
CA SER H 10 44.40 -33.03 -34.92
C SER H 10 45.67 -32.24 -34.64
N MET H 11 46.13 -32.27 -33.39
CA MET H 11 47.31 -31.54 -32.96
C MET H 11 48.47 -32.50 -32.78
N SER H 12 49.61 -32.16 -33.37
CA SER H 12 50.83 -32.96 -33.28
C SER H 12 51.87 -32.18 -32.48
N MET H 13 52.18 -32.67 -31.28
CA MET H 13 53.17 -32.05 -30.42
C MET H 13 54.02 -33.12 -29.77
N SER H 14 55.27 -32.76 -29.47
CA SER H 14 56.18 -33.70 -28.85
C SER H 14 55.82 -33.90 -27.38
N LEU H 15 56.63 -34.69 -26.69
CA LEU H 15 56.40 -34.99 -25.29
C LEU H 15 56.95 -33.88 -24.40
N GLY H 16 56.19 -33.54 -23.36
CA GLY H 16 56.63 -32.56 -22.39
C GLY H 16 56.57 -31.13 -22.86
N GLU H 17 55.38 -30.66 -23.21
CA GLU H 17 55.20 -29.25 -23.59
C GLU H 17 53.74 -28.88 -23.41
N ARG H 18 53.50 -27.58 -23.32
CA ARG H 18 52.13 -27.07 -23.14
C ARG H 18 51.34 -27.25 -24.42
N VAL H 19 50.13 -27.79 -24.30
CA VAL H 19 49.23 -27.91 -25.44
C VAL H 19 47.83 -27.46 -25.01
N THR H 20 47.16 -26.70 -25.86
CA THR H 20 45.82 -26.21 -25.58
C THR H 20 44.86 -26.68 -26.66
N LEU H 21 43.77 -27.31 -26.24
CA LEU H 21 42.70 -27.74 -27.13
C LEU H 21 41.50 -26.82 -26.93
N SER H 22 41.01 -26.24 -28.02
CA SER H 22 39.92 -25.29 -27.97
C SER H 22 38.58 -25.99 -28.18
N CYS H 23 37.51 -25.27 -27.84
CA CYS H 23 36.14 -25.78 -27.97
C CYS H 23 35.20 -24.59 -28.03
N ARG H 24 34.36 -24.54 -29.06
CA ARG H 24 33.41 -23.47 -29.26
C ARG H 24 31.99 -24.01 -29.19
N ALA H 25 31.12 -23.27 -28.49
CA ALA H 25 29.71 -23.61 -28.39
C ALA H 25 28.90 -22.61 -29.20
N SER H 26 27.93 -23.13 -29.96
CA SER H 26 27.13 -22.27 -30.83
C SER H 26 26.33 -21.25 -30.03
N GLU H 27 25.74 -21.67 -28.92
CA GLU H 27 24.93 -20.81 -28.08
C GLU H 27 25.53 -20.78 -26.68
N TYR H 28 24.83 -20.07 -25.78
CA TYR H 28 25.23 -20.05 -24.38
C TYR H 28 25.15 -21.44 -23.78
N VAL H 29 26.20 -21.83 -23.05
CA VAL H 29 26.23 -23.10 -22.34
C VAL H 29 26.62 -22.95 -20.88
N GLY H 30 26.90 -21.73 -20.41
CA GLY H 30 27.29 -21.55 -19.03
C GLY H 30 28.58 -22.27 -18.71
N SER H 31 28.59 -22.93 -17.56
CA SER H 31 29.72 -23.73 -17.13
C SER H 31 29.45 -25.24 -17.25
N TYR H 32 28.54 -25.63 -18.12
CA TYR H 32 28.21 -27.04 -18.32
C TYR H 32 28.91 -27.60 -19.55
N VAL H 33 30.25 -27.60 -19.51
CA VAL H 33 31.06 -28.03 -20.65
C VAL H 33 32.13 -28.99 -20.10
N SER H 34 31.91 -30.28 -20.27
CA SER H 34 32.84 -31.29 -19.81
C SER H 34 33.79 -31.71 -20.92
N TRP H 35 34.96 -32.19 -20.52
CA TRP H 35 35.96 -32.73 -21.42
C TRP H 35 36.14 -34.22 -21.14
N TYR H 36 36.32 -35.00 -22.20
CA TYR H 36 36.44 -36.44 -22.10
C TYR H 36 37.63 -36.92 -22.91
N GLN H 37 38.28 -37.96 -22.40
CA GLN H 37 39.43 -38.58 -23.05
C GLN H 37 39.05 -39.98 -23.48
N GLN H 38 39.33 -40.31 -24.74
CA GLN H 38 38.97 -41.59 -25.33
C GLN H 38 40.17 -42.13 -26.08
N LYS H 39 40.80 -43.15 -25.53
CA LYS H 39 41.84 -43.86 -26.25
C LYS H 39 41.22 -44.74 -27.32
N PRO H 40 42.00 -45.14 -28.33
CA PRO H 40 41.46 -46.03 -29.36
C PRO H 40 40.92 -47.32 -28.78
N GLU H 41 39.78 -47.76 -29.30
CA GLU H 41 39.11 -48.98 -28.85
C GLU H 41 38.84 -48.93 -27.34
N GLN H 42 38.40 -47.78 -26.85
CA GLN H 42 38.13 -47.62 -25.43
C GLN H 42 37.01 -46.59 -25.26
N SER H 43 36.36 -46.66 -24.11
CA SER H 43 35.28 -45.73 -23.79
C SER H 43 35.83 -44.39 -23.34
N PRO H 44 35.04 -43.32 -23.47
CA PRO H 44 35.50 -42.01 -23.00
C PRO H 44 35.70 -41.99 -21.50
N LYS H 45 36.67 -41.17 -21.06
CA LYS H 45 36.97 -40.97 -19.66
C LYS H 45 36.86 -39.49 -19.34
N LEU H 46 36.07 -39.16 -18.32
CA LEU H 46 35.90 -37.77 -17.93
C LEU H 46 37.17 -37.23 -17.29
N LEU H 47 37.57 -36.03 -17.72
CA LEU H 47 38.76 -35.36 -17.18
C LEU H 47 38.40 -34.08 -16.45
N ILE H 48 37.69 -33.16 -17.11
CA ILE H 48 37.33 -31.88 -16.55
C ILE H 48 35.81 -31.76 -16.61
N TYR H 49 35.19 -31.46 -15.47
CA TYR H 49 33.76 -31.18 -15.43
C TYR H 49 33.56 -29.72 -15.04
N GLY H 50 32.30 -29.30 -15.04
CA GLY H 50 32.04 -27.87 -14.90
C GLY H 50 32.67 -27.15 -16.07
N ALA H 51 33.44 -26.11 -15.76
CA ALA H 51 34.26 -25.45 -16.76
C ALA H 51 35.75 -25.59 -16.48
N SER H 52 36.15 -25.58 -15.22
CA SER H 52 37.53 -25.76 -14.82
C SER H 52 37.72 -26.78 -13.72
N ASN H 53 36.64 -27.32 -13.14
CA ASN H 53 36.76 -28.27 -12.06
C ASN H 53 37.39 -29.56 -12.56
N ARG H 54 38.41 -30.04 -11.85
CA ARG H 54 39.12 -31.25 -12.22
C ARG H 54 38.44 -32.46 -11.60
N TYR H 55 38.10 -33.44 -12.43
CA TYR H 55 37.47 -34.65 -11.93
C TYR H 55 38.44 -35.44 -11.07
N THR H 56 37.89 -36.23 -10.14
CA THR H 56 38.72 -37.01 -9.24
C THR H 56 39.52 -38.05 -10.02
N GLY H 57 40.76 -38.29 -9.57
CA GLY H 57 41.63 -39.24 -10.23
C GLY H 57 42.29 -38.74 -11.49
N VAL H 58 42.21 -37.45 -11.77
CA VAL H 58 42.80 -36.86 -12.97
C VAL H 58 44.14 -36.22 -12.60
N PRO H 59 45.19 -36.38 -13.41
CA PRO H 59 46.46 -35.73 -13.11
C PRO H 59 46.31 -34.21 -13.07
N ASP H 60 47.12 -33.59 -12.21
CA ASP H 60 47.05 -32.14 -12.01
C ASP H 60 47.43 -31.35 -13.26
N ARG H 61 48.11 -31.97 -14.22
CA ARG H 61 48.54 -31.25 -15.41
C ARG H 61 47.37 -30.78 -16.26
N PHE H 62 46.24 -31.47 -16.19
CA PHE H 62 45.06 -31.06 -16.94
C PHE H 62 44.45 -29.83 -16.29
N ALA H 63 44.03 -28.87 -17.11
CA ALA H 63 43.40 -27.67 -16.57
C ALA H 63 42.41 -27.11 -17.57
N GLY H 64 41.16 -26.92 -17.14
CA GLY H 64 40.14 -26.35 -17.98
C GLY H 64 39.94 -24.87 -17.71
N SER H 65 39.32 -24.20 -18.68
CA SER H 65 39.02 -22.79 -18.54
C SER H 65 37.97 -22.40 -19.56
N GLY H 66 37.16 -21.39 -19.22
CA GLY H 66 36.14 -20.92 -20.14
C GLY H 66 34.89 -20.43 -19.44
N SER H 67 34.36 -19.30 -19.89
CA SER H 67 33.20 -18.68 -19.23
C SER H 67 31.89 -18.96 -19.96
N ALA H 68 31.80 -18.58 -21.24
CA ALA H 68 30.52 -18.61 -21.96
C ALA H 68 30.53 -19.55 -23.15
N THR H 69 31.38 -19.31 -24.14
CA THR H 69 31.37 -20.12 -25.36
C THR H 69 32.77 -20.61 -25.71
N ASP H 70 33.79 -19.88 -25.30
CA ASP H 70 35.17 -20.26 -25.55
C ASP H 70 35.66 -21.12 -24.38
N PHE H 71 36.03 -22.36 -24.66
CA PHE H 71 36.53 -23.25 -23.63
C PHE H 71 37.85 -23.85 -24.08
N THR H 72 38.79 -23.99 -23.15
CA THR H 72 40.11 -24.52 -23.44
C THR H 72 40.50 -25.56 -22.41
N LEU H 73 41.14 -26.61 -22.88
CA LEU H 73 41.74 -27.64 -22.03
C LEU H 73 43.24 -27.63 -22.27
N THR H 74 44.01 -27.40 -21.21
CA THR H 74 45.45 -27.20 -21.31
C THR H 74 46.18 -28.31 -20.59
N ILE H 75 47.19 -28.87 -21.25
CA ILE H 75 48.10 -29.84 -20.66
C ILE H 75 49.45 -29.15 -20.48
N THR H 76 49.90 -29.05 -19.23
CA THR H 76 51.16 -28.39 -18.94
C THR H 76 52.35 -29.19 -19.47
N SER H 77 52.30 -30.52 -19.35
CA SER H 77 53.38 -31.37 -19.80
C SER H 77 52.78 -32.66 -20.33
N VAL H 78 52.86 -32.86 -21.64
CA VAL H 78 52.25 -34.05 -22.25
C VAL H 78 53.06 -35.28 -21.89
N GLN H 79 52.40 -36.29 -21.35
CA GLN H 79 53.00 -37.57 -21.07
C GLN H 79 52.56 -38.60 -22.11
N ALA H 80 53.17 -39.79 -22.04
CA ALA H 80 52.86 -40.83 -23.02
C ALA H 80 51.41 -41.28 -22.91
N GLU H 81 50.80 -41.16 -21.73
CA GLU H 81 49.42 -41.54 -21.53
C GLU H 81 48.44 -40.51 -22.07
N ASP H 82 48.90 -39.29 -22.38
CA ASP H 82 48.04 -38.21 -22.82
C ASP H 82 47.87 -38.18 -24.33
N LEU H 83 48.05 -39.30 -25.02
CA LEU H 83 47.87 -39.39 -26.47
C LEU H 83 46.58 -40.16 -26.73
N ALA H 84 45.51 -39.42 -26.99
CA ALA H 84 44.18 -40.01 -27.23
C ALA H 84 43.31 -38.94 -27.86
N ASP H 85 42.06 -39.31 -28.16
CA ASP H 85 41.09 -38.39 -28.73
C ASP H 85 40.37 -37.64 -27.62
N TYR H 86 40.33 -36.33 -27.72
CA TYR H 86 39.73 -35.49 -26.69
C TYR H 86 38.47 -34.83 -27.22
N HIS H 87 37.37 -35.01 -26.50
CA HIS H 87 36.06 -34.49 -26.88
C HIS H 87 35.60 -33.48 -25.86
N CYS H 88 34.87 -32.47 -26.32
CA CYS H 88 34.19 -31.53 -25.42
C CYS H 88 32.69 -31.61 -25.66
N GLY H 89 31.94 -31.72 -24.57
CA GLY H 89 30.50 -31.85 -24.67
C GLY H 89 29.80 -30.91 -23.71
N GLN H 90 28.66 -30.40 -24.16
CA GLN H 90 27.85 -29.47 -23.37
C GLN H 90 26.63 -30.20 -22.82
N THR H 91 26.29 -29.90 -21.57
CA THR H 91 25.10 -30.45 -20.94
C THR H 91 24.14 -29.37 -20.49
N TYR H 92 24.32 -28.12 -20.95
CA TYR H 92 23.36 -27.07 -20.66
C TYR H 92 22.00 -27.39 -21.27
N ASN H 93 22.00 -27.73 -22.54
CA ASN H 93 20.83 -28.26 -23.23
C ASN H 93 21.00 -29.77 -23.40
N TYR H 94 20.17 -30.37 -24.24
CA TYR H 94 20.34 -31.78 -24.57
C TYR H 94 21.78 -32.05 -24.99
N PRO H 95 22.36 -33.17 -24.55
CA PRO H 95 23.81 -33.35 -24.73
C PRO H 95 24.23 -33.39 -26.19
N THR H 96 25.35 -32.72 -26.46
CA THR H 96 26.01 -32.76 -27.77
C THR H 96 27.51 -32.75 -27.52
N PHE H 97 28.26 -33.18 -28.53
CA PHE H 97 29.71 -33.29 -28.41
C PHE H 97 30.38 -32.70 -29.64
N GLY H 98 31.64 -32.32 -29.48
CA GLY H 98 32.42 -31.80 -30.57
C GLY H 98 32.99 -32.90 -31.45
N GLY H 99 33.74 -32.47 -32.47
CA GLY H 99 34.30 -33.42 -33.41
C GLY H 99 35.28 -34.39 -32.77
N GLY H 100 36.12 -33.88 -31.87
CA GLY H 100 37.08 -34.71 -31.19
C GLY H 100 38.52 -34.47 -31.63
N THR H 101 39.27 -33.73 -30.83
CA THR H 101 40.67 -33.45 -31.14
C THR H 101 41.52 -34.67 -30.82
N LYS H 102 42.46 -34.97 -31.72
CA LYS H 102 43.37 -36.09 -31.56
C LYS H 102 44.79 -35.56 -31.39
N LEU H 103 45.50 -36.08 -30.39
CA LEU H 103 46.85 -35.64 -30.09
C LEU H 103 47.85 -36.63 -30.71
N GLU H 104 48.85 -36.08 -31.40
CA GLU H 104 49.86 -36.88 -32.07
C GLU H 104 51.25 -36.32 -31.73
N ILE H 105 52.28 -36.98 -32.25
CA ILE H 105 53.65 -36.58 -31.98
C ILE H 105 54.36 -36.18 -33.28
N TYR I 1 -39.04 15.44 24.17
CA TYR I 1 -39.09 14.08 23.66
C TYR I 1 -39.73 14.04 22.29
N ILE I 2 -39.87 12.84 21.73
CA ILE I 2 -40.48 12.65 20.42
C ILE I 2 -41.99 12.52 20.62
N VAL I 3 -42.75 13.39 19.96
CA VAL I 3 -44.21 13.38 20.06
C VAL I 3 -44.77 12.57 18.90
N MET I 4 -45.68 11.66 19.20
CA MET I 4 -46.33 10.82 18.20
C MET I 4 -47.73 11.36 17.92
N THR I 5 -48.00 11.71 16.67
CA THR I 5 -49.27 12.27 16.26
C THR I 5 -49.98 11.31 15.32
N GLN I 6 -51.22 10.96 15.64
CA GLN I 6 -52.07 10.14 14.80
C GLN I 6 -53.11 11.03 14.16
N SER I 7 -53.06 11.18 12.84
CA SER I 7 -53.92 12.13 12.15
C SER I 7 -55.41 11.82 12.33
N PRO I 8 -55.90 10.58 12.13
CA PRO I 8 -57.32 10.31 12.40
C PRO I 8 -57.59 10.18 13.88
N LYS I 9 -58.22 11.21 14.46
CA LYS I 9 -58.57 11.17 15.88
C LYS I 9 -59.56 10.05 16.16
N SER I 10 -60.56 9.90 15.29
CA SER I 10 -61.54 8.82 15.40
C SER I 10 -61.88 8.32 14.01
N MET I 11 -62.31 7.07 13.93
CA MET I 11 -62.64 6.43 12.66
C MET I 11 -64.06 5.92 12.70
N SER I 12 -64.76 6.05 11.57
CA SER I 12 -66.15 5.62 11.45
C SER I 12 -66.36 4.65 10.30
N MET I 13 -65.30 3.91 9.94
CA MET I 13 -65.40 2.96 8.84
C MET I 13 -66.29 1.78 9.24
N SER I 14 -67.12 1.33 8.29
CA SER I 14 -68.02 0.22 8.55
C SER I 14 -67.25 -1.10 8.59
N LEU I 15 -67.90 -2.11 9.15
CA LEU I 15 -67.28 -3.42 9.30
C LEU I 15 -67.02 -4.06 7.95
N GLY I 16 -65.87 -4.72 7.83
CA GLY I 16 -65.50 -5.42 6.61
C GLY I 16 -64.78 -4.59 5.58
N GLU I 17 -64.62 -3.29 5.80
CA GLU I 17 -63.93 -2.42 4.86
C GLU I 17 -62.50 -2.15 5.32
N ARG I 18 -61.63 -1.92 4.34
CA ARG I 18 -60.24 -1.59 4.65
C ARG I 18 -60.16 -0.27 5.39
N VAL I 19 -59.33 -0.22 6.43
CA VAL I 19 -59.18 0.98 7.24
C VAL I 19 -57.70 1.24 7.49
N THR I 20 -57.29 2.50 7.33
CA THR I 20 -55.90 2.90 7.52
C THR I 20 -55.81 3.90 8.66
N LEU I 21 -54.87 3.67 9.57
CA LEU I 21 -54.60 4.56 10.68
C LEU I 21 -53.18 5.13 10.53
N SER I 22 -53.06 6.45 10.64
CA SER I 22 -51.80 7.14 10.43
C SER I 22 -51.12 7.43 11.75
N CYS I 23 -49.79 7.55 11.69
CA CYS I 23 -48.97 7.88 12.86
C CYS I 23 -47.78 8.67 12.38
N ARG I 24 -47.53 9.81 13.03
CA ARG I 24 -46.47 10.72 12.64
C ARG I 24 -45.54 10.95 13.82
N ALA I 25 -44.24 10.98 13.53
CA ALA I 25 -43.22 11.26 14.53
C ALA I 25 -42.57 12.59 14.22
N SER I 26 -42.36 13.40 15.26
CA SER I 26 -41.80 14.73 15.06
C SER I 26 -40.39 14.66 14.48
N GLU I 27 -39.58 13.73 14.98
CA GLU I 27 -38.21 13.56 14.51
C GLU I 27 -37.99 12.10 14.15
N TYR I 28 -36.75 11.78 13.79
CA TYR I 28 -36.41 10.44 13.36
C TYR I 28 -36.64 9.44 14.47
N VAL I 29 -37.25 8.31 14.12
CA VAL I 29 -37.47 7.21 15.05
C VAL I 29 -37.03 5.87 14.48
N GLY I 30 -36.54 5.83 13.25
CA GLY I 30 -36.13 4.58 12.65
C GLY I 30 -37.30 3.64 12.46
N SER I 31 -37.02 2.34 12.58
CA SER I 31 -38.03 1.30 12.52
C SER I 31 -38.42 0.79 13.90
N TYR I 32 -38.49 1.68 14.89
CA TYR I 32 -38.78 1.30 16.27
C TYR I 32 -40.21 1.64 16.68
N VAL I 33 -41.08 1.94 15.74
CA VAL I 33 -42.47 2.29 16.06
C VAL I 33 -43.27 1.01 16.23
N SER I 34 -44.08 0.98 17.29
CA SER I 34 -44.93 -0.17 17.60
C SER I 34 -46.38 0.27 17.74
N TRP I 35 -47.27 -0.60 17.30
CA TRP I 35 -48.71 -0.40 17.37
C TRP I 35 -49.30 -1.35 18.39
N TYR I 36 -50.07 -0.78 19.33
CA TYR I 36 -50.73 -1.51 20.40
C TYR I 36 -52.22 -1.24 20.34
N GLN I 37 -53.01 -2.24 20.69
CA GLN I 37 -54.47 -2.15 20.69
C GLN I 37 -54.97 -2.07 22.13
N GLN I 38 -55.77 -1.05 22.42
CA GLN I 38 -56.36 -0.83 23.74
C GLN I 38 -57.88 -0.91 23.59
N LYS I 39 -58.44 -2.07 23.95
CA LYS I 39 -59.88 -2.19 24.09
C LYS I 39 -60.33 -1.47 25.36
N PRO I 40 -61.61 -1.10 25.45
CA PRO I 40 -62.08 -0.41 26.66
C PRO I 40 -61.89 -1.27 27.90
N GLU I 41 -61.41 -0.62 28.96
CA GLU I 41 -61.14 -1.28 30.25
C GLU I 41 -60.17 -2.45 30.09
N GLN I 42 -59.20 -2.30 29.19
CA GLN I 42 -58.21 -3.34 28.94
C GLN I 42 -56.83 -2.72 28.75
N SER I 43 -55.81 -3.48 29.11
CA SER I 43 -54.44 -3.03 28.91
C SER I 43 -54.09 -3.07 27.42
N PRO I 44 -53.07 -2.30 27.01
CA PRO I 44 -52.67 -2.34 25.60
C PRO I 44 -52.23 -3.73 25.16
N LYS I 45 -52.54 -4.05 23.92
CA LYS I 45 -52.19 -5.33 23.33
C LYS I 45 -51.28 -5.07 22.12
N LEU I 46 -50.06 -5.58 22.18
CA LEU I 46 -49.10 -5.30 21.13
C LEU I 46 -49.52 -5.98 19.82
N LEU I 47 -49.76 -5.18 18.79
CA LEU I 47 -50.15 -5.69 17.48
C LEU I 47 -48.96 -5.76 16.53
N ILE I 48 -48.25 -4.65 16.35
CA ILE I 48 -47.16 -4.55 15.39
C ILE I 48 -45.92 -4.05 16.12
N TYR I 49 -44.78 -4.69 15.88
CA TYR I 49 -43.51 -4.23 16.43
C TYR I 49 -42.51 -4.03 15.30
N GLY I 50 -41.64 -3.04 15.48
CA GLY I 50 -40.66 -2.72 14.46
C GLY I 50 -41.20 -1.96 13.28
N ALA I 51 -42.46 -1.54 13.32
CA ALA I 51 -43.19 -0.78 12.31
C ALA I 51 -43.52 -1.61 11.08
N SER I 52 -43.02 -2.84 10.97
CA SER I 52 -43.40 -3.74 9.88
C SER I 52 -43.62 -5.18 10.32
N ASN I 53 -43.05 -5.62 11.44
CA ASN I 53 -43.15 -7.00 11.87
C ASN I 53 -44.36 -7.19 12.76
N ARG I 54 -45.14 -8.23 12.47
CA ARG I 54 -46.36 -8.51 13.23
C ARG I 54 -46.03 -9.42 14.41
N TYR I 55 -46.50 -9.03 15.59
CA TYR I 55 -46.25 -9.80 16.80
C TYR I 55 -46.93 -11.17 16.71
N THR I 56 -46.33 -12.15 17.40
CA THR I 56 -46.88 -13.50 17.37
C THR I 56 -48.27 -13.54 18.00
N GLY I 57 -49.13 -14.38 17.45
CA GLY I 57 -50.49 -14.49 17.92
C GLY I 57 -51.44 -13.43 17.43
N VAL I 58 -51.00 -12.59 16.50
CA VAL I 58 -51.83 -11.51 15.96
C VAL I 58 -52.40 -11.97 14.62
N PRO I 59 -53.67 -11.69 14.32
CA PRO I 59 -54.23 -12.06 13.01
C PRO I 59 -53.50 -11.36 11.88
N ASP I 60 -53.45 -12.03 10.73
CA ASP I 60 -52.71 -11.54 9.58
C ASP I 60 -53.36 -10.32 8.93
N ARG I 61 -54.56 -9.93 9.36
CA ARG I 61 -55.25 -8.80 8.75
C ARG I 61 -54.49 -7.50 8.97
N PHE I 62 -53.86 -7.36 10.13
CA PHE I 62 -53.11 -6.14 10.45
C PHE I 62 -51.83 -6.08 9.62
N ALA I 63 -51.47 -4.87 9.19
CA ALA I 63 -50.27 -4.68 8.38
C ALA I 63 -49.73 -3.29 8.65
N GLY I 64 -48.70 -3.19 9.47
CA GLY I 64 -48.01 -1.93 9.63
C GLY I 64 -46.88 -1.75 8.63
N SER I 65 -46.56 -0.50 8.35
CA SER I 65 -45.52 -0.18 7.38
C SER I 65 -45.22 1.31 7.48
N GLY I 66 -44.15 1.73 6.80
CA GLY I 66 -43.81 3.14 6.73
C GLY I 66 -42.36 3.37 7.10
N SER I 67 -41.77 4.40 6.49
CA SER I 67 -40.40 4.79 6.78
C SER I 67 -40.40 5.67 8.04
N ALA I 68 -39.25 6.28 8.33
CA ALA I 68 -39.16 7.15 9.49
C ALA I 68 -40.04 8.37 9.33
N THR I 69 -40.66 8.79 10.44
CA THR I 69 -41.54 9.97 10.53
C THR I 69 -42.81 9.82 9.71
N ASP I 70 -43.09 8.64 9.17
CA ASP I 70 -44.30 8.42 8.38
C ASP I 70 -44.67 6.94 8.54
N PHE I 71 -45.67 6.66 9.38
CA PHE I 71 -46.04 5.28 9.68
C PHE I 71 -47.54 5.10 9.50
N THR I 72 -47.93 3.92 9.03
CA THR I 72 -49.34 3.57 8.84
C THR I 72 -49.58 2.15 9.30
N LEU I 73 -50.80 1.89 9.76
CA LEU I 73 -51.26 0.56 10.10
C LEU I 73 -52.57 0.34 9.37
N THR I 74 -52.65 -0.71 8.55
CA THR I 74 -53.81 -0.98 7.71
C THR I 74 -54.45 -2.28 8.15
N ILE I 75 -55.77 -2.26 8.28
CA ILE I 75 -56.56 -3.45 8.52
C ILE I 75 -57.36 -3.73 7.26
N THR I 76 -57.09 -4.88 6.63
CA THR I 76 -57.74 -5.20 5.36
C THR I 76 -59.23 -5.37 5.53
N SER I 77 -59.67 -6.07 6.56
CA SER I 77 -61.09 -6.32 6.81
C SER I 77 -61.32 -6.26 8.32
N VAL I 78 -61.74 -5.08 8.79
CA VAL I 78 -62.01 -4.89 10.21
C VAL I 78 -63.20 -5.77 10.61
N GLN I 79 -63.04 -6.50 11.70
CA GLN I 79 -64.06 -7.41 12.18
C GLN I 79 -64.70 -6.85 13.46
N ALA I 80 -65.65 -7.61 13.99
CA ALA I 80 -66.40 -7.17 15.16
C ALA I 80 -65.54 -7.07 16.41
N GLU I 81 -64.38 -7.73 16.42
CA GLU I 81 -63.48 -7.69 17.57
C GLU I 81 -62.30 -6.75 17.38
N ASP I 82 -62.27 -5.99 16.28
CA ASP I 82 -61.18 -5.07 15.98
C ASP I 82 -61.52 -3.62 16.32
N LEU I 83 -62.63 -3.38 17.01
CA LEU I 83 -63.03 -2.03 17.39
C LEU I 83 -62.39 -1.70 18.73
N ALA I 84 -61.41 -0.80 18.72
CA ALA I 84 -60.70 -0.40 19.92
C ALA I 84 -59.84 0.82 19.59
N ASP I 85 -59.24 1.40 20.62
CA ASP I 85 -58.29 2.47 20.43
C ASP I 85 -56.95 1.90 19.98
N TYR I 86 -56.26 2.62 19.11
CA TYR I 86 -54.95 2.21 18.61
C TYR I 86 -53.90 3.23 19.00
N HIS I 87 -52.85 2.78 19.66
CA HIS I 87 -51.76 3.65 20.10
C HIS I 87 -50.49 3.28 19.36
N CYS I 88 -49.81 4.28 18.80
CA CYS I 88 -48.50 4.10 18.20
C CYS I 88 -47.46 4.76 19.09
N GLY I 89 -46.42 4.02 19.43
CA GLY I 89 -45.36 4.53 20.28
C GLY I 89 -44.00 4.24 19.71
N GLN I 90 -43.04 5.09 20.04
CA GLN I 90 -41.68 4.95 19.56
C GLN I 90 -40.75 4.59 20.72
N THR I 91 -39.79 3.70 20.45
CA THR I 91 -38.78 3.33 21.42
C THR I 91 -37.38 3.64 20.93
N TYR I 92 -37.26 4.47 19.89
CA TYR I 92 -35.96 4.94 19.45
C TYR I 92 -35.29 5.82 20.48
N ASN I 93 -36.06 6.41 21.38
CA ASN I 93 -35.57 7.27 22.45
C ASN I 93 -36.40 6.92 23.68
N TYR I 94 -36.40 7.82 24.66
CA TYR I 94 -37.28 7.64 25.81
C TYR I 94 -38.71 7.48 25.31
N PRO I 95 -39.41 6.41 25.69
CA PRO I 95 -40.66 6.06 25.00
C PRO I 95 -41.74 7.11 25.21
N THR I 96 -42.44 7.41 24.12
CA THR I 96 -43.57 8.35 24.14
C THR I 96 -44.61 7.83 23.18
N PHE I 97 -45.83 7.62 23.68
CA PHE I 97 -46.93 7.14 22.85
C PHE I 97 -47.64 8.32 22.20
N GLY I 98 -48.70 8.02 21.44
CA GLY I 98 -49.49 9.03 20.77
C GLY I 98 -50.96 8.92 21.15
N GLY I 99 -51.71 9.95 20.79
CA GLY I 99 -53.14 9.98 21.03
C GLY I 99 -53.85 8.81 20.36
N GLY I 100 -54.63 8.07 21.12
CA GLY I 100 -55.25 6.87 20.56
C GLY I 100 -56.26 7.21 19.48
N THR I 101 -56.34 6.32 18.49
CA THR I 101 -57.32 6.44 17.41
C THR I 101 -58.37 5.37 17.60
N LYS I 102 -59.63 5.79 17.70
CA LYS I 102 -60.75 4.89 17.96
C LYS I 102 -61.50 4.59 16.67
N LEU I 103 -62.03 3.37 16.58
CA LEU I 103 -62.76 2.91 15.42
C LEU I 103 -64.23 2.67 15.80
N GLU I 104 -65.14 3.08 14.92
CA GLU I 104 -66.55 2.91 15.15
C GLU I 104 -67.22 2.49 13.84
N ILE I 105 -68.38 1.86 13.96
CA ILE I 105 -69.12 1.41 12.79
C ILE I 105 -70.37 2.24 12.58
C1 NAG J . 37.59 -2.57 14.54
C2 NAG J . 38.73 -1.66 14.13
C3 NAG J . 40.08 -2.33 14.41
C4 NAG J . 40.16 -2.83 15.84
C5 NAG J . 38.91 -3.63 16.22
C6 NAG J . 38.83 -3.96 17.69
C7 NAG J . 38.69 -0.03 12.29
C8 NAG J . 38.90 1.03 13.33
N2 NAG J . 38.63 -1.29 12.73
O3 NAG J . 41.13 -1.40 14.16
O4 NAG J . 41.28 -3.69 15.95
O5 NAG J . 37.72 -2.89 15.91
O6 NAG J . 38.47 -2.81 18.46
O7 NAG J . 38.60 0.25 11.10
C1 NAG J . 42.18 -3.34 17.02
C2 NAG J . 42.94 -4.62 17.37
C3 NAG J . 43.99 -4.34 18.44
C4 NAG J . 44.89 -3.19 18.02
C5 NAG J . 44.04 -1.98 17.68
C6 NAG J . 44.84 -0.80 17.17
C7 NAG J . 42.25 -6.96 17.64
C8 NAG J . 41.19 -7.89 18.15
N2 NAG J . 42.02 -5.65 17.81
O3 NAG J . 44.77 -5.51 18.65
O4 NAG J . 45.80 -2.88 19.06
O5 NAG J . 43.11 -2.32 16.65
O6 NAG J . 45.25 -1.01 15.83
O7 NAG J . 43.26 -7.38 17.09
C1 BMA J . 47.15 -3.02 18.55
C2 BMA J . 48.14 -2.55 19.65
C3 BMA J . 49.57 -2.72 19.13
C4 BMA J . 49.81 -4.15 18.59
C5 BMA J . 48.73 -4.51 17.56
C6 BMA J . 48.85 -5.94 17.04
O2 BMA J . 48.02 -3.35 20.81
O3 BMA J . 50.52 -2.40 20.14
O4 BMA J . 51.09 -4.22 17.98
O5 BMA J . 47.43 -4.37 18.18
O6 BMA J . 48.72 -6.83 18.14
C1 NAG K . -29.71 -27.05 7.53
C2 NAG K . -31.13 -26.52 7.61
C3 NAG K . -32.01 -27.15 6.53
C4 NAG K . -31.36 -27.04 5.16
C5 NAG K . -29.91 -27.51 5.20
C6 NAG K . -29.14 -27.23 3.92
C7 NAG K . -31.87 -25.79 9.84
C8 NAG K . -31.44 -24.41 9.44
N2 NAG K . -31.70 -26.75 8.93
O3 NAG K . -33.28 -26.52 6.54
O4 NAG K . -32.10 -27.87 4.26
O5 NAG K . -29.19 -26.83 6.24
O6 NAG K . -29.27 -25.88 3.52
O7 NAG K . -32.35 -26.01 10.95
C1 NAG K . -32.38 -27.21 3.00
C2 NAG K . -33.13 -28.22 2.13
C3 NAG K . -33.48 -27.62 0.77
C4 NAG K . -34.09 -26.23 0.91
C5 NAG K . -33.32 -25.36 1.89
C6 NAG K . -34.00 -24.05 2.20
C7 NAG K . -31.25 -29.78 1.46
C8 NAG K . -30.47 -28.65 0.86
N2 NAG K . -32.44 -29.51 2.01
O3 NAG K . -34.40 -28.48 0.11
O4 NAG K . -34.02 -25.58 -0.36
O5 NAG K . -33.16 -26.04 3.15
O6 NAG K . -33.43 -22.98 1.44
O7 NAG K . -30.81 -30.92 1.44
C1 BMA K . -35.26 -25.61 -1.08
C2 BMA K . -35.14 -24.50 -2.11
C3 BMA K . -36.33 -24.47 -3.06
C4 BMA K . -36.64 -25.89 -3.61
C5 BMA K . -36.65 -26.96 -2.49
C6 BMA K . -36.68 -28.38 -3.05
O2 BMA K . -33.98 -24.69 -2.92
O3 BMA K . -36.13 -23.57 -4.16
O4 BMA K . -37.89 -25.88 -4.28
O5 BMA K . -35.44 -26.85 -1.72
O6 BMA K . -35.47 -28.58 -3.77
C1 MAN K . -36.27 -22.17 -3.82
C2 MAN K . -34.84 -21.51 -3.90
C3 MAN K . -34.64 -20.55 -2.74
C4 MAN K . -35.90 -19.70 -2.53
C5 MAN K . -37.06 -20.61 -2.06
C6 MAN K . -38.42 -20.12 -2.51
O2 MAN K . -34.68 -20.73 -5.08
O3 MAN K . -33.51 -19.71 -2.95
O4 MAN K . -35.65 -18.70 -1.55
O5 MAN K . -36.87 -21.99 -2.53
O6 MAN K . -39.37 -21.14 -2.23
C1 MAN K . -35.19 -29.99 -3.87
C2 MAN K . -34.50 -30.45 -2.56
C3 MAN K . -33.09 -29.87 -2.46
C4 MAN K . -32.30 -30.13 -3.76
C5 MAN K . -33.08 -29.60 -4.96
C6 MAN K . -32.39 -29.88 -6.29
O2 MAN K . -34.34 -31.87 -2.50
O3 MAN K . -32.37 -30.39 -1.35
O4 MAN K . -31.03 -29.48 -3.69
O5 MAN K . -34.37 -30.25 -4.99
O6 MAN K . -31.05 -29.40 -6.19
C1 NAG L . -12.87 -12.86 -20.33
C2 NAG L . -14.22 -13.47 -20.73
C3 NAG L . -14.17 -15.00 -20.59
C4 NAG L . -12.96 -15.60 -21.28
C5 NAG L . -11.68 -14.87 -20.85
C6 NAG L . -10.47 -15.30 -21.63
C7 NAG L . -15.90 -11.76 -20.20
C8 NAG L . -17.00 -11.37 -19.25
N2 NAG L . -15.29 -12.92 -19.93
O3 NAG L . -15.35 -15.54 -21.15
O4 NAG L . -12.84 -16.95 -20.89
O5 NAG L . -11.83 -13.46 -21.07
O6 NAG L . -9.58 -16.06 -20.82
O7 NAG L . -15.58 -11.06 -21.15
C1 NAG L . -12.96 -17.84 -22.03
C2 NAG L . -12.66 -19.25 -21.53
C3 NAG L . -12.80 -20.27 -22.67
C4 NAG L . -14.13 -20.11 -23.39
C5 NAG L . -14.42 -18.64 -23.73
C6 NAG L . -15.82 -18.42 -24.25
C7 NAG L . -10.12 -19.17 -21.33
C8 NAG L . -9.98 -18.74 -22.76
N2 NAG L . -11.37 -19.38 -20.85
O3 NAG L . -12.70 -21.58 -22.12
O4 NAG L . -14.05 -20.82 -24.62
O5 NAG L . -14.27 -17.81 -22.58
O6 NAG L . -16.77 -18.45 -23.18
O7 NAG L . -9.14 -19.30 -20.61
C1 BMA L . -14.99 -21.93 -24.82
C2 BMA L . -14.40 -23.24 -24.19
C3 BMA L . -15.35 -24.39 -24.51
C4 BMA L . -16.78 -24.04 -24.07
C5 BMA L . -17.21 -22.71 -24.71
C6 BMA L . -18.64 -22.31 -24.39
O2 BMA L . -14.34 -23.16 -22.78
O3 BMA L . -14.91 -25.60 -23.88
O4 BMA L . -17.67 -25.08 -24.48
O5 BMA L . -16.30 -21.68 -24.28
O6 BMA L . -19.51 -23.21 -25.06
C1 MAN L . -14.70 -26.59 -24.90
C2 MAN L . -14.63 -27.99 -24.20
C3 MAN L . -13.28 -28.17 -23.49
C4 MAN L . -12.11 -27.84 -24.44
C5 MAN L . -12.27 -26.42 -24.95
C6 MAN L . -11.15 -26.00 -25.90
O2 MAN L . -14.70 -29.05 -25.16
O3 MAN L . -13.14 -29.48 -22.97
O4 MAN L . -10.88 -27.98 -23.75
O5 MAN L . -13.52 -26.30 -25.66
O6 MAN L . -11.36 -26.68 -27.13
C1 MAN L . -19.73 -22.73 -26.41
C2 MAN L . -21.25 -22.88 -26.73
C3 MAN L . -21.61 -24.34 -26.99
C4 MAN L . -20.66 -24.97 -28.02
C5 MAN L . -19.22 -24.84 -27.51
C6 MAN L . -18.20 -25.42 -28.46
O2 MAN L . -21.60 -22.17 -27.92
O3 MAN L . -22.96 -24.47 -27.43
O4 MAN L . -20.98 -26.33 -28.21
O5 MAN L . -18.91 -23.45 -27.34
O6 MAN L . -18.06 -24.52 -29.56
C1 NAG M . -0.06 -7.22 18.18
C2 NAG M . 1.07 -8.06 18.80
C3 NAG M . 2.16 -8.32 17.77
C4 NAG M . 1.57 -8.91 16.50
C5 NAG M . 0.42 -8.03 15.99
C6 NAG M . -0.29 -8.62 14.80
C7 NAG M . 2.18 -6.22 20.02
C8 NAG M . 2.67 -5.76 21.37
N2 NAG M . 1.61 -7.43 19.99
O3 NAG M . 3.12 -9.22 18.32
O4 NAG M . 2.58 -9.01 15.49
O5 NAG M . -0.56 -7.87 17.02
O6 NAG M . -1.51 -7.93 14.54
O7 NAG M . 2.30 -5.53 19.02
C1 NAG M . 2.74 -10.40 15.14
C2 NAG M . 3.66 -10.47 13.91
C3 NAG M . 3.93 -11.92 13.52
C4 NAG M . 4.41 -12.72 14.73
C5 NAG M . 3.46 -12.54 15.91
C6 NAG M . 3.94 -13.20 17.18
C7 NAG M . 2.06 -9.82 12.05
C8 NAG M . 1.11 -10.93 12.41
N2 NAG M . 3.19 -9.68 12.77
O3 NAG M . 4.92 -11.97 12.50
O4 NAG M . 4.46 -14.11 14.41
O5 NAG M . 3.30 -11.14 16.20
O6 NAG M . 5.04 -12.50 17.74
O7 NAG M . 1.82 -9.06 11.11
C1 BMA M . 5.82 -14.54 14.26
C2 BMA M . 5.87 -16.03 14.63
C3 BMA M . 7.20 -16.67 14.26
C4 BMA M . 7.62 -16.28 12.83
C5 BMA M . 7.60 -14.76 12.69
C6 BMA M . 8.00 -14.30 11.30
O2 BMA M . 4.86 -16.75 13.94
O3 BMA M . 7.12 -18.07 14.36
O4 BMA M . 8.93 -16.76 12.55
O5 BMA M . 6.28 -14.32 12.93
O6 BMA M . 7.25 -13.15 11.00
C1 MAN M . 8.26 -18.57 15.09
C2 MAN M . 8.35 -20.07 14.77
C3 MAN M . 7.17 -20.79 15.41
C4 MAN M . 7.10 -20.49 16.91
C5 MAN M . 7.00 -18.98 17.12
C6 MAN M . 7.02 -18.59 18.57
O2 MAN M . 9.50 -20.65 15.38
O3 MAN M . 7.24 -22.20 15.19
O4 MAN M . 5.97 -21.13 17.48
O5 MAN M . 8.12 -18.33 16.48
O6 MAN M . 6.02 -19.35 19.26
C1 MAN M . 10.37 -21.15 14.36
C2 MAN M . 11.34 -22.14 15.05
C3 MAN M . 12.26 -21.36 15.98
C4 MAN M . 12.98 -20.23 15.21
C5 MAN M . 11.94 -19.31 14.56
C6 MAN M . 12.56 -18.25 13.71
O2 MAN M . 12.20 -22.76 14.09
O3 MAN M . 13.21 -22.21 16.61
O4 MAN M . 13.77 -19.48 16.10
O5 MAN M . 11.07 -20.10 13.71
O6 MAN M . 13.69 -17.74 14.40
C1 MAN M . 7.52 -12.78 9.64
C2 MAN M . 7.87 -11.28 9.62
C3 MAN M . 6.63 -10.43 9.90
C4 MAN M . 5.46 -10.85 9.00
C5 MAN M . 5.20 -12.35 9.18
C6 MAN M . 4.09 -12.86 8.28
O2 MAN M . 8.33 -10.86 8.34
O3 MAN M . 6.93 -9.05 9.72
O4 MAN M . 4.29 -10.14 9.34
O5 MAN M . 6.40 -13.07 8.82
O6 MAN M . 3.63 -14.10 8.81
C1 MAN M . 6.38 -8.26 10.79
C2 MAN M . 6.63 -6.77 10.41
C3 MAN M . 8.09 -6.42 10.58
C4 MAN M . 8.57 -6.77 11.99
C5 MAN M . 8.36 -8.28 12.23
C6 MAN M . 8.74 -8.70 13.63
O2 MAN M . 5.92 -5.89 11.28
O3 MAN M . 8.35 -5.05 10.31
O4 MAN M . 9.94 -6.47 12.13
O5 MAN M . 6.96 -8.59 12.05
O6 MAN M . 8.51 -10.09 13.75
C1 NAG N . -0.96 -18.35 7.12
C2 NAG N . -0.46 -17.84 8.46
C3 NAG N . -0.51 -18.95 9.50
C4 NAG N . -1.89 -19.62 9.53
C5 NAG N . -2.35 -19.99 8.11
C6 NAG N . -3.78 -20.47 8.06
C7 NAG N . 1.97 -18.01 8.00
C8 NAG N . 3.26 -17.25 7.96
N2 NAG N . 0.89 -17.30 8.36
O3 NAG N . -0.23 -18.41 10.78
O4 NAG N . -1.79 -20.84 10.27
O5 NAG N . -2.27 -18.85 7.26
O6 NAG N . -3.85 -21.89 8.14
O7 NAG N . 1.91 -19.20 7.72
C1 NAG N . -2.59 -20.79 11.47
C2 NAG N . -2.42 -22.13 12.17
C3 NAG N . -3.20 -22.15 13.48
C4 NAG N . -2.77 -20.98 14.35
C5 NAG N . -2.95 -19.67 13.59
C6 NAG N . -2.45 -18.46 14.34
C7 NAG N . -4.02 -23.44 10.82
C8 NAG N . -4.19 -24.66 9.96
N2 NAG N . -2.80 -23.25 11.32
O3 NAG N . -2.96 -23.39 14.14
O4 NAG N . -3.53 -20.94 15.55
O5 NAG N . -2.20 -19.72 12.36
O6 NAG N . -1.05 -18.51 14.54
O7 NAG N . -4.95 -22.67 11.03
C1 BMA N . -2.74 -21.55 16.60
C2 BMA N . -2.66 -20.59 17.80
C3 BMA N . -1.88 -21.27 18.93
C4 BMA N . -2.46 -22.67 19.25
C5 BMA N . -2.53 -23.52 17.96
C6 BMA N . -3.20 -24.86 18.19
O2 BMA N . -3.94 -20.29 18.31
O3 BMA N . -1.88 -20.48 20.12
O4 BMA N . -1.63 -23.34 20.19
O5 BMA N . -3.33 -22.79 17.00
O6 BMA N . -4.52 -24.61 18.65
C1 MAN N . -1.06 -19.31 19.92
C2 MAN N . -0.19 -19.10 21.20
C3 MAN N . -1.04 -18.63 22.38
C4 MAN N . -1.96 -17.46 21.97
C5 MAN N . -2.79 -17.84 20.73
C6 MAN N . -3.67 -16.73 20.24
O2 MAN N . 0.80 -18.09 21.00
O3 MAN N . -0.24 -18.25 23.49
O4 MAN N . -2.83 -17.14 23.03
O5 MAN N . -1.88 -18.18 19.68
O6 MAN N . -4.66 -16.48 21.24
C1 MAN N . -5.11 -25.84 19.14
C2 MAN N . -6.60 -25.56 19.40
C3 MAN N . -6.74 -24.57 20.55
C4 MAN N . -5.99 -25.07 21.79
C5 MAN N . -4.52 -25.36 21.45
C6 MAN N . -3.76 -26.00 22.59
O2 MAN N . -7.28 -26.73 19.84
O3 MAN N . -8.10 -24.31 20.87
O4 MAN N . -6.04 -24.08 22.81
O5 MAN N . -4.45 -26.26 20.33
O6 MAN N . -2.47 -26.38 22.11
C1 NAG O . 18.72 -3.88 41.64
C2 NAG O . 20.14 -3.58 42.14
C3 NAG O . 20.09 -2.59 43.31
C4 NAG O . 19.28 -1.36 42.93
C5 NAG O . 17.91 -1.76 42.39
C6 NAG O . 17.12 -0.58 41.87
C7 NAG O . 22.07 -5.09 42.14
C8 NAG O . 22.75 -4.08 41.26
N2 NAG O . 20.83 -4.80 42.52
O3 NAG O . 21.42 -2.22 43.65
O4 NAG O . 19.10 -0.55 44.09
O5 NAG O . 18.07 -2.67 41.29
O6 NAG O . 17.34 -0.39 40.47
O7 NAG O . 22.63 -6.13 42.49
C1 NAG O . 19.72 0.73 43.88
C2 NAG O . 19.01 1.75 44.76
C3 NAG O . 19.66 3.12 44.59
C4 NAG O . 21.16 3.04 44.83
C5 NAG O . 21.78 1.95 43.98
C6 NAG O . 23.24 1.70 44.27
C7 NAG O . 16.69 0.99 45.02
C8 NAG O . 15.27 1.20 44.59
N2 NAG O . 17.59 1.81 44.46
O3 NAG O . 19.04 4.03 45.51
O4 NAG O . 21.77 4.28 44.49
O5 NAG O . 21.10 0.70 44.20
O6 NAG O . 23.84 2.78 44.98
O7 NAG O . 17.01 0.13 45.82
C1 BMA O . 21.93 5.18 45.61
C2 BMA O . 21.42 6.54 45.13
C3 BMA O . 21.60 7.57 46.23
C4 BMA O . 20.91 7.08 47.53
C5 BMA O . 21.38 5.65 47.91
C6 BMA O . 20.61 5.06 49.08
O2 BMA O . 20.04 6.49 44.83
O3 BMA O . 21.08 8.87 45.87
O4 BMA O . 21.19 7.97 48.61
O5 BMA O . 21.21 4.77 46.77
O6 BMA O . 19.45 5.86 49.32
C1 MAN O . 21.92 9.58 44.92
C2 MAN O . 21.09 9.68 43.59
C3 MAN O . 22.01 9.51 42.39
C4 MAN O . 23.33 10.23 42.62
C5 MAN O . 24.10 9.49 43.73
C6 MAN O . 25.16 10.34 44.39
O2 MAN O . 20.49 10.96 43.45
O3 MAN O . 21.39 9.98 41.19
O4 MAN O . 24.09 10.25 41.43
O5 MAN O . 23.21 8.97 44.77
O6 MAN O . 26.02 10.85 43.37
C1 MAN O . 18.37 5.02 49.75
C2 MAN O . 17.53 4.65 48.50
C3 MAN O . 16.75 5.86 48.00
C4 MAN O . 15.94 6.50 49.14
C5 MAN O . 16.88 6.87 50.29
C6 MAN O . 16.15 7.45 51.48
O2 MAN O . 16.54 3.66 48.82
O3 MAN O . 15.90 5.54 46.91
O4 MAN O . 15.28 7.66 48.66
O5 MAN O . 17.58 5.69 50.74
O6 MAN O . 15.26 8.45 51.02
C1 NAG P . -1.13 20.63 25.97
C2 NAG P . -0.43 21.30 27.16
C3 NAG P . -0.77 20.58 28.46
C4 NAG P . -2.28 20.39 28.62
C5 NAG P . -2.86 19.76 27.36
C6 NAG P . -4.36 19.65 27.37
C7 NAG P . 1.84 22.13 27.64
C8 NAG P . 3.29 22.00 27.32
N2 NAG P . 1.02 21.32 26.96
O3 NAG P . -0.28 21.32 29.57
O4 NAG P . -2.55 19.53 29.72
O5 NAG P . -2.52 20.56 26.22
O6 NAG P . -4.78 18.29 27.40
O7 NAG P . 1.42 22.93 28.48
C1 NAG P . -3.22 20.21 30.80
C2 NAG P . -3.98 19.15 31.61
C3 NAG P . -4.63 19.78 32.85
C4 NAG P . -3.61 20.57 33.65
C5 NAG P . -2.89 21.57 32.75
C6 NAG P . -1.79 22.32 33.46
C7 NAG P . -6.05 18.81 30.17
C8 NAG P . -6.40 20.27 30.25
N2 NAG P . -4.94 18.38 30.82
O3 NAG P . -5.19 18.74 33.65
O4 NAG P . -4.26 21.27 34.71
O5 NAG P . -2.28 20.89 31.64
O6 NAG P . -0.61 21.54 33.58
O7 NAG P . -6.75 18.03 29.55
C1 BMA P . -4.11 20.55 35.95
C2 BMA P . -3.04 21.25 36.80
C3 BMA P . -2.92 20.48 38.14
C4 BMA P . -4.29 20.29 38.83
C5 BMA P . -5.31 19.69 37.84
C6 BMA P . -6.71 19.62 38.42
O2 BMA P . -3.44 22.58 37.06
O3 BMA P . -1.85 20.96 39.04
O4 BMA P . -4.16 19.42 39.95
O5 BMA P . -5.34 20.52 36.67
O6 BMA P . -7.48 18.75 37.60
C1 MAN P . -1.98 22.26 39.70
C2 MAN P . -1.97 21.97 41.24
C3 MAN P . -2.64 23.12 41.99
C4 MAN P . -2.50 24.44 41.23
C5 MAN P . -3.27 24.34 39.90
C6 MAN P . -2.82 25.35 38.86
O2 MAN P . -0.63 21.92 41.74
O3 MAN P . -2.12 23.26 43.31
O4 MAN P . -2.99 25.51 41.99
O5 MAN P . -3.15 23.02 39.32
O6 MAN P . -3.06 24.78 37.57
C1 MAN P . -7.16 17.38 37.95
C2 MAN P . -8.25 16.47 37.30
C3 MAN P . -8.42 15.19 38.12
C4 MAN P . -7.10 14.81 38.81
C5 MAN P . -6.74 15.88 39.85
C6 MAN P . -5.27 15.88 40.24
O2 MAN P . -7.88 16.05 35.99
O3 MAN P . -8.90 14.11 37.32
O4 MAN P . -7.24 13.55 39.46
O5 MAN P . -7.09 17.21 39.35
O6 MAN P . -5.12 16.67 41.41
C03 Y4B Q . -13.58 47.35 -13.09
C04 Y4B Q . -12.00 47.47 -13.12
C05 Y4B Q . -11.52 48.74 -13.95
C06 Y4B Q . -12.12 50.05 -13.39
C07 Y4B Q . -14.19 45.96 -12.52
C08 Y4B Q . -13.58 44.82 -13.36
C09 Y4B Q . -14.08 48.62 -12.44
C10 Y4B Q . -13.65 49.89 -13.22
C11 Y4B Q . -11.41 46.18 -13.66
C12 Y4B Q . -11.51 51.16 -14.31
C13 Y4B Q . -10.02 49.21 -14.14
C14 Y4B Q . -12.06 44.87 -13.16
C15 Y4B Q . -15.76 45.86 -12.61
C16 Y4B Q . -10.02 50.76 -14.30
C17 Y4B Q . -14.22 43.44 -13.06
C18 Y4B Q . -11.57 50.26 -11.99
C19 Y4B Q . -13.85 45.77 -11.06
C20 Y4B Q . -16.38 44.45 -12.48
C21 Y4B Q . -15.71 43.42 -13.38
C22 Y4B Q . -11.72 52.58 -13.87
C23 Y4B Q . -12.82 53.46 -14.36
O01 Y4B Q . -15.88 43.85 -14.71
O02 Y4B Q . -10.97 53.13 -13.04
C1 PIO R . -17.89 50.51 -34.09
O1 PIO R . -18.02 49.65 -32.98
P1 PIO R . -18.15 48.01 -33.16
C2 PIO R . -18.66 50.05 -35.33
O2 PIO R . -17.95 49.05 -35.98
C3 PIO R . -18.75 51.25 -36.26
O3 PIO R . -19.48 50.86 -37.39
C4 PIO R . -17.34 51.69 -36.67
O4 PIO R . -17.44 52.92 -37.34
P4 PIO R . -17.91 52.98 -38.91
C5 PIO R . -16.40 51.88 -35.47
O5 PIO R . -15.09 52.04 -35.93
P5 PIO R . -14.47 53.56 -36.04
C6 PIO R . -16.45 50.67 -34.53
O6 PIO R . -15.63 50.90 -33.41
O11 PIO R . -17.08 47.52 -34.00
O12 PIO R . -17.85 47.33 -31.91
O13 PIO R . -19.63 47.57 -33.76
C1A PIO R . -22.15 46.81 -32.17
O1A PIO R . -22.40 47.70 -32.92
C1B PIO R . -21.38 42.11 -33.18
O1B PIO R . -21.21 41.53 -34.21
C1C PIO R . -19.75 46.30 -34.35
C2A PIO R . -22.81 46.75 -30.81
C2B PIO R . -21.96 41.36 -31.97
C2C PIO R . -21.07 45.66 -33.93
O2C PIO R . -21.23 45.82 -32.55
C3A PIO R . -23.53 45.41 -30.67
C3B PIO R . -21.13 40.11 -31.66
C3C PIO R . -21.03 44.17 -34.26
O3C PIO R . -21.04 43.45 -33.06
O41 PIO R . -18.08 51.68 -39.54
O42 PIO R . -19.19 53.66 -39.13
O43 PIO R . -16.99 53.69 -39.79
C4A PIO R . -23.85 45.14 -29.21
C4B PIO R . -20.29 40.35 -30.42
O51 PIO R . -14.46 54.30 -34.78
O52 PIO R . -13.08 53.62 -36.49
O53 PIO R . -15.17 54.44 -36.96
C5A PIO R . -24.37 43.71 -29.06
C5B PIO R . -20.98 39.72 -29.20
C6A PIO R . -23.20 42.77 -28.75
C6B PIO R . -20.16 38.52 -28.72
C7A PIO R . -23.37 42.18 -27.36
C7B PIO R . -20.30 38.38 -27.20
C8A PIO R . -22.67 43.07 -26.33
C8B PIO R . -19.95 36.95 -26.80
C1 D12 S . -13.36 22.34 -18.37
C2 D12 S . -14.60 22.03 -19.20
C3 D12 S . -15.39 23.29 -19.55
C4 D12 S . -16.64 23.01 -20.37
C5 D12 S . -17.49 24.26 -20.59
C6 D12 S . -17.64 24.64 -22.06
C7 D12 S . -17.76 26.15 -22.26
C8 D12 S . -18.17 26.54 -23.68
C9 D12 S . -17.86 27.99 -24.02
C10 D12 S . -19.00 28.71 -24.71
C11 D12 S . -18.65 30.12 -25.16
C12 D12 S . -19.83 30.85 -25.78
C1 D12 T . -22.49 39.08 -22.50
C2 D12 T . -22.19 37.61 -22.79
C3 D12 T . -21.96 36.79 -21.52
C4 D12 T . -21.66 35.33 -21.80
C5 D12 T . -21.77 34.45 -20.55
C6 D12 T . -21.58 32.96 -20.83
C7 D12 T . -22.12 32.07 -19.72
C8 D12 T . -23.53 31.58 -19.97
C9 D12 T . -24.28 31.24 -18.69
C10 D12 T . -24.85 32.46 -17.98
C11 D12 T . -25.74 32.11 -16.79
C12 D12 T . -26.47 33.32 -16.22
C1 OCT U . -26.91 27.68 -11.78
C2 OCT U . -27.15 26.18 -11.70
C3 OCT U . -25.98 25.38 -12.28
C4 OCT U . -26.40 24.04 -12.88
C5 OCT U . -27.14 23.14 -11.89
C6 OCT U . -27.58 21.83 -12.52
C7 OCT U . -28.43 20.97 -11.58
C8 OCT U . -28.71 19.58 -12.15
C1 OCT V . -14.73 39.32 -5.13
C2 OCT V . -15.49 38.43 -4.16
C3 OCT V . -14.59 37.39 -3.50
C4 OCT V . -15.36 36.32 -2.72
C5 OCT V . -15.31 36.53 -1.22
C6 OCT V . -15.85 35.34 -0.43
C7 OCT V . -16.23 35.66 1.01
C8 OCT V . -16.85 34.46 1.73
C1 OCT W . -22.76 39.40 -6.15
C2 OCT W . -23.17 38.67 -4.86
C3 OCT W . -22.40 37.37 -4.65
C4 OCT W . -23.27 36.17 -4.34
C5 OCT W . -23.51 35.94 -2.86
C6 OCT W . -23.51 34.46 -2.48
C7 OCT W . -24.23 34.17 -1.16
C8 OCT W . -25.73 34.34 -1.25
C1 OCT X . -19.77 41.53 -5.05
C2 OCT X . -18.39 41.14 -4.54
C3 OCT X . -18.38 40.80 -3.06
C4 OCT X . -19.15 39.53 -2.72
C5 OCT X . -18.90 39.04 -1.30
C6 OCT X . -19.48 37.66 -1.03
C7 OCT X . -20.49 37.63 0.12
C8 OCT X . -21.00 36.23 0.43
N POV Y . -19.86 27.31 8.71
P POV Y . -17.15 27.98 5.78
C1 POV Y . -18.23 30.37 5.58
C2 POV Y . -18.28 31.02 4.19
C3 POV Y . -18.61 29.99 3.09
C210 POV Y . -11.08 37.10 0.62
C310 POV Y . -19.45 35.35 -4.41
C11 POV Y . -18.77 26.13 6.76
O11 POV Y . -18.42 28.99 5.51
C211 POV Y . -10.94 37.77 -0.73
C311 POV Y . -18.39 36.11 -5.21
C12 POV Y . -19.95 26.95 7.29
O12 POV Y . -17.55 26.81 6.87
C212 POV Y . -9.83 38.81 -0.71
C312 POV Y . -18.81 36.16 -6.67
C13 POV Y . -21.20 27.52 9.22
O13 POV Y . -16.69 27.39 4.55
C213 POV Y . -8.49 38.14 -0.96
C313 POV Y . -19.41 37.52 -6.99
C14 POV Y . -19.23 26.25 9.48
O14 POV Y . -15.97 28.72 6.22
C214 POV Y . -8.39 37.71 -2.43
C314 POV Y . -18.51 38.24 -8.00
C15 POV Y . -19.10 28.54 8.87
C215 POV Y . -8.21 36.21 -2.50
C315 POV Y . -19.31 39.34 -8.70
C216 POV Y . -7.92 35.81 -3.94
C316 POV Y . -18.35 40.24 -9.47
C217 POV Y . -7.34 34.40 -3.99
C218 POV Y . -6.58 34.21 -5.30
C21 POV Y . -15.88 30.94 4.14
O21 POV Y . -17.07 31.67 3.91
C22 POV Y . -14.82 31.52 5.07
O22 POV Y . -15.69 29.90 3.63
C23 POV Y . -13.55 30.68 5.01
C24 POV Y . -12.74 31.03 3.76
C25 POV Y . -12.44 32.53 3.76
C26 POV Y . -13.00 33.16 2.48
C27 POV Y . -12.67 34.65 2.45
C28 POV Y . -11.30 34.83 1.80
C29 POV Y . -11.46 35.62 0.50
C31 POV Y . -20.96 30.15 3.03
O31 POV Y . -19.84 29.36 3.29
C32 POV Y . -21.39 30.36 1.58
O32 POV Y . -21.57 30.64 3.91
C33 POV Y . -21.14 31.81 1.18
C34 POV Y . -20.74 31.89 -0.28
C35 POV Y . -19.22 31.95 -0.41
C36 POV Y . -18.84 31.74 -1.87
C37 POV Y . -17.72 32.70 -2.25
C38 POV Y . -18.33 34.04 -2.63
C39 POV Y . -18.93 33.97 -4.04
C1 D12 Z . 0.25 14.72 -40.12
C2 D12 Z . 0.44 13.77 -38.94
C3 D12 Z . 0.58 12.31 -39.37
C4 D12 Z . 1.53 11.52 -38.48
C5 D12 Z . 1.64 10.06 -38.85
C6 D12 Z . 2.91 9.41 -38.31
C7 D12 Z . 2.81 7.90 -38.12
C8 D12 Z . 4.09 7.28 -37.57
C9 D12 Z . 3.95 5.80 -37.22
C10 D12 Z . 5.25 5.20 -36.69
C11 D12 Z . 5.18 3.70 -36.48
C12 D12 Z . 4.25 3.29 -35.35
C1 D12 AA . 4.18 25.35 -47.69
C2 D12 AA . 5.08 25.72 -48.86
C3 D12 AA . 4.93 27.18 -49.25
C4 D12 AA . 5.79 27.61 -50.44
C5 D12 AA . 5.69 29.09 -50.72
C6 D12 AA . 6.81 29.60 -51.63
C7 D12 AA . 7.09 31.09 -51.47
C8 D12 AA . 8.24 31.56 -52.35
C9 D12 AA . 8.72 32.97 -52.05
C10 D12 AA . 7.97 34.05 -52.83
C11 D12 AA . 6.74 34.59 -52.11
C12 D12 AA . 6.95 34.75 -50.62
C1 D12 BA . -5.64 28.92 -50.53
C2 D12 BA . -5.01 27.86 -49.64
C3 D12 BA . -5.84 27.59 -48.39
C4 D12 BA . -5.15 26.70 -47.36
C5 D12 BA . -5.80 26.78 -46.00
C6 D12 BA . -4.91 26.21 -44.89
C7 D12 BA . -3.49 26.75 -44.95
C8 D12 BA . -2.56 26.03 -43.98
C9 D12 BA . -1.09 26.39 -44.20
C10 D12 BA . -0.15 25.59 -43.31
C11 D12 BA . 1.31 25.75 -43.70
C12 D12 BA . 2.21 24.73 -43.01
C1 D12 CA . -19.53 9.58 -26.48
C2 D12 CA . -18.76 10.90 -26.33
C3 D12 CA . -19.01 11.86 -27.48
C4 D12 CA . -18.22 13.16 -27.37
C5 D12 CA . -18.22 13.95 -28.68
C6 D12 CA . -17.44 15.25 -28.62
C7 D12 CA . -17.42 15.98 -29.95
C8 D12 CA . -16.75 17.35 -29.93
C9 D12 CA . -16.74 18.00 -31.31
C10 D12 CA . -16.19 19.42 -31.32
C11 D12 CA . -16.10 20.01 -32.72
C12 D12 CA . -15.68 21.47 -32.74
C1 D12 DA . -20.07 19.31 -35.79
C2 D12 DA . -19.77 17.84 -35.57
C3 D12 DA . -18.52 17.61 -34.73
C4 D12 DA . -18.31 16.14 -34.34
C5 D12 DA . -19.49 15.55 -33.59
C6 D12 DA . -19.11 14.34 -32.73
C7 D12 DA . -19.82 13.06 -33.13
C8 D12 DA . -19.90 12.05 -31.99
C9 D12 DA . -20.40 10.68 -32.42
C10 D12 DA . -20.56 9.72 -31.24
C11 D12 DA . -20.84 8.27 -31.66
C12 D12 DA . -22.32 7.93 -31.63
C1 D12 EA . -5.11 15.87 -38.59
C2 D12 EA . -4.95 14.38 -38.34
C3 D12 EA . -4.11 14.09 -37.10
C4 D12 EA . -3.69 12.63 -36.99
C5 D12 EA . -2.78 12.36 -35.79
C6 D12 EA . -2.12 10.99 -35.83
C7 D12 EA . -1.02 10.83 -34.77
C8 D12 EA . -0.08 9.66 -35.05
C9 D12 EA . -0.71 8.30 -34.79
C10 D12 EA . 0.30 7.15 -34.85
C11 D12 EA . -0.31 5.79 -34.55
C12 D12 EA . 0.70 4.66 -34.61
C1 D12 FA . -14.36 29.59 -34.21
C2 D12 FA . -13.42 30.10 -33.13
C3 D12 FA . -13.88 31.40 -32.51
C4 D12 FA . -13.80 32.59 -33.45
C5 D12 FA . -14.30 33.90 -32.84
C6 D12 FA . -14.16 35.10 -33.76
C7 D12 FA . -15.50 35.62 -34.27
C8 D12 FA . -15.39 36.94 -35.02
C9 D12 FA . -16.73 37.61 -35.24
C10 D12 FA . -16.63 38.92 -36.03
C11 D12 FA . -16.77 38.72 -37.54
C12 D12 FA . -18.18 38.99 -38.05
N POV GA . -14.99 38.92 -49.54
P POV GA . -14.98 38.79 -44.81
C1 POV GA . -16.94 37.68 -43.42
C2 POV GA . -17.33 36.43 -42.60
C3 POV GA . -17.12 36.68 -41.11
C210 POV GA . -17.75 26.50 -39.10
C310 POV GA . -18.42 29.74 -30.62
C11 POV GA . -15.42 38.01 -47.29
O11 POV GA . -15.71 37.51 -44.07
C211 POV GA . -18.20 25.33 -39.96
C311 POV GA . -17.35 28.81 -30.09
C12 POV GA . -15.62 39.18 -48.26
O12 POV GA . -14.48 38.38 -46.32
C212 POV GA . -17.76 24.02 -39.31
C312 POV GA . -17.68 28.38 -28.66
C13 POV GA . -15.03 40.11 -50.36
O13 POV GA . -15.85 39.96 -44.83
C213 POV GA . -19.00 23.22 -38.91
C313 POV GA . -17.12 26.98 -28.41
C14 POV GA . -13.60 38.52 -49.38
O14 POV GA . -13.86 39.28 -44.02
C214 POV GA . -18.58 21.82 -38.46
C314 POV GA . -18.19 26.09 -27.77
C15 POV GA . -15.71 37.85 -50.23
C215 POV GA . -19.42 20.77 -39.18
C315 POV GA . -17.57 24.77 -27.31
C216 POV GA . -18.92 20.62 -40.61
C316 POV GA . -17.92 23.67 -28.31
C217 POV GA . -20.08 20.84 -41.58
C218 POV GA . -19.60 20.68 -43.01
C21 POV GA . -15.38 34.94 -42.81
O21 POV GA . -16.72 35.26 -43.10
C22 POV GA . -14.87 33.54 -43.15
O22 POV GA . -14.61 35.72 -42.36
C23 POV GA . -15.30 32.56 -42.07
C24 POV GA . -16.70 32.05 -42.35
C25 POV GA . -16.89 30.72 -41.61
C26 POV GA . -16.79 30.95 -40.11
C27 POV GA . -17.52 29.84 -39.37
C28 POV GA . -16.52 28.73 -39.01
C29 POV GA . -16.84 27.49 -39.83
C31 POV GA . -18.38 35.41 -39.59
O31 POV GA . -17.22 35.49 -40.37
C32 POV GA . -18.31 34.93 -38.15
O32 POV GA . -19.42 35.73 -40.06
C33 POV GA . -19.26 33.75 -37.93
C34 POV GA . -18.55 32.65 -37.14
C35 POV GA . -18.23 33.13 -35.72
C36 POV GA . -18.57 32.02 -34.73
C37 POV GA . -18.04 32.39 -33.34
C38 POV GA . -18.78 31.58 -32.27
C39 POV GA . -17.79 30.96 -31.29
N ABU HA . -1.22 -25.75 -8.71
CD ABU HA . -0.04 -24.91 -8.66
CB ABU HA . 1.18 -25.72 -8.24
CG ABU HA . 1.68 -26.53 -9.44
C ABU HA . 3.19 -26.39 -9.65
O ABU HA . 3.75 -27.07 -10.56
OXT ABU HA . 3.86 -25.60 -8.94
C13 R5R IA . 25.52 -18.05 2.82
C15 R5R IA . 26.67 -16.85 4.53
C17 R5R IA . 25.08 -16.99 0.61
C22 R5R IA . 29.73 -13.15 0.28
C01 R5R IA . 30.56 -12.02 9.47
C02 R5R IA . 29.81 -12.85 8.43
C03 R5R IA . 30.43 -13.21 7.26
C04 R5R IA . 29.75 -13.97 6.32
C05 R5R IA . 28.45 -14.36 6.56
C06 R5R IA . 27.83 -14.00 7.74
C07 R5R IA . 28.50 -13.25 8.68
C08 R5R IA . 27.71 -15.20 5.53
C09 R5R IA . 27.35 -14.83 4.23
C11 R5R IA . 26.27 -15.84 2.50
C12 R5R IA . 25.64 -16.96 2.03
C14 R5R IA . 26.03 -18.00 4.07
C18 R5R IA . 27.60 -13.49 3.54
C19 R5R IA . 28.75 -13.58 2.56
C23 R5R IA . 27.38 -12.44 0.79
N10 R5R IA . 26.77 -15.82 3.75
N16 R5R IA . 27.25 -16.51 5.70
N21 R5R IA . 28.62 -13.06 1.21
O20 R5R IA . 29.77 -14.09 2.89
C1 PIO JA . 23.29 42.63 -42.56
O1 PIO JA . 23.31 41.85 -41.40
P1 PIO JA . 23.04 40.23 -41.51
C2 PIO JA . 24.64 43.30 -42.74
O2 PIO JA . 24.88 44.12 -41.62
C3 PIO JA . 24.63 44.16 -44.00
O3 PIO JA . 25.89 44.75 -44.16
C4 PIO JA . 23.57 45.25 -43.85
O4 PIO JA . 23.55 46.02 -45.01
P4 PIO JA . 24.40 47.44 -45.04
C5 PIO JA . 22.19 44.62 -43.64
O5 PIO JA . 21.27 45.64 -43.42
P5 PIO JA . 19.95 45.74 -44.39
C6 PIO JA . 22.19 43.68 -42.44
O6 PIO JA . 20.95 43.04 -42.36
O11 PIO JA . 22.21 39.76 -40.40
O12 PIO JA . 22.18 39.93 -42.64
O13 PIO JA . 24.46 39.38 -41.58
C1A PIO JA . 26.50 37.53 -42.70
O1A PIO JA . 26.15 37.93 -43.76
C1B PIO JA . 27.06 37.26 -37.92
O1B PIO JA . 26.57 37.94 -37.08
C1C PIO JA . 25.67 40.07 -41.66
C2A PIO JA . 26.01 36.17 -42.23
C2B PIO JA . 27.35 35.79 -37.64
C2C PIO JA . 26.80 39.26 -41.01
O2C PIO JA . 27.36 38.30 -41.89
C3A PIO JA . 27.22 35.28 -41.89
C3B PIO JA . 28.39 35.66 -36.54
C3C PIO JA . 26.33 38.59 -39.72
O3C PIO JA . 27.36 37.83 -39.17
O41 PIO JA . 23.80 48.49 -45.85
O42 PIO JA . 24.58 48.05 -43.72
O43 PIO JA . 25.75 47.31 -45.56
C4A PIO JA . 26.78 33.82 -41.87
C4B PIO JA . 27.85 34.79 -35.41
O51 PIO JA . 19.04 44.61 -44.28
O52 PIO JA . 19.12 46.92 -44.15
O53 PIO JA . 20.27 45.81 -45.81
C5A PIO JA . 25.86 33.57 -40.68
C5B PIO JA . 28.69 34.95 -34.15
C6A PIO JA . 25.62 32.07 -40.53
C6B PIO JA . 27.89 35.67 -33.06
C7A PIO JA . 25.80 31.66 -39.08
C7B PIO JA . 28.47 35.34 -31.69
C8A PIO JA . 25.10 30.33 -38.84
C8B PIO JA . 27.89 34.02 -31.19
C03 Y4B KA . 9.54 25.11 -42.28
C04 Y4B KA . 8.26 25.78 -41.63
C05 Y4B KA . 7.86 27.15 -42.36
C06 Y4B KA . 7.62 26.95 -43.88
C07 Y4B KA . 10.21 23.88 -41.45
C08 Y4B KA . 10.57 24.41 -40.03
C09 Y4B KA . 9.18 24.85 -43.72
C10 Y4B KA . 8.79 26.14 -44.50
C11 Y4B KA . 8.51 26.00 -40.13
C12 Y4B KA . 7.26 28.40 -44.37
C13 Y4B KA . 6.61 28.04 -42.02
C14 Y4B KA . 9.23 24.85 -39.38
C15 Y4B KA . 11.51 23.28 -42.08
C16 Y4B KA . 6.23 28.82 -43.30
C17 Y4B KA . 11.38 23.41 -39.17
C18 Y4B KA . 6.39 26.09 -44.08
C19 Y4B KA . 9.24 22.72 -41.35
C20 Y4B KA . 12.33 22.32 -41.20
C21 Y4B KA . 12.68 22.94 -39.83
C22 Y4B KA . 6.69 28.53 -45.76
C23 Y4B KA . 7.49 28.77 -46.98
O01 Y4B KA . 13.53 24.02 -40.07
O02 Y4B KA . 5.47 28.46 -45.96
C1 OCT LA . 8.27 6.49 -34.77
C2 OCT LA . 7.85 7.92 -34.47
C3 OCT LA . 8.13 8.88 -35.62
C4 OCT LA . 7.63 10.29 -35.37
C5 OCT LA . 8.64 11.37 -35.76
C6 OCT LA . 8.00 12.72 -36.05
C7 OCT LA . 9.01 13.78 -36.45
C8 OCT LA . 8.37 15.02 -37.08
C1 OCT MA . 14.95 12.40 -40.55
C2 OCT MA . 15.89 11.38 -39.92
C3 OCT MA . 15.23 10.58 -38.81
C4 OCT MA . 16.02 9.35 -38.38
C5 OCT MA . 15.12 8.15 -38.06
C6 OCT MA . 15.84 7.01 -37.35
C7 OCT MA . 16.88 6.30 -38.21
C8 OCT MA . 17.24 4.92 -37.66
C1 OCT NA . 10.46 6.99 -37.79
C2 OCT NA . 11.63 6.72 -38.73
C3 OCT NA . 11.62 7.61 -39.96
C4 OCT NA . 11.94 9.06 -39.64
C5 OCT NA . 10.82 10.03 -39.99
C6 OCT NA . 11.22 11.49 -39.81
C7 OCT NA . 10.12 12.47 -40.18
C8 OCT NA . 10.64 13.90 -40.31
C1 D12 OA . 19.57 19.71 -18.40
C2 D12 OA . 20.61 19.14 -19.37
C3 D12 OA . 21.43 20.24 -20.04
C4 D12 OA . 22.88 19.84 -20.29
C5 D12 OA . 23.74 20.98 -20.83
C6 D12 OA . 23.27 21.50 -22.18
C7 D12 OA . 24.31 22.37 -22.88
C8 D12 OA . 23.81 22.94 -24.21
C9 D12 OA . 23.42 24.41 -24.12
C10 D12 OA . 24.58 25.36 -24.33
C11 D12 OA . 25.16 25.32 -25.75
C12 D12 OA . 24.89 26.58 -26.54
C1 D12 PA . 23.74 25.68 -36.61
C2 D12 PA . 24.48 25.41 -35.31
C3 D12 PA . 23.76 24.43 -34.40
C4 D12 PA . 24.50 24.17 -33.09
C5 D12 PA . 23.74 23.24 -32.15
C6 D12 PA . 24.09 21.77 -32.32
C7 D12 PA . 25.28 21.32 -31.47
C8 D12 PA . 25.78 19.92 -31.82
C9 D12 PA . 26.44 19.85 -33.19
C10 D12 PA . 25.77 18.86 -34.14
C11 D12 PA . 25.98 17.41 -33.77
C12 D12 PA . 25.81 16.47 -34.95
C1 OCT QA . 24.19 35.51 -26.83
C2 OCT QA . 24.64 36.72 -27.63
C3 OCT QA . 25.06 36.37 -29.06
C4 OCT QA . 25.80 37.49 -29.77
C5 OCT QA . 24.94 38.73 -30.01
C6 OCT QA . 25.72 39.87 -30.66
C7 OCT QA . 26.32 39.51 -32.01
C8 OCT QA . 27.84 39.58 -32.03
N POV RA . 13.57 30.81 -54.72
P POV RA . 13.53 31.83 -50.75
C1 POV RA . 14.71 29.67 -49.96
C2 POV RA . 14.19 28.59 -49.02
C3 POV RA . 15.29 27.54 -48.83
C210 POV RA . 8.29 20.95 -45.76
C310 POV RA . 14.71 18.10 -43.14
C11 POV RA . 14.27 32.66 -53.16
O11 POV RA . 14.23 30.91 -49.56
C211 POV RA . 6.94 20.64 -45.12
C311 POV RA . 15.07 16.61 -43.01
C12 POV RA . 13.15 31.98 -53.95
O12 POV RA . 14.58 31.91 -52.02
C212 POV RA . 6.34 21.93 -44.55
C312 POV RA . 15.96 16.42 -41.79
C13 POV RA . 12.53 30.50 -55.67
O13 POV RA . 12.24 31.26 -51.12
C213 POV RA . 5.21 21.56 -43.60
C313 POV RA . 17.41 16.31 -42.24
C14 POV RA . 14.81 31.10 -55.42
O14 POV RA . 13.19 33.16 -50.28
C214 POV RA . 5.72 21.69 -42.17
C314 POV RA . 17.64 14.93 -42.87
C15 POV RA . 13.77 29.66 -53.86
C215 POV RA . 5.70 20.31 -41.50
C315 POV RA . 19.05 14.90 -43.48
C216 POV RA . 6.37 20.42 -40.13
C316 POV RA . 19.57 13.46 -43.49
C217 POV RA . 7.18 19.17 -39.86
C218 POV RA . 7.04 18.78 -38.39
C21 POV RA . 11.87 28.68 -49.51
O21 POV RA . 13.07 27.96 -49.59
C22 POV RA . 10.73 28.39 -50.49
O22 POV RA . 11.73 29.51 -48.67
C23 POV RA . 10.12 27.01 -50.22
C24 POV RA . 9.88 26.83 -48.73
C25 POV RA . 9.40 25.40 -48.42
C26 POV RA . 10.61 24.48 -48.21
C27 POV RA . 10.33 23.49 -47.06
C28 POV RA . 9.43 22.37 -47.56
C29 POV RA . 8.23 22.22 -46.62
C31 POV RA . 14.64 25.85 -47.38
O31 POV RA . 15.29 27.08 -47.52
C32 POV RA . 15.00 24.90 -46.23
O32 POV RA . 13.79 25.54 -48.13
C33 POV RA . 13.75 24.14 -45.79
C34 POV RA . 14.12 22.89 -45.00
C35 POV RA . 15.13 22.03 -45.76
C36 POV RA . 16.36 21.81 -44.87
C37 POV RA . 16.96 20.43 -45.12
C38 POV RA . 16.60 19.50 -43.97
C39 POV RA . 15.41 18.63 -44.38
N POV SA . 7.29 -2.60 -32.10
P POV SA . 8.87 -0.59 -28.95
C1 POV SA . 9.70 1.01 -30.86
C2 POV SA . 9.24 1.57 -32.20
C3 POV SA . 10.39 1.53 -33.20
C210 POV SA . 3.58 10.63 -34.57
C310 POV SA . 13.83 12.45 -35.99
C11 POV SA . 9.32 -2.61 -30.61
O11 POV SA . 8.62 0.48 -30.18
C211 POV SA . 3.94 12.11 -34.64
C311 POV SA . 13.45 13.46 -37.07
C12 POV SA . 8.65 -2.13 -31.90
O12 POV SA . 8.66 -2.15 -29.45
C212 POV SA . 2.66 12.92 -34.90
C312 POV SA . 13.49 14.87 -36.51
C13 POV SA . 7.00 -2.59 -33.52
O13 POV SA . 10.19 -0.41 -28.35
C213 POV SA . 2.92 14.38 -34.60
C313 POV SA . 13.12 15.86 -37.62
C14 POV SA . 7.13 -3.95 -31.60
O14 POV SA . 7.96 -0.29 -27.84
C214 POV SA . 2.25 14.75 -33.29
C314 POV SA . 14.39 16.27 -38.38
C15 POV SA . 6.36 -1.72 -31.43
C215 POV SA . 3.28 15.34 -32.33
C315 POV SA . 14.40 17.80 -38.52
C216 POV SA . 2.80 15.16 -30.90
C316 POV SA . 13.29 18.22 -39.50
C217 POV SA . 3.99 15.24 -29.95
C218 POV SA . 3.53 15.82 -28.61
C21 POV SA . 7.52 3.01 -31.48
O21 POV SA . 8.80 2.88 -32.05
C22 POV SA . 7.10 4.36 -30.91
O22 POV SA . 6.78 2.09 -31.46
C23 POV SA . 5.81 4.21 -30.09
C24 POV SA . 4.61 4.22 -31.03
C25 POV SA . 3.97 5.61 -31.03
C26 POV SA . 4.52 6.40 -32.23
C27 POV SA . 3.68 7.66 -32.47
C28 POV SA . 4.23 8.34 -33.73
C29 POV SA . 4.37 9.85 -33.53
C31 POV SA . 11.72 3.46 -32.98
O31 POV SA . 11.54 2.12 -32.64
C32 POV SA . 12.97 4.22 -32.53
O32 POV SA . 10.90 4.03 -33.63
C33 POV SA . 13.56 4.98 -33.72
C34 POV SA . 13.50 6.48 -33.41
C35 POV SA . 12.09 6.99 -33.67
C36 POV SA . 12.08 8.52 -33.53
C37 POV SA . 12.67 9.16 -34.79
C38 POV SA . 12.68 10.67 -34.65
C39 POV SA . 12.83 11.29 -36.04
C1 NAG TA . 34.63 -35.96 26.80
C2 NAG TA . 35.07 -35.25 28.09
C3 NAG TA . 36.60 -35.27 28.20
C4 NAG TA . 37.12 -36.69 28.09
C5 NAG TA . 36.60 -37.34 26.81
C6 NAG TA . 37.00 -38.79 26.67
C7 NAG TA . 33.57 -33.49 28.90
C8 NAG TA . 32.95 -34.54 29.77
N2 NAG TA . 34.58 -33.88 28.11
O3 NAG TA . 36.98 -34.71 29.45
O4 NAG TA . 38.54 -36.69 28.06
O5 NAG TA . 35.17 -37.29 26.78
O6 NAG TA . 36.02 -39.66 27.22
O7 NAG TA . 33.17 -32.32 28.90
C1 OCT UA . 30.34 45.85 -25.53
C2 OCT UA . 30.33 44.64 -24.60
C3 OCT UA . 30.72 43.36 -25.33
C4 OCT UA . 30.58 42.11 -24.46
C5 OCT UA . 31.75 41.14 -24.64
C6 OCT UA . 31.42 39.72 -24.17
C7 OCT UA . 31.11 39.61 -22.69
C8 OCT UA . 30.70 38.21 -22.27
C1 OCT VA . 28.69 36.04 -26.26
C2 OCT VA . 29.87 36.81 -26.82
C3 OCT VA . 29.54 37.56 -28.11
C4 OCT VA . 29.27 39.04 -27.91
C5 OCT VA . 30.53 39.89 -27.96
C6 OCT VA . 30.60 40.79 -29.20
C7 OCT VA . 29.67 42.00 -29.11
C8 OCT VA . 30.43 43.31 -29.02
C1 OCT WA . 15.91 34.02 4.24
C2 OCT WA . 16.65 33.96 5.58
C3 OCT WA . 17.42 32.67 5.76
C4 OCT WA . 16.54 31.49 6.19
C5 OCT WA . 16.38 31.39 7.70
C6 OCT WA . 17.56 30.74 8.40
C7 OCT WA . 17.28 30.39 9.86
C8 OCT WA . 18.47 29.75 10.55
C1 D12 XA . 22.29 33.63 2.26
C2 D12 XA . 20.82 33.98 2.12
C3 D12 XA . 20.24 33.55 0.78
C4 D12 XA . 18.73 33.79 0.66
C5 D12 XA . 18.37 35.27 0.62
C6 D12 XA . 16.91 35.52 0.27
C7 D12 XA . 16.57 35.19 -1.18
C8 D12 XA . 15.61 34.01 -1.33
C9 D12 XA . 15.05 33.86 -2.73
C10 D12 XA . 14.01 32.75 -2.83
C11 D12 XA . 14.56 31.37 -2.52
C12 D12 XA . 13.55 30.25 -2.81
C1 D12 YA . 38.96 22.79 -5.48
C2 D12 YA . 37.68 22.15 -6.01
C3 D12 YA . 37.56 22.24 -7.53
C4 D12 YA . 37.14 23.62 -8.01
C5 D12 YA . 37.50 23.86 -9.48
C6 D12 YA . 36.91 25.15 -10.05
C7 D12 YA . 35.57 24.93 -10.76
C8 D12 YA . 35.06 26.18 -11.46
C9 D12 YA . 33.75 25.97 -12.21
C10 D12 YA . 33.13 27.26 -12.73
C11 D12 YA . 33.98 27.94 -13.80
C12 D12 YA . 33.45 29.32 -14.17
C1 OCT ZA . 29.56 30.63 -16.79
C2 OCT ZA . 30.20 29.58 -15.89
C3 OCT ZA . 29.41 28.28 -15.83
C4 OCT ZA . 30.07 27.21 -14.98
C5 OCT ZA . 29.15 26.01 -14.71
C6 OCT ZA . 28.51 26.04 -13.33
C7 OCT ZA . 27.63 24.85 -13.05
C8 OCT ZA . 28.38 23.53 -13.01
N ABU AB . -10.08 2.29 29.69
CD ABU AB . -10.86 2.43 28.49
CB ABU AB . -12.19 1.70 28.65
CG ABU AB . -12.70 1.27 27.28
C ABU AB . -14.22 1.11 27.33
O ABU AB . -14.72 -0.01 27.61
OXT ABU AB . -14.97 2.09 27.09
C1 D12 BB . -4.40 45.71 1.15
C2 D12 BB . -4.08 44.65 2.19
C3 D12 BB . -5.12 43.54 2.24
C4 D12 BB . -4.86 42.52 3.34
C5 D12 BB . -6.12 41.80 3.81
C6 D12 BB . -6.47 40.56 2.99
C7 D12 BB . -6.83 39.37 3.87
C8 D12 BB . -7.53 38.24 3.12
C9 D12 BB . -8.09 37.17 4.05
C10 D12 BB . -9.19 37.68 4.96
C11 D12 BB . -9.46 36.77 6.15
C12 D12 BB . -10.86 36.15 6.12
C1 OCT CB . -12.46 39.60 4.19
C2 OCT CB . -11.59 40.82 3.91
C3 OCT CB . -11.26 40.99 2.43
C4 OCT CB . -10.40 42.21 2.14
C5 OCT CB . -10.31 42.55 0.66
C6 OCT CB . -9.43 43.75 0.37
C7 OCT CB . -9.82 44.50 -0.89
C8 OCT CB . -9.88 43.60 -2.12
C1 D12 DB . -3.92 44.01 7.20
C2 D12 DB . -3.17 42.76 7.64
C3 D12 DB . -3.82 42.08 8.84
C4 D12 DB . -2.91 41.05 9.50
C5 D12 DB . -3.65 40.09 10.42
C6 D12 DB . -4.51 40.80 11.45
C7 D12 DB . -5.96 40.31 11.46
C8 D12 DB . -6.11 38.89 12.00
C9 D12 DB . -7.41 38.22 11.57
C10 D12 DB . -7.66 36.91 12.30
C11 D12 DB . -8.84 36.12 11.73
C12 D12 DB . -8.58 35.62 10.31
C1 OCT EB . 10.42 55.78 -5.17
C2 OCT EB . 10.22 55.64 -3.67
C3 OCT EB . 9.88 54.22 -3.25
C4 OCT EB . 10.91 53.19 -3.68
C5 OCT EB . 10.74 51.85 -2.98
C6 OCT EB . 10.99 50.66 -3.88
C7 OCT EB . 10.81 49.31 -3.18
C8 OCT EB . 12.12 48.56 -3.01
C1 OCT FB . 10.71 48.05 -6.67
C2 OCT FB . 11.17 47.14 -7.80
C3 OCT FB . 12.32 47.72 -8.59
C4 OCT FB . 11.99 49.07 -9.24
C5 OCT FB . 13.14 49.62 -10.08
C6 OCT FB . 12.66 50.53 -11.20
C7 OCT FB . 13.77 51.33 -11.86
C8 OCT FB . 14.35 52.40 -10.95
C1 OCT GB . 15.17 37.99 5.76
C2 OCT GB . 14.36 37.51 6.97
C3 OCT GB . 15.20 36.71 7.95
C4 OCT GB . 14.35 35.91 8.94
C5 OCT GB . 15.18 35.21 10.01
C6 OCT GB . 14.39 34.12 10.75
C7 OCT GB . 14.99 33.74 12.10
C8 OCT GB . 14.42 32.45 12.65
C1 D12 HB . 9.93 36.75 12.00
C2 D12 HB . 10.77 37.09 10.78
C3 D12 HB . 10.07 38.08 9.86
C4 D12 HB . 10.90 38.42 8.62
C5 D12 HB . 10.17 39.34 7.64
C6 D12 HB . 10.79 39.32 6.25
C7 D12 HB . 9.87 39.89 5.18
C8 D12 HB . 9.79 41.42 5.20
C9 D12 HB . 9.76 42.01 3.80
C10 D12 HB . 9.42 43.50 3.76
C11 D12 HB . 9.39 44.07 2.35
C12 D12 HB . 8.84 45.49 2.29
C1 OCT IB . -11.67 53.66 -9.06
C2 OCT IB . -12.76 53.53 -10.11
C3 OCT IB . -13.68 54.75 -10.16
C4 OCT IB . -12.97 56.05 -10.51
C5 OCT IB . -12.27 55.99 -11.87
C6 OCT IB . -11.71 57.34 -12.32
C7 OCT IB . -12.79 58.36 -12.68
C8 OCT IB . -13.76 57.85 -13.74
N POV JB . -18.06 58.62 -21.10
P POV JB . -20.60 55.91 -19.05
C1 POV JB . -18.74 54.12 -19.48
C2 POV JB . -17.77 53.30 -18.61
C3 POV JB . -18.44 52.36 -17.60
C210 POV JB . -16.83 48.64 -9.11
C310 POV JB . -21.83 44.86 -11.31
C11 POV JB . -19.69 58.38 -19.21
O11 POV JB . -19.92 54.43 -18.80
C211 POV JB . -15.63 49.41 -8.54
C311 POV JB . -22.57 43.57 -10.96
C12 POV JB . -19.46 58.52 -20.72
O12 POV JB . -19.46 57.07 -18.79
C212 POV JB . -14.35 48.61 -8.80
C312 POV JB . -21.82 42.87 -9.83
C13 POV JB . -17.42 57.31 -21.04
O13 POV JB . -21.75 56.10 -18.16
C213 POV JB . -13.26 49.12 -7.88
C313 POV JB . -22.75 41.86 -9.14
C14 POV JB . -18.00 59.10 -22.48
O14 POV JB . -21.20 55.99 -20.37
C214 POV JB . -11.99 48.30 -8.07
C314 POV JB . -23.62 42.59 -8.11
C15 POV JB . -17.36 59.55 -20.24
C215 POV JB . -11.67 47.51 -6.81
C315 POV JB . -25.11 42.50 -8.46
C216 POV JB . -12.37 46.16 -6.87
C316 POV JB . -25.40 41.29 -9.34
C217 POV JB . -11.65 45.27 -7.87
C218 POV JB . -12.47 43.99 -8.10
C21 POV JB . -17.05 54.76 -16.82
O21 POV JB . -16.77 54.11 -18.02
C22 POV JB . -16.06 54.70 -15.66
O22 POV JB . -18.03 55.40 -16.69
C23 POV JB . -16.73 55.25 -14.39
C24 POV JB . -17.34 54.08 -13.62
C25 POV JB . -16.24 53.05 -13.34
C26 POV JB . -16.30 52.62 -11.87
C27 POV JB . -16.68 51.14 -11.77
C28 POV JB . -17.20 50.87 -10.35
C29 POV JB . -17.58 49.39 -10.23
C31 POV JB . -19.82 52.14 -15.71
O31 POV JB . -19.40 52.96 -16.76
C32 POV JB . -20.19 50.68 -15.98
O32 POV JB . -19.89 52.57 -14.62
C33 POV JB . -19.14 49.75 -15.38
C34 POV JB . -19.47 49.45 -13.93
C35 POV JB . -18.62 48.27 -13.45
C36 POV JB . -19.42 46.97 -13.60
C37 POV JB . -20.86 47.21 -13.17
C38 POV JB . -21.71 46.00 -13.53
C39 POV JB . -22.62 45.65 -12.36
C1 D12 KB . -8.26 51.20 -9.60
C2 D12 KB . -7.04 50.96 -8.73
C3 D12 KB . -6.16 52.19 -8.62
C4 D12 KB . -5.20 52.14 -7.43
C5 D12 KB . -4.32 53.38 -7.34
C6 D12 KB . -3.66 53.55 -5.98
C7 D12 KB . -2.48 54.51 -6.00
C8 D12 KB . -2.85 55.95 -5.62
C9 D12 KB . -3.45 56.75 -6.76
C10 D12 KB . -3.56 58.23 -6.46
C11 D12 KB . -4.30 59.01 -7.54
C12 D12 KB . -4.02 60.51 -7.48
#